data_9DBM
#
_entry.id   9DBM
#
_cell.length_a   1.00
_cell.length_b   1.00
_cell.length_c   1.00
_cell.angle_alpha   90.00
_cell.angle_beta   90.00
_cell.angle_gamma   90.00
#
_symmetry.space_group_name_H-M   'P 1'
#
loop_
_entity.id
_entity.type
_entity.pdbx_description
1 polymer 'Sodium channel protein type 10 subunit alpha'
2 branched beta-D-mannopyranose-(1-4)-2-acetamido-2-deoxy-beta-D-glucopyranose-(1-4)-2-acetamido-2-deoxy-beta-D-glucopyranose
3 non-polymer CHOLESTEROL
4 non-polymer 1,2-DIOLEOYL-SN-GLYCERO-3-PHOSPHOCHOLINE
5 non-polymer 1-O-OCTADECYL-SN-GLYCERO-3-PHOSPHOCHOLINE
6 non-polymer O-[(R)-{[(2R)-2,3-bis(octadecanoyloxy)propyl]oxy}(hydroxy)phosphoryl]-L-serine
#
_entity_poly.entity_id   1
_entity_poly.type   'polypeptide(L)'
_entity_poly.pdbx_seq_one_letter_code
;DYKDDDDKSAWSHPQFEKGGGSGGGSGGSAWSHPQFEKENLYFQSMEFPIGSLETNNFRRFTPESLVEIEKQIAAKQGTK
KAREKHREQKDQEEKPRPQLDLKACNQLPKFYGELPAELIGEPLEDLDPFYSTHRTFMVLNKGRTISRFSATRALWLFSP
FNLIRRTAIKVSVHSWFSLFITVTILVNCVCMTRTDLPEKIEYVFTVIYTFEALIKILARGFCLNEFTYLRDPWNWLDFS
VITLAYVGTAIDLRGISGLRTFRVLRALKTVSVIPGLKVIVGALIHSVKKLADVTILTIFCLSVFALVGLQLFKGNLKNK
CVKNDMAVNETTNYSSHRKPDIYINKRGTSDPLLCGNGSDSGHCPDGYICLKTSDNPDFNYTSFDSFAWAFLSLFRLMTQ
DSWERLYQQTLRTSGKIYMIFFVLVIFLGSFYLVNLILAVVTMAYEEQNQATTDEIEAKEKKFQEALEMLRKEQEVLAAL
GIDTTSLHSHNGSPLTSKNASERRHRIKPRVSEGSTEDNKSPRSDPYNQRRMSFLGLASGKRRASHGSVFHFRSPGRDIS
LPEGVTDDGVFPGDHESHRGSLLLGGGAGQQGPLPRSPLPQPSNPDSRHGEDEHQPPPTSELAPGAVDVSAFDAGQKKTF
LSAEYLDEPFRAQRAMSVVSIITSVLEELEESEQKCPPCLTSLSQKYLIWDCCPMWVKLKTILFGLVTDPFAELTITLCI
VVNTIFMAMEHHGMSPTFEAMLQIGNIVFTIFFTAEMVFKIIAFDPYYYFQKKWNIFDCIIVTVSLLELGVAKKGSLSVL
RSFRLLRVFKLAKSWPTLNTLIKIIGNSVGALGNLTIILAIIVFVFALVGKQLLGENYRNNRKNISAPHEDWPRWHMHDF
FHSFLIVFRILCGEWIENMWACMEVGQKSICLILFLTVMVLGNLVVLNLFIALLLNSFSADNLTAPEDDGEVNNLQVALA
RIQVFGHRTKQALCSFFSRSCPFPQPKAEPELVVKLPLSSSKAENHIAANTARGSSGGLQAPRGPRDEHSDFIANPTVWV
SVPIAEGESDLDDLEDDGGEDAQSFQQEVIPKGQQEQLQQVERCGDHLTPRSPGTGTSSEDLAPSLGETWKDESVPQVPA
EGVDDTSSSEGSTVDCLDPEEILRKIPELADDLEEPDDCFTEGCIRHCPCCKLDTTKSPWDVGWQVRKTCYRIVEHSWFE
SFIIFMILLSSGSLAFEDYYLDQKPTVKALLEYTDRVFTFIFVFEMLLKWVAYGFKKYFTNAWCWLDFLIVNISLISLTA
KILEYSEVAPIKALRTLRALRPLRALSRFEGMRVVVDALVGAIPSIMNVLLVCLIFWLIFSIMGVNLFAGKFWRCINYTD
GEFSLVPLSIVNNKSDCKIQNSTGSFFWVNVKVNFDNVAMGYLALLQVATFKGWMDIMYAAVDSREVNMQPKWEDNVYMY
LYFVIFIIFGGFFTLNLFVGVIIDNFNQQKKKLGGQDIFMTEEQKKYYNAMKKLGSKKPQKPIPRPLNKFQGFVFDIVTR
QAFDITIMVLICLNMITMMVETDDQSEEKTKILGKINQFFVAVFTGECVMKMFALRQYYFTNGWNVFDFIVVVLSIASLI
FSAILKSLQSYFSPTLFRVIRLARIGRILRLIRAAKGIRTLLFALMMSLPALFNIGLLLFLVMFIYSIFGMSSFPHVRWE
AGIDDMFNFQTFANSMLCLFQITTSAGWDGLLSPILNTGPPYCDPNLPNSNGTRGDCGSPAVGIIFFTTYIIISFLIVVN
MYIAVILENFNVATEESTEPLSEDDFDMFYETWEKFDPEATQFITFSALSDFADTLSGPLRIPKPNRNILIQMDLPLVPG
DKIHCLDILFAFTKNVLGESGELDSLKANMEEKFMATNLSKSSYEPIATTLRWKQEDISATVIQKAYRSYVLHRSMALSN
TPCVPRAEEEAASLPDEGFVAFTANENCVLPDKSETASATSFPPSYESVTRGLSDRVNMRTSSSIQNEDEATSMELIAPG
P
;
_entity_poly.pdbx_strand_id   A
#
loop_
_chem_comp.id
_chem_comp.type
_chem_comp.name
_chem_comp.formula
BMA D-saccharide, beta linking beta-D-mannopyranose 'C6 H12 O6'
CLR non-polymer CHOLESTEROL 'C27 H46 O'
LPE non-polymer 1-O-OCTADECYL-SN-GLYCERO-3-PHOSPHOCHOLINE 'C26 H57 N O6 P 1'
NAG D-saccharide, beta linking 2-acetamido-2-deoxy-beta-D-glucopyranose 'C8 H15 N O6'
P5S non-polymer O-[(R)-{[(2R)-2,3-bis(octadecanoyloxy)propyl]oxy}(hydroxy)phosphoryl]-L-serine 'C42 H82 N O10 P'
PCW non-polymer 1,2-DIOLEOYL-SN-GLYCERO-3-PHOSPHOCHOLINE 'C44 H85 N O8 P 1'
#
# COMPACT_ATOMS: atom_id res chain seq x y z
N LEU A 277 13.72 18.73 -37.96
CA LEU A 277 14.40 18.02 -36.85
C LEU A 277 14.55 18.93 -35.64
N LYS A 278 14.89 20.19 -35.89
CA LYS A 278 15.03 21.16 -34.80
C LYS A 278 13.70 21.40 -34.11
N VAL A 279 12.61 21.44 -34.89
CA VAL A 279 11.29 21.66 -34.30
C VAL A 279 10.94 20.52 -33.34
N ILE A 280 11.18 19.28 -33.76
CA ILE A 280 10.88 18.15 -32.88
C ILE A 280 11.83 18.12 -31.70
N VAL A 281 13.08 18.54 -31.88
CA VAL A 281 14.01 18.62 -30.75
C VAL A 281 13.48 19.60 -29.71
N GLY A 282 13.06 20.78 -30.16
CA GLY A 282 12.48 21.75 -29.23
C GLY A 282 11.20 21.23 -28.59
N ALA A 283 10.39 20.51 -29.36
CA ALA A 283 9.19 19.91 -28.79
C ALA A 283 9.54 18.92 -27.69
N LEU A 284 10.60 18.14 -27.89
CA LEU A 284 11.03 17.20 -26.85
C LEU A 284 11.55 17.93 -25.62
N ILE A 285 12.30 19.03 -25.83
CA ILE A 285 12.70 19.84 -24.68
C ILE A 285 11.46 20.30 -23.92
N HIS A 286 10.41 20.58 -24.68
CA HIS A 286 9.15 20.90 -24.05
C HIS A 286 8.54 19.56 -23.69
N SER A 287 7.56 19.55 -22.82
CA SER A 287 6.98 18.31 -22.30
C SER A 287 7.98 17.58 -21.41
N VAL A 288 9.21 18.08 -21.36
CA VAL A 288 10.15 17.70 -20.32
C VAL A 288 10.40 18.88 -19.41
N LYS A 289 10.36 20.09 -19.96
CA LYS A 289 10.35 21.29 -19.12
C LYS A 289 9.21 21.24 -18.11
N LYS A 290 8.09 20.61 -18.49
CA LYS A 290 6.98 20.49 -17.56
C LYS A 290 7.37 19.71 -16.32
N LEU A 291 8.14 18.63 -16.51
CA LEU A 291 8.63 17.83 -15.39
C LEU A 291 9.99 18.29 -14.89
N ALA A 292 10.53 19.39 -15.41
CA ALA A 292 11.83 19.86 -14.95
C ALA A 292 11.79 20.20 -13.47
N ASP A 293 10.81 21.02 -13.05
CA ASP A 293 10.74 21.44 -11.66
C ASP A 293 10.49 20.27 -10.73
N VAL A 294 9.58 19.37 -11.10
CA VAL A 294 9.29 18.22 -10.24
C VAL A 294 10.48 17.28 -10.18
N THR A 295 11.21 17.13 -11.30
CA THR A 295 12.40 16.28 -11.30
C THR A 295 13.48 16.86 -10.39
N ILE A 296 13.68 18.18 -10.45
CA ILE A 296 14.68 18.80 -9.58
C ILE A 296 14.25 18.66 -8.12
N LEU A 297 12.95 18.83 -7.84
CA LEU A 297 12.47 18.63 -6.48
C LEU A 297 12.74 17.19 -6.02
N THR A 298 12.47 16.22 -6.89
CA THR A 298 12.71 14.82 -6.52
C THR A 298 14.18 14.58 -6.24
N ILE A 299 15.06 15.09 -7.10
CA ILE A 299 16.50 14.89 -6.91
C ILE A 299 16.94 15.51 -5.59
N PHE A 300 16.51 16.75 -5.34
CA PHE A 300 16.94 17.45 -4.14
C PHE A 300 16.42 16.76 -2.88
N CYS A 301 15.14 16.39 -2.87
CA CYS A 301 14.59 15.72 -1.70
C CYS A 301 15.25 14.36 -1.47
N LEU A 302 15.49 13.61 -2.56
CA LEU A 302 16.19 12.34 -2.42
C LEU A 302 17.58 12.55 -1.85
N SER A 303 18.29 13.56 -2.32
CA SER A 303 19.63 13.82 -1.80
C SER A 303 19.58 14.20 -0.33
N VAL A 304 18.63 15.05 0.07
CA VAL A 304 18.55 15.48 1.46
C VAL A 304 18.24 14.28 2.36
N PHE A 305 17.28 13.45 1.97
CA PHE A 305 16.95 12.30 2.78
C PHE A 305 18.08 11.27 2.77
N ALA A 306 18.81 11.17 1.66
CA ALA A 306 19.97 10.29 1.62
C ALA A 306 21.03 10.76 2.60
N LEU A 307 21.27 12.07 2.66
CA LEU A 307 22.22 12.60 3.64
C LEU A 307 21.75 12.33 5.06
N VAL A 308 20.45 12.50 5.31
CA VAL A 308 19.93 12.25 6.65
C VAL A 308 20.12 10.79 7.03
N GLY A 309 19.78 9.88 6.12
CA GLY A 309 19.94 8.46 6.41
C GLY A 309 21.39 8.05 6.56
N LEU A 310 22.26 8.60 5.70
CA LEU A 310 23.69 8.29 5.78
C LEU A 310 24.27 8.75 7.10
N GLN A 311 23.90 9.94 7.55
CA GLN A 311 24.39 10.41 8.84
C GLN A 311 23.78 9.62 9.99
N LEU A 312 22.53 9.18 9.85
CA LEU A 312 21.85 8.50 10.95
C LEU A 312 22.39 7.08 11.13
N PHE A 313 22.52 6.33 10.04
CA PHE A 313 22.97 4.93 10.12
C PHE A 313 23.73 4.62 8.83
N LYS A 314 25.05 4.66 8.89
CA LYS A 314 25.90 4.29 7.76
C LYS A 314 26.71 3.06 8.13
N GLY A 315 26.71 2.07 7.24
CA GLY A 315 27.38 0.81 7.54
C GLY A 315 26.85 0.15 8.78
N ASN A 316 25.58 0.41 9.13
CA ASN A 316 24.99 -0.16 10.32
C ASN A 316 24.32 -1.50 10.04
N LEU A 317 23.71 -1.65 8.86
CA LEU A 317 23.00 -2.88 8.54
C LEU A 317 23.93 -4.10 8.55
N LYS A 318 25.24 -3.89 8.36
CA LYS A 318 26.20 -4.99 8.35
C LYS A 318 26.53 -5.43 9.78
N ASN A 319 25.47 -5.76 10.53
CA ASN A 319 25.66 -6.14 11.95
C ASN A 319 25.19 -7.60 12.17
N LYS A 320 25.63 -8.54 11.33
CA LYS A 320 25.17 -9.95 11.45
C LYS A 320 25.54 -10.50 12.81
N CYS A 321 24.86 -11.57 13.25
CA CYS A 321 25.23 -12.22 14.54
C CYS A 321 26.46 -13.11 14.30
N VAL A 322 27.33 -13.25 15.30
CA VAL A 322 28.48 -14.18 15.18
C VAL A 322 28.58 -14.93 16.51
N LYS A 323 28.74 -16.25 16.48
CA LYS A 323 28.74 -17.03 17.75
C LYS A 323 30.07 -16.83 18.48
N ASN A 324 30.04 -16.62 19.80
CA ASN A 324 31.26 -16.38 20.55
C ASN A 324 32.28 -17.50 20.39
N ASP A 325 31.86 -18.70 20.03
CA ASP A 325 32.74 -19.86 19.83
C ASP A 325 34.15 -19.67 20.36
N PRO A 340 37.19 -17.75 11.91
CA PRO A 340 36.02 -18.10 11.10
C PRO A 340 34.77 -17.33 11.51
N ASP A 341 33.65 -17.59 10.83
CA ASP A 341 32.40 -16.89 11.08
C ASP A 341 31.27 -17.90 11.23
N ILE A 342 30.49 -17.77 12.30
CA ILE A 342 29.34 -18.61 12.57
C ILE A 342 28.11 -17.71 12.62
N TYR A 343 27.27 -17.78 11.60
CA TYR A 343 26.06 -16.99 11.52
C TYR A 343 24.85 -17.88 11.78
N ILE A 344 23.87 -17.33 12.51
CA ILE A 344 22.57 -17.98 12.64
C ILE A 344 21.63 -17.38 11.60
N ASN A 345 20.61 -18.14 11.22
CA ASN A 345 19.65 -17.71 10.21
C ASN A 345 18.25 -17.69 10.81
N LYS A 346 17.49 -16.65 10.46
CA LYS A 346 16.12 -16.54 10.92
C LYS A 346 15.26 -17.62 10.26
N ARG A 347 14.30 -18.14 11.01
CA ARG A 347 13.49 -19.25 10.52
C ARG A 347 12.80 -18.87 9.21
N GLY A 348 12.83 -19.80 8.26
CA GLY A 348 12.22 -19.58 6.97
C GLY A 348 13.05 -18.78 6.00
N THR A 349 14.25 -18.36 6.37
CA THR A 349 15.11 -17.57 5.51
C THR A 349 16.55 -17.99 5.71
N SER A 350 17.26 -18.21 4.61
CA SER A 350 18.66 -18.65 4.69
C SER A 350 19.63 -17.53 5.00
N ASP A 351 19.21 -16.28 4.83
CA ASP A 351 20.12 -15.16 5.04
C ASP A 351 20.47 -15.01 6.52
N PRO A 352 21.64 -14.43 6.83
CA PRO A 352 21.96 -14.24 8.25
C PRO A 352 21.04 -13.26 8.95
N LEU A 353 21.12 -13.14 10.26
CA LEU A 353 20.19 -12.30 11.03
C LEU A 353 20.74 -10.94 11.43
N LEU A 354 20.32 -9.87 10.75
CA LEU A 354 20.76 -8.54 11.15
C LEU A 354 20.28 -8.20 12.53
N CYS A 355 21.21 -8.11 13.47
CA CYS A 355 20.84 -7.68 14.85
C CYS A 355 21.69 -6.48 15.22
N GLY A 356 21.33 -5.77 16.27
CA GLY A 356 22.05 -4.56 16.61
C GLY A 356 22.03 -4.20 18.06
N ASN A 357 23.03 -3.45 18.49
CA ASN A 357 23.12 -3.07 19.88
C ASN A 357 22.17 -1.94 20.15
N GLY A 358 21.58 -1.91 21.33
CA GLY A 358 20.61 -0.89 21.64
C GLY A 358 19.49 -1.56 22.37
N SER A 359 18.34 -0.91 22.46
CA SER A 359 17.20 -1.56 23.09
C SER A 359 16.11 -1.76 22.06
N ASP A 360 15.74 -0.69 21.37
CA ASP A 360 14.69 -0.78 20.38
C ASP A 360 15.09 -1.72 19.29
N SER A 361 16.32 -1.57 18.82
CA SER A 361 16.83 -2.39 17.69
C SER A 361 16.69 -3.88 17.99
N GLY A 362 16.65 -4.69 16.93
CA GLY A 362 16.48 -6.15 17.10
C GLY A 362 17.67 -6.79 17.78
N HIS A 363 17.40 -7.66 18.75
CA HIS A 363 18.49 -8.33 19.51
C HIS A 363 18.96 -9.56 18.72
N CYS A 364 19.81 -10.38 19.36
CA CYS A 364 20.35 -11.59 18.69
C CYS A 364 20.26 -12.78 19.66
N PRO A 365 19.96 -14.01 19.17
CA PRO A 365 19.90 -15.19 20.03
C PRO A 365 21.06 -15.33 21.00
N ASP A 366 20.81 -15.90 22.18
CA ASP A 366 21.88 -16.15 23.17
C ASP A 366 23.06 -16.87 22.50
N GLY A 367 24.29 -16.55 22.91
CA GLY A 367 25.46 -17.23 22.34
C GLY A 367 25.96 -16.50 21.11
N TYR A 368 25.32 -15.39 20.75
CA TYR A 368 25.79 -14.59 19.59
C TYR A 368 25.94 -13.13 20.01
N ILE A 369 26.97 -12.46 19.48
CA ILE A 369 27.20 -11.05 19.78
C ILE A 369 27.19 -10.24 18.50
N CYS A 370 26.25 -9.30 18.42
CA CYS A 370 26.12 -8.44 17.22
C CYS A 370 27.44 -7.70 17.02
N LEU A 371 28.07 -7.87 15.87
CA LEU A 371 29.37 -7.27 15.65
C LEU A 371 29.34 -6.69 14.28
N LYS A 372 30.26 -5.79 13.94
CA LYS A 372 30.11 -5.18 12.64
C LYS A 372 30.69 -6.09 11.60
N THR A 373 30.10 -7.27 11.47
CA THR A 373 30.58 -8.19 10.46
C THR A 373 30.54 -7.47 9.14
N SER A 374 31.59 -7.57 8.36
CA SER A 374 31.68 -6.81 7.11
C SER A 374 30.94 -7.44 5.95
N ASP A 375 29.62 -7.25 5.90
CA ASP A 375 28.82 -7.76 4.80
C ASP A 375 27.43 -7.20 4.93
N ASN A 376 26.85 -6.72 3.83
CA ASN A 376 25.53 -6.11 3.90
C ASN A 376 24.48 -7.19 3.82
N PRO A 377 23.31 -6.96 4.40
CA PRO A 377 22.30 -8.03 4.49
C PRO A 377 21.88 -8.70 3.20
N ASP A 378 21.51 -7.93 2.18
CA ASP A 378 20.99 -8.57 0.98
C ASP A 378 22.04 -8.68 -0.06
N PHE A 379 22.68 -9.84 -0.11
CA PHE A 379 23.65 -10.07 -1.18
C PHE A 379 24.85 -9.14 -1.09
N ASN A 380 24.97 -8.38 0.00
CA ASN A 380 25.99 -7.36 0.19
C ASN A 380 25.74 -6.11 -0.66
N TYR A 381 24.49 -5.87 -1.05
CA TYR A 381 24.17 -4.83 -2.01
C TYR A 381 23.21 -3.77 -1.48
N THR A 382 22.70 -3.90 -0.26
CA THR A 382 21.82 -2.89 0.33
C THR A 382 22.44 -2.40 1.63
N SER A 383 22.70 -1.10 1.71
CA SER A 383 23.18 -0.49 2.94
C SER A 383 23.37 1.01 2.78
N PHE A 384 23.71 1.67 3.89
CA PHE A 384 23.88 3.12 3.93
C PHE A 384 25.32 3.50 4.23
N ASP A 385 26.26 2.55 3.89
CA ASP A 385 27.65 2.81 4.22
C ASP A 385 28.26 3.90 3.36
N SER A 386 27.60 4.33 2.33
CA SER A 386 28.10 5.38 1.46
C SER A 386 26.93 6.07 0.80
N PHE A 387 27.17 7.29 0.30
CA PHE A 387 26.10 8.05 -0.32
C PHE A 387 25.56 7.36 -1.57
N ALA A 388 26.41 6.69 -2.34
CA ALA A 388 25.95 6.04 -3.58
C ALA A 388 25.01 4.89 -3.22
N TRP A 389 25.22 4.24 -2.07
CA TRP A 389 24.38 3.10 -1.62
C TRP A 389 23.23 3.62 -0.79
N ALA A 390 23.22 4.91 -0.47
CA ALA A 390 22.17 5.53 0.35
C ALA A 390 21.13 6.18 -0.56
N PHE A 391 21.54 6.74 -1.70
CA PHE A 391 20.62 7.31 -2.67
C PHE A 391 19.76 6.23 -3.31
N LEU A 392 20.35 5.09 -3.65
CA LEU A 392 19.57 4.00 -4.24
C LEU A 392 18.58 3.43 -3.24
N SER A 393 19.00 3.27 -1.98
CA SER A 393 18.07 2.78 -0.97
C SER A 393 16.89 3.73 -0.82
N LEU A 394 17.14 5.03 -0.83
CA LEU A 394 16.04 5.99 -0.73
C LEU A 394 15.19 5.99 -1.99
N PHE A 395 15.79 5.74 -3.16
CA PHE A 395 15.00 5.64 -4.37
C PHE A 395 14.02 4.48 -4.29
N ARG A 396 14.50 3.31 -3.83
CA ARG A 396 13.59 2.17 -3.73
C ARG A 396 12.66 2.28 -2.55
N LEU A 397 12.97 3.13 -1.57
CA LEU A 397 12.01 3.43 -0.52
C LEU A 397 10.93 4.38 -1.00
N MET A 398 11.25 5.27 -1.94
CA MET A 398 10.25 6.14 -2.53
C MET A 398 9.34 5.37 -3.47
N THR A 399 9.93 4.56 -4.36
CA THR A 399 9.12 3.75 -5.27
C THR A 399 8.40 2.61 -4.56
N GLN A 400 8.73 2.35 -3.29
CA GLN A 400 8.03 1.43 -2.41
C GLN A 400 8.24 -0.04 -2.75
N ASP A 401 9.07 -0.35 -3.74
CA ASP A 401 9.36 -1.75 -4.04
C ASP A 401 9.93 -2.44 -2.82
N SER A 402 9.21 -3.42 -2.29
CA SER A 402 9.71 -4.25 -1.21
C SER A 402 10.34 -3.41 -0.11
N TRP A 403 9.80 -2.20 0.12
CA TRP A 403 10.31 -1.38 1.21
C TRP A 403 10.00 -1.98 2.57
N GLU A 404 9.14 -3.00 2.62
CA GLU A 404 8.89 -3.71 3.88
C GLU A 404 10.19 -4.27 4.44
N ARG A 405 11.00 -4.90 3.61
CA ARG A 405 12.24 -5.50 4.09
C ARG A 405 13.18 -4.44 4.64
N LEU A 406 13.33 -3.33 3.92
CA LEU A 406 14.20 -2.25 4.41
C LEU A 406 13.68 -1.68 5.71
N TYR A 407 12.36 -1.47 5.80
CA TYR A 407 11.76 -0.88 6.99
C TYR A 407 11.86 -1.80 8.20
N GLN A 408 11.89 -3.12 8.00
CA GLN A 408 12.06 -4.05 9.11
C GLN A 408 13.50 -4.49 9.32
N GLN A 409 14.41 -4.02 8.46
CA GLN A 409 15.83 -4.31 8.66
C GLN A 409 16.43 -3.12 9.39
N THR A 410 16.29 -1.92 8.83
CA THR A 410 16.88 -0.75 9.44
C THR A 410 16.36 -0.53 10.86
N LEU A 411 15.12 -0.94 11.11
CA LEU A 411 14.62 -0.89 12.49
C LEU A 411 15.27 -1.98 13.35
N ARG A 412 15.44 -3.18 12.79
CA ARG A 412 16.09 -4.25 13.54
C ARG A 412 17.49 -3.84 13.96
N THR A 413 18.20 -3.13 13.08
CA THR A 413 19.57 -2.73 13.37
C THR A 413 19.62 -1.48 14.23
N SER A 414 19.07 -0.36 13.73
CA SER A 414 19.16 0.91 14.43
C SER A 414 18.23 0.94 15.64
N GLY A 415 16.93 0.83 15.40
CA GLY A 415 15.96 0.84 16.48
C GLY A 415 14.58 1.18 15.98
N LYS A 416 13.61 0.95 16.86
CA LYS A 416 12.22 1.23 16.52
C LYS A 416 11.96 2.72 16.37
N ILE A 417 12.66 3.55 17.16
CA ILE A 417 12.43 5.00 17.13
C ILE A 417 12.64 5.60 15.76
N TYR A 418 13.27 4.87 14.83
CA TYR A 418 13.51 5.39 13.50
C TYR A 418 12.31 5.21 12.58
N MET A 419 11.14 4.88 13.13
CA MET A 419 9.92 4.91 12.33
C MET A 419 9.67 6.30 11.75
N ILE A 420 10.20 7.33 12.41
CA ILE A 420 9.95 8.70 11.97
C ILE A 420 10.53 8.93 10.59
N PHE A 421 11.77 8.48 10.37
CA PHE A 421 12.39 8.67 9.06
C PHE A 421 11.56 8.01 7.97
N PHE A 422 11.04 6.82 8.24
CA PHE A 422 10.31 6.08 7.20
C PHE A 422 8.96 6.71 6.92
N VAL A 423 8.22 7.11 7.97
CA VAL A 423 6.95 7.78 7.73
C VAL A 423 7.20 9.09 6.98
N LEU A 424 8.26 9.80 7.33
CA LEU A 424 8.56 11.07 6.68
C LEU A 424 8.89 10.87 5.21
N VAL A 425 9.72 9.87 4.89
CA VAL A 425 10.08 9.67 3.50
C VAL A 425 8.90 9.13 2.70
N ILE A 426 8.02 8.36 3.33
CA ILE A 426 6.85 7.84 2.62
C ILE A 426 5.86 8.96 2.33
N PHE A 427 5.54 9.78 3.31
CA PHE A 427 4.57 10.84 3.09
C PHE A 427 5.18 11.98 2.30
N LEU A 428 6.18 12.66 2.88
CA LEU A 428 6.81 13.79 2.20
C LEU A 428 7.56 13.32 0.95
N GLY A 429 8.24 12.18 1.02
CA GLY A 429 8.94 11.70 -0.14
C GLY A 429 8.07 10.97 -1.13
N SER A 430 7.56 9.79 -0.74
CA SER A 430 6.94 8.92 -1.72
C SER A 430 5.58 9.46 -2.16
N PHE A 431 4.64 9.60 -1.24
CA PHE A 431 3.29 10.01 -1.62
C PHE A 431 3.32 11.38 -2.27
N TYR A 432 4.05 12.33 -1.68
CA TYR A 432 4.09 13.68 -2.22
C TYR A 432 4.73 13.71 -3.61
N LEU A 433 5.88 13.04 -3.77
CA LEU A 433 6.56 13.12 -5.06
C LEU A 433 5.77 12.41 -6.15
N VAL A 434 5.17 11.27 -5.85
CA VAL A 434 4.33 10.61 -6.86
C VAL A 434 3.12 11.47 -7.16
N ASN A 435 2.53 12.13 -6.22
CA ASN A 435 1.41 13.02 -6.50
C ASN A 435 1.85 14.10 -7.44
N LEU A 436 2.99 14.76 -7.13
CA LEU A 436 3.41 15.85 -7.98
C LEU A 436 3.75 15.40 -9.40
N ILE A 437 4.37 14.22 -9.54
CA ILE A 437 4.64 13.72 -10.89
C ILE A 437 3.34 13.41 -11.62
N LEU A 438 2.39 12.79 -10.93
CA LEU A 438 1.10 12.50 -11.53
C LEU A 438 0.38 13.79 -11.89
N ALA A 439 0.46 14.80 -11.03
CA ALA A 439 -0.16 16.08 -11.33
C ALA A 439 0.49 16.75 -12.53
N VAL A 440 1.82 16.63 -12.65
CA VAL A 440 2.50 17.19 -13.82
C VAL A 440 2.01 16.52 -15.09
N VAL A 441 1.96 15.18 -15.10
CA VAL A 441 1.47 14.49 -16.28
C VAL A 441 0.01 14.85 -16.56
N THR A 442 -0.80 14.94 -15.50
CA THR A 442 -2.21 15.28 -15.66
C THR A 442 -2.38 16.66 -16.27
N MET A 443 -1.63 17.63 -15.83
CA MET A 443 -1.74 18.99 -16.35
C MET A 443 -1.26 19.03 -17.78
N ALA A 444 -0.15 18.35 -18.06
CA ALA A 444 0.35 18.31 -19.42
C ALA A 444 -0.71 17.77 -20.37
N TYR A 445 -1.24 16.59 -20.07
CA TYR A 445 -2.20 15.96 -20.96
C TYR A 445 -3.57 16.63 -20.95
N GLU A 446 -3.97 17.26 -19.85
CA GLU A 446 -5.19 18.06 -19.86
C GLU A 446 -5.04 19.26 -20.79
N GLU A 447 -3.89 19.92 -20.76
CA GLU A 447 -3.63 21.00 -21.69
C GLU A 447 -3.61 20.49 -23.13
N GLN A 448 -3.01 19.33 -23.36
CA GLN A 448 -3.07 18.76 -24.71
C GLN A 448 -4.50 18.49 -25.14
N ASN A 449 -5.33 17.94 -24.24
CA ASN A 449 -6.71 17.60 -24.57
C ASN A 449 -7.51 18.86 -24.93
N GLN A 450 -7.37 19.91 -24.13
CA GLN A 450 -8.12 21.15 -24.39
C GLN A 450 -7.47 22.05 -25.41
N ALA A 451 -6.26 21.74 -25.87
CA ALA A 451 -5.64 22.52 -26.92
C ALA A 451 -6.42 22.42 -28.23
N THR A 452 -6.87 21.22 -28.57
CA THR A 452 -7.59 20.99 -29.82
C THR A 452 -8.72 19.99 -29.61
N TRP A 696 -45.24 -20.42 -46.37
CA TRP A 696 -45.66 -21.79 -46.15
C TRP A 696 -45.59 -22.14 -44.66
N VAL A 697 -45.52 -23.43 -44.34
CA VAL A 697 -45.63 -23.87 -42.95
C VAL A 697 -44.53 -23.24 -42.11
N LYS A 698 -43.29 -23.30 -42.59
CA LYS A 698 -42.19 -22.67 -41.85
C LYS A 698 -42.41 -21.17 -41.75
N LEU A 699 -42.97 -20.55 -42.80
CA LEU A 699 -43.31 -19.13 -42.72
C LEU A 699 -44.38 -18.90 -41.67
N LYS A 700 -45.36 -19.81 -41.56
CA LYS A 700 -46.37 -19.68 -40.51
C LYS A 700 -45.75 -19.73 -39.14
N THR A 701 -44.82 -20.66 -38.92
CA THR A 701 -44.13 -20.73 -37.62
C THR A 701 -43.33 -19.46 -37.37
N ILE A 702 -42.66 -18.95 -38.40
CA ILE A 702 -41.90 -17.70 -38.26
C ILE A 702 -42.84 -16.58 -37.81
N LEU A 703 -44.01 -16.49 -38.44
CA LEU A 703 -45.00 -15.51 -38.00
C LEU A 703 -45.38 -15.73 -36.54
N PHE A 704 -45.52 -17.00 -36.14
CA PHE A 704 -45.78 -17.32 -34.74
C PHE A 704 -44.52 -17.29 -33.89
N GLY A 705 -43.34 -17.28 -34.50
CA GLY A 705 -42.08 -17.25 -33.79
C GLY A 705 -41.57 -15.87 -33.44
N LEU A 706 -42.36 -14.82 -33.68
CA LEU A 706 -41.97 -13.44 -33.41
C LEU A 706 -42.57 -12.92 -32.11
N VAL A 707 -42.81 -13.81 -31.14
CA VAL A 707 -43.45 -13.38 -29.89
C VAL A 707 -42.60 -12.32 -29.21
N THR A 708 -41.30 -12.59 -29.05
CA THR A 708 -40.34 -11.64 -28.46
C THR A 708 -40.97 -10.85 -27.32
N ASP A 709 -41.65 -11.56 -26.43
CA ASP A 709 -42.32 -10.90 -25.32
C ASP A 709 -41.30 -10.27 -24.38
N PRO A 710 -41.65 -9.16 -23.73
CA PRO A 710 -40.74 -8.61 -22.71
C PRO A 710 -40.44 -9.61 -21.62
N PHE A 711 -41.37 -10.51 -21.32
CA PHE A 711 -41.11 -11.59 -20.38
C PHE A 711 -39.97 -12.48 -20.86
N ALA A 712 -39.79 -12.59 -22.18
CA ALA A 712 -38.75 -13.45 -22.72
C ALA A 712 -37.36 -12.97 -22.34
N GLU A 713 -37.11 -11.66 -22.45
CA GLU A 713 -35.78 -11.14 -22.13
C GLU A 713 -35.48 -11.28 -20.64
N LEU A 714 -36.46 -11.00 -19.78
CA LEU A 714 -36.25 -11.20 -18.36
C LEU A 714 -35.99 -12.67 -18.06
N THR A 715 -36.72 -13.56 -18.72
CA THR A 715 -36.50 -14.99 -18.51
C THR A 715 -35.08 -15.39 -18.92
N ILE A 716 -34.61 -14.90 -20.05
CA ILE A 716 -33.28 -15.29 -20.51
C ILE A 716 -32.21 -14.72 -19.60
N THR A 717 -32.40 -13.49 -19.10
CA THR A 717 -31.43 -12.91 -18.18
C THR A 717 -31.39 -13.70 -16.87
N LEU A 718 -32.57 -14.08 -16.35
CA LEU A 718 -32.59 -14.91 -15.16
C LEU A 718 -31.94 -16.25 -15.42
N CYS A 719 -32.10 -16.79 -16.63
CA CYS A 719 -31.43 -18.04 -16.99
C CYS A 719 -29.92 -17.86 -16.96
N ILE A 720 -29.42 -16.75 -17.50
CA ILE A 720 -27.99 -16.49 -17.47
C ILE A 720 -27.49 -16.44 -16.03
N VAL A 721 -28.21 -15.72 -15.17
CA VAL A 721 -27.78 -15.57 -13.79
C VAL A 721 -27.78 -16.91 -13.08
N VAL A 722 -28.81 -17.73 -13.31
CA VAL A 722 -28.88 -19.03 -12.65
C VAL A 722 -27.78 -19.96 -13.18
N ASN A 723 -27.50 -19.90 -14.48
CA ASN A 723 -26.41 -20.68 -15.02
C ASN A 723 -25.10 -20.30 -14.35
N THR A 724 -24.85 -19.00 -14.19
CA THR A 724 -23.61 -18.56 -13.54
C THR A 724 -23.57 -19.02 -12.09
N ILE A 725 -24.68 -18.92 -11.37
CA ILE A 725 -24.65 -19.29 -9.95
C ILE A 725 -24.51 -20.80 -9.78
N PHE A 726 -24.98 -21.59 -10.75
CA PHE A 726 -24.73 -23.03 -10.70
C PHE A 726 -23.30 -23.38 -11.09
N MET A 727 -22.71 -22.64 -12.03
CA MET A 727 -21.33 -22.90 -12.42
C MET A 727 -20.33 -22.30 -11.44
N ALA A 728 -20.77 -21.47 -10.51
CA ALA A 728 -19.91 -20.85 -9.52
C ALA A 728 -19.94 -21.56 -8.17
N MET A 729 -20.60 -22.70 -8.07
CA MET A 729 -20.64 -23.47 -6.82
C MET A 729 -19.88 -24.77 -7.06
N GLU A 730 -18.57 -24.71 -6.87
CA GLU A 730 -17.69 -25.85 -7.00
C GLU A 730 -16.74 -25.87 -5.81
N HIS A 731 -16.07 -27.00 -5.62
CA HIS A 731 -15.16 -27.15 -4.50
C HIS A 731 -14.32 -28.40 -4.71
N HIS A 732 -13.50 -28.74 -3.71
CA HIS A 732 -12.67 -29.93 -3.80
C HIS A 732 -13.47 -31.20 -3.60
N GLY A 733 -14.46 -31.18 -2.72
CA GLY A 733 -15.25 -32.37 -2.44
C GLY A 733 -15.89 -32.95 -3.68
N MET A 734 -16.86 -32.24 -4.25
CA MET A 734 -17.49 -32.62 -5.50
C MET A 734 -17.93 -34.09 -5.48
N SER A 735 -18.89 -34.37 -4.60
CA SER A 735 -19.41 -35.73 -4.51
C SER A 735 -20.04 -36.12 -5.84
N PRO A 736 -20.10 -37.42 -6.15
CA PRO A 736 -20.61 -37.83 -7.48
C PRO A 736 -21.98 -37.27 -7.79
N THR A 737 -22.87 -37.21 -6.81
CA THR A 737 -24.19 -36.62 -7.04
C THR A 737 -24.05 -35.15 -7.43
N PHE A 738 -23.16 -34.41 -6.75
CA PHE A 738 -22.97 -33.01 -7.08
C PHE A 738 -22.40 -32.85 -8.49
N GLU A 739 -21.43 -33.69 -8.86
CA GLU A 739 -20.87 -33.62 -10.20
C GLU A 739 -21.93 -33.90 -11.26
N ALA A 740 -22.75 -34.94 -11.03
CA ALA A 740 -23.81 -35.24 -11.99
C ALA A 740 -24.82 -34.10 -12.08
N MET A 741 -25.16 -33.51 -10.93
CA MET A 741 -26.10 -32.40 -10.94
C MET A 741 -25.56 -31.23 -11.74
N LEU A 742 -24.29 -30.90 -11.55
CA LEU A 742 -23.68 -29.81 -12.31
C LEU A 742 -23.65 -30.13 -13.80
N GLN A 743 -23.32 -31.38 -14.15
CA GLN A 743 -23.26 -31.76 -15.55
C GLN A 743 -24.63 -31.63 -16.21
N ILE A 744 -25.68 -32.13 -15.55
CA ILE A 744 -27.01 -32.05 -16.13
C ILE A 744 -27.48 -30.60 -16.18
N GLY A 745 -27.11 -29.79 -15.18
CA GLY A 745 -27.47 -28.38 -15.22
C GLY A 745 -26.85 -27.66 -16.39
N ASN A 746 -25.55 -27.91 -16.62
CA ASN A 746 -24.89 -27.31 -17.78
C ASN A 746 -25.54 -27.79 -19.07
N ILE A 747 -25.89 -29.07 -19.14
CA ILE A 747 -26.50 -29.62 -20.35
C ILE A 747 -27.84 -28.94 -20.61
N VAL A 748 -28.68 -28.82 -19.58
CA VAL A 748 -30.01 -28.25 -19.78
C VAL A 748 -29.91 -26.78 -20.13
N PHE A 749 -29.01 -26.05 -19.49
CA PHE A 749 -28.86 -24.64 -19.82
C PHE A 749 -28.35 -24.46 -21.23
N THR A 750 -27.40 -25.29 -21.66
CA THR A 750 -26.95 -25.24 -23.05
C THR A 750 -28.11 -25.54 -23.99
N ILE A 751 -28.95 -26.51 -23.63
CA ILE A 751 -30.11 -26.83 -24.46
C ILE A 751 -31.02 -25.62 -24.58
N PHE A 752 -31.30 -24.94 -23.46
CA PHE A 752 -32.17 -23.78 -23.50
C PHE A 752 -31.59 -22.68 -24.36
N PHE A 753 -30.30 -22.38 -24.18
CA PHE A 753 -29.68 -21.31 -24.96
C PHE A 753 -29.67 -21.66 -26.44
N THR A 754 -29.37 -22.92 -26.78
CA THR A 754 -29.36 -23.32 -28.19
C THR A 754 -30.77 -23.26 -28.78
N ALA A 755 -31.77 -23.69 -28.02
CA ALA A 755 -33.15 -23.60 -28.51
C ALA A 755 -33.52 -22.15 -28.76
N GLU A 756 -33.13 -21.26 -27.85
CA GLU A 756 -33.43 -19.85 -28.04
C GLU A 756 -32.74 -19.31 -29.28
N MET A 757 -31.48 -19.68 -29.50
CA MET A 757 -30.77 -19.13 -30.65
C MET A 757 -31.37 -19.66 -31.95
N VAL A 758 -31.75 -20.95 -31.97
CA VAL A 758 -32.44 -21.50 -33.14
C VAL A 758 -33.76 -20.78 -33.38
N PHE A 759 -34.54 -20.54 -32.32
CA PHE A 759 -35.82 -19.86 -32.49
C PHE A 759 -35.63 -18.45 -33.03
N LYS A 760 -34.63 -17.73 -32.51
CA LYS A 760 -34.41 -16.36 -32.95
C LYS A 760 -33.92 -16.30 -34.39
N ILE A 761 -32.98 -17.17 -34.77
CA ILE A 761 -32.52 -17.18 -36.15
C ILE A 761 -33.63 -17.60 -37.09
N ILE A 762 -34.46 -18.56 -36.67
CA ILE A 762 -35.60 -18.98 -37.48
C ILE A 762 -36.58 -17.83 -37.65
N ALA A 763 -36.96 -17.19 -36.54
CA ALA A 763 -37.88 -16.06 -36.61
C ALA A 763 -37.26 -14.90 -37.40
N PHE A 764 -35.98 -14.64 -37.17
CA PHE A 764 -35.27 -13.57 -37.86
C PHE A 764 -34.59 -14.16 -39.10
N ASP A 765 -33.70 -13.39 -39.70
CA ASP A 765 -32.84 -13.83 -40.80
C ASP A 765 -31.42 -13.40 -40.50
N PRO A 766 -30.45 -13.89 -41.27
CA PRO A 766 -29.06 -13.45 -41.03
C PRO A 766 -28.91 -11.93 -41.07
N TYR A 767 -29.63 -11.27 -41.96
CA TYR A 767 -29.55 -9.81 -42.04
C TYR A 767 -30.04 -9.16 -40.76
N TYR A 768 -31.03 -9.75 -40.10
CA TYR A 768 -31.57 -9.20 -38.86
C TYR A 768 -30.87 -9.78 -37.64
N TYR A 769 -30.74 -11.10 -37.59
CA TYR A 769 -30.16 -11.78 -36.44
C TYR A 769 -28.64 -11.64 -36.43
N PHE A 770 -27.98 -12.25 -37.40
CA PHE A 770 -26.52 -12.26 -37.40
C PHE A 770 -25.87 -10.90 -37.49
N GLN A 771 -26.56 -9.92 -38.03
CA GLN A 771 -25.94 -8.63 -38.27
C GLN A 771 -25.51 -7.93 -36.98
N LYS A 772 -26.09 -8.28 -35.84
CA LYS A 772 -25.81 -7.59 -34.60
C LYS A 772 -24.53 -8.09 -33.96
N LYS A 773 -23.74 -7.16 -33.40
CA LYS A 773 -22.50 -7.53 -32.73
C LYS A 773 -22.77 -8.45 -31.54
N TRP A 774 -23.74 -8.09 -30.71
CA TRP A 774 -24.03 -8.91 -29.54
C TRP A 774 -24.60 -10.26 -29.94
N ASN A 775 -25.38 -10.32 -31.02
CA ASN A 775 -25.84 -11.61 -31.50
C ASN A 775 -24.67 -12.46 -31.99
N ILE A 776 -23.70 -11.85 -32.66
CA ILE A 776 -22.53 -12.61 -33.10
C ILE A 776 -21.79 -13.16 -31.88
N PHE A 777 -21.64 -12.34 -30.84
CA PHE A 777 -21.02 -12.80 -29.60
C PHE A 777 -21.78 -13.99 -29.02
N ASP A 778 -23.10 -13.87 -28.94
CA ASP A 778 -23.91 -14.95 -28.38
C ASP A 778 -23.78 -16.23 -29.21
N CYS A 779 -23.81 -16.09 -30.53
CA CYS A 779 -23.67 -17.26 -31.39
C CYS A 779 -22.31 -17.92 -31.20
N ILE A 780 -21.25 -17.12 -31.13
CA ILE A 780 -19.91 -17.68 -30.96
C ILE A 780 -19.82 -18.43 -29.63
N ILE A 781 -20.31 -17.82 -28.56
CA ILE A 781 -20.20 -18.46 -27.25
C ILE A 781 -21.04 -19.72 -27.20
N VAL A 782 -22.25 -19.70 -27.76
CA VAL A 782 -23.11 -20.87 -27.69
C VAL A 782 -22.55 -22.01 -28.55
N THR A 783 -22.02 -21.69 -29.73
CA THR A 783 -21.43 -22.74 -30.55
C THR A 783 -20.16 -23.30 -29.91
N VAL A 784 -19.41 -22.47 -29.19
CA VAL A 784 -18.17 -22.92 -28.50
C VAL A 784 -18.58 -23.72 -27.26
N SER A 785 -19.82 -23.55 -26.80
CA SER A 785 -20.31 -24.26 -25.58
C SER A 785 -20.86 -25.63 -25.98
N LEU A 786 -21.44 -25.77 -27.17
CA LEU A 786 -22.04 -27.05 -27.64
C LEU A 786 -20.96 -27.92 -28.30
N LEU A 787 -19.93 -27.31 -28.88
CA LEU A 787 -18.82 -28.04 -29.48
C LEU A 787 -18.07 -28.75 -28.37
N GLU A 788 -17.76 -28.02 -27.31
CA GLU A 788 -17.11 -28.62 -26.17
C GLU A 788 -18.10 -29.57 -25.57
N LEU A 789 -19.37 -29.26 -25.73
CA LEU A 789 -20.40 -30.17 -25.24
C LEU A 789 -20.39 -31.42 -26.09
N GLY A 790 -19.62 -31.41 -27.18
CA GLY A 790 -19.49 -32.59 -28.02
C GLY A 790 -18.07 -33.13 -28.03
N VAL A 791 -17.20 -32.60 -27.18
CA VAL A 791 -15.81 -33.03 -27.12
C VAL A 791 -15.64 -34.36 -26.42
N ALA A 792 -14.49 -35.00 -26.62
CA ALA A 792 -14.20 -36.25 -25.93
C ALA A 792 -13.96 -36.00 -24.45
N LYS A 793 -13.11 -35.04 -24.13
CA LYS A 793 -12.83 -34.71 -22.74
C LYS A 793 -13.54 -33.41 -22.44
N LYS A 794 -14.63 -33.46 -21.67
CA LYS A 794 -15.43 -32.26 -21.43
C LYS A 794 -14.73 -31.18 -20.62
N GLY A 795 -14.40 -30.07 -21.27
CA GLY A 795 -13.77 -28.97 -20.57
C GLY A 795 -12.57 -29.45 -19.81
N SER A 796 -11.94 -30.51 -20.29
CA SER A 796 -10.78 -31.05 -19.62
C SER A 796 -9.76 -29.95 -19.66
N LEU A 797 -9.81 -29.15 -20.72
CA LEU A 797 -8.90 -28.01 -20.79
C LEU A 797 -9.17 -27.03 -19.64
N SER A 798 -10.43 -26.91 -19.23
CA SER A 798 -10.94 -26.03 -18.19
C SER A 798 -10.99 -24.58 -18.65
N VAL A 799 -10.48 -24.25 -19.83
CA VAL A 799 -10.61 -22.92 -20.39
C VAL A 799 -11.93 -22.86 -21.14
N LEU A 800 -12.33 -23.99 -21.73
CA LEU A 800 -13.61 -24.09 -22.42
C LEU A 800 -14.76 -24.40 -21.47
N ARG A 801 -14.47 -25.01 -20.31
CA ARG A 801 -15.52 -25.26 -19.33
C ARG A 801 -16.04 -23.96 -18.72
N SER A 802 -15.34 -22.84 -18.91
CA SER A 802 -15.75 -21.55 -18.36
C SER A 802 -15.84 -20.50 -19.46
N PHE A 803 -15.83 -20.93 -20.72
CA PHE A 803 -15.97 -19.98 -21.82
C PHE A 803 -17.39 -19.44 -21.92
N ARG A 804 -18.38 -20.27 -21.62
CA ARG A 804 -19.76 -19.81 -21.61
C ARG A 804 -19.99 -18.74 -20.54
N LEU A 805 -19.12 -18.68 -19.54
CA LEU A 805 -19.29 -17.71 -18.46
C LEU A 805 -19.17 -16.27 -18.93
N LEU A 806 -18.59 -16.04 -20.12
CA LEU A 806 -18.46 -14.69 -20.64
C LEU A 806 -19.80 -14.04 -20.93
N ARG A 807 -20.88 -14.80 -21.00
CA ARG A 807 -22.18 -14.24 -21.34
C ARG A 807 -22.69 -13.24 -20.32
N VAL A 808 -22.12 -13.22 -19.11
CA VAL A 808 -22.57 -12.27 -18.10
C VAL A 808 -22.43 -10.83 -18.58
N PHE A 809 -21.59 -10.60 -19.60
CA PHE A 809 -21.56 -9.29 -20.25
C PHE A 809 -22.93 -8.92 -20.79
N LYS A 810 -23.78 -9.89 -21.12
CA LYS A 810 -25.15 -9.63 -21.59
C LYS A 810 -25.95 -8.83 -20.53
N LEU A 811 -25.47 -8.75 -19.28
CA LEU A 811 -26.13 -7.93 -18.23
C LEU A 811 -25.74 -6.45 -18.41
N ALA A 812 -25.01 -6.11 -19.48
CA ALA A 812 -24.59 -4.71 -19.76
C ALA A 812 -25.79 -3.80 -19.97
N LYS A 813 -26.86 -4.33 -20.59
CA LYS A 813 -28.08 -3.53 -20.88
C LYS A 813 -28.65 -2.99 -19.56
N SER A 814 -28.79 -3.85 -18.55
CA SER A 814 -29.40 -3.48 -17.28
C SER A 814 -28.44 -2.66 -16.41
N TRP A 815 -27.13 -2.80 -16.61
CA TRP A 815 -26.16 -2.23 -15.69
C TRP A 815 -25.42 -1.07 -16.34
N PRO A 816 -25.69 0.18 -15.97
CA PRO A 816 -24.95 1.31 -16.57
C PRO A 816 -23.47 1.29 -16.24
N THR A 817 -23.12 0.94 -14.99
CA THR A 817 -21.72 0.90 -14.60
C THR A 817 -20.96 -0.15 -15.39
N LEU A 818 -21.55 -1.33 -15.55
CA LEU A 818 -20.92 -2.36 -16.37
C LEU A 818 -20.83 -1.93 -17.82
N ASN A 819 -21.84 -1.23 -18.33
CA ASN A 819 -21.75 -0.67 -19.67
C ASN A 819 -20.55 0.27 -19.78
N THR A 820 -20.35 1.10 -18.77
CA THR A 820 -19.20 2.02 -18.77
C THR A 820 -17.88 1.26 -18.74
N LEU A 821 -17.82 0.17 -17.98
CA LEU A 821 -16.60 -0.64 -17.95
C LEU A 821 -16.31 -1.23 -19.32
N ILE A 822 -17.33 -1.77 -19.98
CA ILE A 822 -17.14 -2.31 -21.33
C ILE A 822 -16.68 -1.20 -22.27
N LYS A 823 -17.23 0.00 -22.10
CA LYS A 823 -16.78 1.13 -22.92
C LYS A 823 -15.31 1.44 -22.65
N ILE A 824 -14.90 1.40 -21.38
CA ILE A 824 -13.50 1.65 -21.03
C ILE A 824 -12.61 0.67 -21.77
N ILE A 825 -12.93 -0.62 -21.68
CA ILE A 825 -12.08 -1.63 -22.32
C ILE A 825 -12.07 -1.43 -23.83
N GLY A 826 -13.25 -1.18 -24.42
CA GLY A 826 -13.32 -1.03 -25.86
C GLY A 826 -12.50 0.15 -26.36
N ASN A 827 -12.64 1.30 -25.71
CA ASN A 827 -11.90 2.48 -26.16
C ASN A 827 -10.41 2.34 -25.88
N SER A 828 -10.04 1.62 -24.82
CA SER A 828 -8.63 1.32 -24.60
C SER A 828 -8.07 0.50 -25.74
N VAL A 829 -8.79 -0.54 -26.14
CA VAL A 829 -8.36 -1.35 -27.28
C VAL A 829 -8.72 -0.70 -28.61
N GLY A 830 -9.61 0.30 -28.60
CA GLY A 830 -10.10 0.90 -29.82
C GLY A 830 -9.45 2.24 -30.14
N ALA A 831 -10.14 3.32 -29.80
CA ALA A 831 -9.65 4.65 -30.16
C ALA A 831 -8.27 4.91 -29.56
N LEU A 832 -8.07 4.51 -28.29
CA LEU A 832 -6.80 4.70 -27.62
C LEU A 832 -5.89 3.49 -27.73
N GLY A 833 -6.01 2.72 -28.82
CA GLY A 833 -5.23 1.50 -28.97
C GLY A 833 -3.77 1.72 -29.34
N ASN A 834 -3.44 2.87 -29.94
CA ASN A 834 -2.06 3.13 -30.31
C ASN A 834 -1.16 3.17 -29.08
N LEU A 835 -1.63 3.80 -28.01
CA LEU A 835 -0.84 3.90 -26.80
C LEU A 835 -0.58 2.52 -26.21
N THR A 836 -1.60 1.66 -26.17
CA THR A 836 -1.41 0.31 -25.69
C THR A 836 -0.46 -0.47 -26.59
N ILE A 837 -0.53 -0.23 -27.90
CA ILE A 837 0.36 -0.93 -28.82
C ILE A 837 1.81 -0.54 -28.54
N ILE A 838 2.06 0.75 -28.31
CA ILE A 838 3.44 1.16 -28.02
C ILE A 838 3.89 0.61 -26.67
N LEU A 839 2.98 0.55 -25.69
CA LEU A 839 3.33 -0.06 -24.41
C LEU A 839 3.74 -1.52 -24.61
N ALA A 840 2.94 -2.27 -25.37
CA ALA A 840 3.22 -3.68 -25.59
C ALA A 840 4.53 -3.88 -26.32
N ILE A 841 4.80 -3.08 -27.35
CA ILE A 841 6.05 -3.24 -28.09
C ILE A 841 7.24 -2.88 -27.20
N ILE A 842 7.08 -1.88 -26.32
CA ILE A 842 8.16 -1.53 -25.41
C ILE A 842 8.47 -2.71 -24.48
N VAL A 843 7.42 -3.30 -23.89
CA VAL A 843 7.64 -4.41 -22.97
C VAL A 843 8.28 -5.59 -23.70
N PHE A 844 7.79 -5.90 -24.90
CA PHE A 844 8.36 -7.01 -25.68
C PHE A 844 9.81 -6.76 -26.02
N VAL A 845 10.15 -5.54 -26.45
CA VAL A 845 11.51 -5.23 -26.83
C VAL A 845 12.44 -5.34 -25.62
N PHE A 846 12.01 -4.81 -24.48
CA PHE A 846 12.85 -4.90 -23.29
C PHE A 846 13.06 -6.35 -22.88
N ALA A 847 12.00 -7.16 -22.91
CA ALA A 847 12.14 -8.56 -22.54
C ALA A 847 13.10 -9.29 -23.48
N LEU A 848 12.97 -9.07 -24.79
CA LEU A 848 13.84 -9.72 -25.74
C LEU A 848 15.29 -9.29 -25.55
N VAL A 849 15.52 -8.00 -25.34
CA VAL A 849 16.88 -7.51 -25.13
C VAL A 849 17.48 -8.14 -23.89
N GLY A 850 16.72 -8.17 -22.80
CA GLY A 850 17.23 -8.78 -21.58
C GLY A 850 17.57 -10.24 -21.78
N LYS A 851 16.69 -10.98 -22.44
CA LYS A 851 16.99 -12.39 -22.71
C LYS A 851 18.28 -12.52 -23.52
N GLN A 852 18.31 -11.89 -24.69
CA GLN A 852 19.47 -12.02 -25.57
C GLN A 852 20.76 -11.62 -24.85
N LEU A 853 20.69 -10.69 -23.91
CA LEU A 853 21.90 -10.19 -23.27
C LEU A 853 22.32 -10.99 -22.04
N LEU A 854 21.40 -11.68 -21.37
CA LEU A 854 21.71 -12.26 -20.06
C LEU A 854 21.34 -13.73 -19.91
N GLY A 855 20.74 -14.37 -20.92
CA GLY A 855 20.32 -15.75 -20.75
C GLY A 855 21.48 -16.71 -20.60
N GLU A 856 22.53 -16.51 -21.39
CA GLU A 856 23.69 -17.40 -21.31
C GLU A 856 24.32 -17.34 -19.92
N ASN A 857 24.48 -16.14 -19.37
CA ASN A 857 25.02 -16.02 -18.01
C ASN A 857 24.05 -16.60 -16.99
N TYR A 858 22.75 -16.44 -17.22
CA TYR A 858 21.77 -17.00 -16.29
C TYR A 858 21.90 -18.52 -16.23
N ARG A 859 22.10 -19.17 -17.37
CA ARG A 859 22.29 -20.62 -17.36
C ARG A 859 23.64 -21.01 -16.77
N ASN A 860 24.69 -20.26 -17.09
CA ASN A 860 26.03 -20.63 -16.63
C ASN A 860 26.19 -20.43 -15.13
N ASN A 861 25.43 -19.53 -14.52
CA ASN A 861 25.58 -19.20 -13.10
C ASN A 861 24.31 -19.46 -12.31
N ARG A 862 23.56 -20.50 -12.67
CA ARG A 862 22.29 -20.77 -12.00
C ARG A 862 22.48 -20.96 -10.51
N LYS A 863 23.51 -21.72 -10.11
CA LYS A 863 23.66 -22.06 -8.71
C LYS A 863 23.91 -20.85 -7.83
N ASN A 864 24.24 -19.71 -8.44
CA ASN A 864 24.55 -18.51 -7.67
C ASN A 864 23.31 -17.84 -7.10
N ILE A 865 22.21 -17.86 -7.82
CA ILE A 865 20.98 -17.21 -7.39
C ILE A 865 19.86 -18.20 -7.09
N SER A 866 20.00 -19.46 -7.47
CA SER A 866 18.94 -20.42 -7.27
C SER A 866 18.73 -20.70 -5.79
N ALA A 867 17.55 -21.21 -5.47
CA ALA A 867 17.23 -21.58 -4.09
C ALA A 867 18.09 -22.76 -3.66
N PRO A 868 18.23 -22.99 -2.35
CA PRO A 868 19.17 -24.02 -1.89
C PRO A 868 18.94 -25.38 -2.51
N HIS A 869 17.68 -25.80 -2.67
CA HIS A 869 17.38 -27.15 -3.13
C HIS A 869 17.20 -27.22 -4.64
N GLU A 870 16.37 -26.35 -5.20
CA GLU A 870 16.12 -26.36 -6.63
C GLU A 870 17.37 -25.93 -7.39
N ASP A 871 17.48 -26.40 -8.63
CA ASP A 871 18.66 -26.15 -9.45
C ASP A 871 18.52 -24.94 -10.38
N TRP A 872 17.35 -24.30 -10.40
CA TRP A 872 17.15 -23.15 -11.27
C TRP A 872 16.54 -22.00 -10.48
N PRO A 873 16.87 -20.75 -10.83
CA PRO A 873 16.15 -19.63 -10.22
C PRO A 873 14.67 -19.67 -10.58
N ARG A 874 13.84 -19.29 -9.60
CA ARG A 874 12.40 -19.25 -9.85
C ARG A 874 12.08 -18.23 -10.95
N TRP A 875 12.69 -17.06 -10.86
CA TRP A 875 12.55 -16.00 -11.86
C TRP A 875 13.90 -15.75 -12.50
N HIS A 876 13.99 -15.93 -13.81
CA HIS A 876 15.21 -15.69 -14.54
C HIS A 876 14.88 -15.10 -15.90
N MET A 877 15.88 -15.07 -16.77
CA MET A 877 15.78 -14.36 -18.04
C MET A 877 16.34 -15.19 -19.19
N HIS A 878 16.33 -16.52 -19.04
CA HIS A 878 16.94 -17.39 -20.04
C HIS A 878 16.12 -17.41 -21.32
N ASP A 879 14.86 -17.79 -21.24
CA ASP A 879 13.99 -17.88 -22.40
C ASP A 879 13.04 -16.69 -22.44
N PHE A 880 12.50 -16.44 -23.64
CA PHE A 880 11.71 -15.23 -23.86
C PHE A 880 10.54 -15.15 -22.88
N PHE A 881 9.90 -16.28 -22.60
CA PHE A 881 8.76 -16.24 -21.70
C PHE A 881 9.16 -15.70 -20.33
N HIS A 882 10.25 -16.21 -19.78
CA HIS A 882 10.67 -15.76 -18.46
C HIS A 882 11.21 -14.34 -18.49
N SER A 883 11.85 -13.94 -19.60
CA SER A 883 12.28 -12.54 -19.70
C SER A 883 11.09 -11.60 -19.71
N PHE A 884 10.04 -11.97 -20.45
CA PHE A 884 8.84 -11.15 -20.48
C PHE A 884 8.17 -11.12 -19.11
N LEU A 885 8.15 -12.25 -18.40
CA LEU A 885 7.59 -12.24 -17.06
C LEU A 885 8.43 -11.37 -16.12
N ILE A 886 9.74 -11.35 -16.31
CA ILE A 886 10.59 -10.46 -15.52
C ILE A 886 10.23 -9.00 -15.80
N VAL A 887 10.09 -8.65 -17.06
CA VAL A 887 9.75 -7.27 -17.40
C VAL A 887 8.37 -6.91 -16.86
N PHE A 888 7.43 -7.86 -16.88
CA PHE A 888 6.12 -7.62 -16.31
C PHE A 888 6.21 -7.42 -14.80
N ARG A 889 7.08 -8.17 -14.13
CA ARG A 889 7.28 -7.97 -12.70
C ARG A 889 7.84 -6.57 -12.43
N ILE A 890 8.76 -6.11 -13.28
CA ILE A 890 9.27 -4.75 -13.14
C ILE A 890 8.12 -3.75 -13.26
N LEU A 891 7.32 -3.88 -14.32
CA LEU A 891 6.18 -3.00 -14.53
C LEU A 891 5.14 -3.10 -13.42
N CYS A 892 5.08 -4.22 -12.72
CA CYS A 892 4.14 -4.45 -11.64
C CYS A 892 4.53 -3.75 -10.35
N GLY A 893 5.73 -3.18 -10.27
CA GLY A 893 6.19 -2.55 -9.06
C GLY A 893 7.07 -3.40 -8.18
N GLU A 894 7.87 -4.29 -8.76
CA GLU A 894 8.79 -5.13 -8.00
C GLU A 894 10.03 -5.35 -8.86
N TRP A 895 11.13 -4.69 -8.51
CA TRP A 895 12.32 -4.70 -9.35
C TRP A 895 13.62 -5.04 -8.63
N ILE A 896 13.77 -4.68 -7.35
CA ILE A 896 15.06 -4.89 -6.68
C ILE A 896 15.32 -6.38 -6.47
N GLU A 897 14.27 -7.15 -6.20
CA GLU A 897 14.45 -8.57 -5.91
C GLU A 897 15.15 -9.27 -7.06
N ASN A 898 14.79 -8.92 -8.30
CA ASN A 898 15.46 -9.46 -9.47
C ASN A 898 16.69 -8.66 -9.86
N MET A 899 16.78 -7.39 -9.45
CA MET A 899 17.96 -6.59 -9.71
C MET A 899 19.18 -7.18 -9.01
N TRP A 900 19.05 -7.40 -7.72
CA TRP A 900 20.17 -7.94 -6.99
C TRP A 900 20.69 -9.14 -7.69
N ALA A 901 19.80 -10.12 -7.92
CA ALA A 901 20.20 -11.41 -8.51
C ALA A 901 20.80 -11.19 -9.90
N CYS A 902 20.24 -10.25 -10.66
CA CYS A 902 20.74 -10.05 -12.04
C CYS A 902 22.11 -9.35 -11.99
N MET A 903 22.50 -8.86 -10.81
CA MET A 903 23.85 -8.27 -10.63
C MET A 903 24.86 -9.40 -10.39
N GLU A 904 24.48 -10.45 -9.65
CA GLU A 904 25.37 -11.59 -9.44
C GLU A 904 25.34 -12.61 -10.58
N VAL A 905 24.82 -12.22 -11.74
CA VAL A 905 24.98 -13.04 -12.94
C VAL A 905 25.45 -12.26 -14.14
N GLY A 906 25.43 -10.92 -14.12
CA GLY A 906 25.96 -10.13 -15.19
C GLY A 906 26.77 -8.95 -14.66
N GLN A 907 27.38 -8.22 -15.59
CA GLN A 907 28.09 -7.01 -15.22
C GLN A 907 27.13 -6.04 -14.54
N LYS A 908 27.57 -5.48 -13.40
CA LYS A 908 26.69 -4.60 -12.65
C LYS A 908 26.24 -3.41 -13.49
N SER A 909 27.13 -2.90 -14.36
CA SER A 909 26.79 -1.71 -15.14
C SER A 909 25.62 -1.96 -16.07
N ILE A 910 25.71 -3.03 -16.87
CA ILE A 910 24.69 -3.33 -17.93
C ILE A 910 23.37 -3.76 -17.29
N CYS A 911 23.43 -4.51 -16.20
CA CYS A 911 22.18 -5.02 -15.58
C CYS A 911 21.51 -3.88 -14.79
N LEU A 912 22.29 -2.91 -14.32
CA LEU A 912 21.73 -1.77 -13.53
C LEU A 912 21.02 -0.79 -14.47
N ILE A 913 21.60 -0.49 -15.63
CA ILE A 913 20.92 0.40 -16.57
C ILE A 913 19.59 -0.20 -17.00
N LEU A 914 19.60 -1.47 -17.38
CA LEU A 914 18.40 -2.08 -17.97
C LEU A 914 17.25 -2.13 -16.96
N PHE A 915 17.56 -2.46 -15.71
CA PHE A 915 16.50 -2.57 -14.71
C PHE A 915 15.92 -1.21 -14.37
N LEU A 916 16.77 -0.18 -14.30
CA LEU A 916 16.28 1.15 -13.96
C LEU A 916 15.52 1.77 -15.13
N THR A 917 16.07 1.66 -16.34
CA THR A 917 15.41 2.28 -17.50
C THR A 917 14.03 1.67 -17.72
N VAL A 918 13.91 0.35 -17.54
CA VAL A 918 12.61 -0.30 -17.73
C VAL A 918 11.59 0.26 -16.75
N MET A 919 12.01 0.44 -15.48
CA MET A 919 11.09 0.95 -14.47
C MET A 919 10.60 2.35 -14.81
N VAL A 920 11.52 3.28 -15.06
CA VAL A 920 11.13 4.67 -15.29
C VAL A 920 10.29 4.77 -16.56
N LEU A 921 10.80 4.22 -17.66
CA LEU A 921 10.04 4.24 -18.91
C LEU A 921 8.77 3.41 -18.79
N GLY A 922 8.85 2.24 -18.16
CA GLY A 922 7.69 1.39 -18.05
C GLY A 922 6.57 2.02 -17.24
N ASN A 923 6.91 2.57 -16.08
CA ASN A 923 5.88 3.15 -15.22
C ASN A 923 5.38 4.47 -15.76
N LEU A 924 6.18 5.16 -16.58
CA LEU A 924 5.72 6.37 -17.22
C LEU A 924 4.71 6.07 -18.32
N VAL A 925 5.01 5.07 -19.16
CA VAL A 925 4.12 4.73 -20.25
C VAL A 925 2.80 4.18 -19.71
N VAL A 926 2.86 3.33 -18.69
CA VAL A 926 1.64 2.77 -18.12
C VAL A 926 0.76 3.89 -17.57
N LEU A 927 1.32 4.77 -16.76
CA LEU A 927 0.55 5.89 -16.24
C LEU A 927 0.14 6.88 -17.32
N ASN A 928 0.74 6.78 -18.51
CA ASN A 928 0.25 7.56 -19.64
C ASN A 928 -1.05 6.98 -20.19
N LEU A 929 -1.18 5.65 -20.20
CA LEU A 929 -2.45 5.04 -20.58
C LEU A 929 -3.51 5.32 -19.52
N PHE A 930 -3.16 5.12 -18.25
CA PHE A 930 -4.15 5.26 -17.19
C PHE A 930 -4.83 6.62 -17.22
N ILE A 931 -4.11 7.66 -17.64
CA ILE A 931 -4.72 8.98 -17.75
C ILE A 931 -5.47 9.14 -19.07
N ALA A 932 -4.97 8.57 -20.16
CA ALA A 932 -5.67 8.65 -21.43
C ALA A 932 -7.04 8.00 -21.34
N LEU A 933 -7.13 6.85 -20.68
CA LEU A 933 -8.42 6.20 -20.44
C LEU A 933 -9.28 6.99 -19.47
N LEU A 934 -8.66 7.66 -18.50
CA LEU A 934 -9.39 8.40 -17.48
C LEU A 934 -9.94 9.72 -17.97
N LEU A 935 -9.51 10.20 -19.15
CA LEU A 935 -9.97 11.48 -19.67
C LEU A 935 -10.83 11.36 -20.92
N ASN A 936 -10.90 10.17 -21.53
CA ASN A 936 -11.80 9.95 -22.66
C ASN A 936 -13.13 9.33 -22.22
N SER A 937 -13.07 8.24 -21.45
CA SER A 937 -14.29 7.59 -21.00
C SER A 937 -15.08 8.49 -20.06
N PHE A 938 -14.40 9.19 -19.17
CA PHE A 938 -15.03 10.13 -18.24
C PHE A 938 -14.79 11.56 -18.69
N SER A 939 -15.87 12.33 -18.80
CA SER A 939 -15.83 13.74 -19.18
C SER A 939 -15.53 13.93 -20.67
N ALA A 940 -15.84 12.94 -21.49
CA ALA A 940 -15.61 13.04 -22.93
C ALA A 940 -16.31 11.90 -23.66
N ASP A 1181 -45.22 21.93 32.71
CA ASP A 1181 -44.84 22.10 34.10
C ASP A 1181 -43.34 22.34 34.23
N VAL A 1182 -42.82 22.20 35.45
CA VAL A 1182 -41.41 22.47 35.70
C VAL A 1182 -40.52 21.50 34.93
N GLY A 1183 -41.04 20.35 34.54
CA GLY A 1183 -40.24 19.41 33.77
C GLY A 1183 -39.75 20.00 32.47
N TRP A 1184 -40.60 20.76 31.79
CA TRP A 1184 -40.18 21.40 30.54
C TRP A 1184 -39.09 22.44 30.79
N GLN A 1185 -39.20 23.18 31.90
CA GLN A 1185 -38.15 24.12 32.26
C GLN A 1185 -36.83 23.39 32.50
N VAL A 1186 -36.89 22.25 33.19
CA VAL A 1186 -35.68 21.47 33.42
C VAL A 1186 -35.11 20.98 32.10
N ARG A 1187 -35.98 20.57 31.18
CA ARG A 1187 -35.52 20.11 29.87
C ARG A 1187 -34.80 21.23 29.12
N LYS A 1188 -35.37 22.43 29.14
CA LYS A 1188 -34.73 23.55 28.46
C LYS A 1188 -33.40 23.89 29.11
N THR A 1189 -33.35 23.86 30.44
CA THR A 1189 -32.10 24.13 31.14
C THR A 1189 -31.04 23.11 30.77
N CYS A 1190 -31.40 21.83 30.71
CA CYS A 1190 -30.46 20.79 30.31
C CYS A 1190 -29.99 20.98 28.88
N TYR A 1191 -30.91 21.37 27.99
CA TYR A 1191 -30.54 21.62 26.61
C TYR A 1191 -29.51 22.74 26.53
N ARG A 1192 -29.73 23.82 27.27
CA ARG A 1192 -28.75 24.91 27.29
C ARG A 1192 -27.43 24.45 27.90
N ILE A 1193 -27.50 23.63 28.95
CA ILE A 1193 -26.29 23.19 29.63
C ILE A 1193 -25.43 22.33 28.71
N VAL A 1194 -26.06 21.44 27.94
CA VAL A 1194 -25.30 20.54 27.07
C VAL A 1194 -24.43 21.32 26.11
N GLU A 1195 -24.95 22.44 25.60
CA GLU A 1195 -24.18 23.26 24.67
C GLU A 1195 -23.03 23.99 25.34
N HIS A 1196 -22.96 23.97 26.67
CA HIS A 1196 -21.91 24.67 27.38
C HIS A 1196 -20.54 24.06 27.09
N SER A 1197 -19.53 24.91 27.03
CA SER A 1197 -18.17 24.45 26.80
C SER A 1197 -17.69 23.53 27.91
N TRP A 1198 -18.06 23.86 29.16
CA TRP A 1198 -17.58 23.08 30.30
C TRP A 1198 -17.91 21.60 30.14
N PHE A 1199 -18.99 21.28 29.44
CA PHE A 1199 -19.35 19.89 29.18
C PHE A 1199 -18.89 19.42 27.80
N GLU A 1200 -18.97 20.29 26.78
CA GLU A 1200 -18.55 19.87 25.44
C GLU A 1200 -17.08 19.50 25.41
N SER A 1201 -16.21 20.38 25.90
CA SER A 1201 -14.78 20.09 25.89
C SER A 1201 -14.46 18.91 26.80
N PHE A 1202 -15.13 18.84 27.95
CA PHE A 1202 -14.93 17.70 28.83
C PHE A 1202 -15.21 16.40 28.09
N ILE A 1203 -16.32 16.33 27.36
CA ILE A 1203 -16.70 15.10 26.63
C ILE A 1203 -15.67 14.87 25.51
N ILE A 1204 -15.22 15.92 24.83
CA ILE A 1204 -14.28 15.78 23.69
C ILE A 1204 -12.99 15.12 24.17
N PHE A 1205 -12.46 15.53 25.32
CA PHE A 1205 -11.15 15.01 25.81
C PHE A 1205 -11.38 13.81 26.71
N MET A 1206 -12.63 13.47 27.02
CA MET A 1206 -12.92 12.21 27.77
C MET A 1206 -13.18 11.15 26.71
N ILE A 1207 -13.41 11.56 25.46
CA ILE A 1207 -13.58 10.60 24.33
C ILE A 1207 -12.18 10.35 23.77
N LEU A 1208 -11.26 11.31 23.92
CA LEU A 1208 -9.87 11.08 23.48
C LEU A 1208 -9.14 10.16 24.45
N LEU A 1209 -9.28 10.42 25.76
CA LEU A 1209 -8.61 9.59 26.75
C LEU A 1209 -9.15 8.16 26.74
N SER A 1210 -10.47 8.01 26.57
CA SER A 1210 -11.07 6.67 26.49
C SER A 1210 -10.51 5.90 25.30
N SER A 1211 -10.41 6.55 24.14
CA SER A 1211 -9.83 5.89 22.98
C SER A 1211 -8.37 5.52 23.24
N GLY A 1212 -7.61 6.44 23.83
CA GLY A 1212 -6.21 6.17 24.08
C GLY A 1212 -5.97 5.02 25.04
N SER A 1213 -6.84 4.87 26.04
CA SER A 1213 -6.63 3.88 27.08
C SER A 1213 -6.56 2.46 26.54
N LEU A 1214 -7.08 2.21 25.34
CA LEU A 1214 -7.08 0.87 24.79
C LEU A 1214 -5.70 0.42 24.35
N ALA A 1215 -4.81 1.36 24.00
CA ALA A 1215 -3.49 0.98 23.50
C ALA A 1215 -2.70 0.16 24.52
N PHE A 1216 -3.04 0.26 25.79
CA PHE A 1216 -2.33 -0.47 26.83
C PHE A 1216 -2.87 -1.88 27.04
N GLU A 1217 -3.91 -2.27 26.29
CA GLU A 1217 -4.48 -3.61 26.41
C GLU A 1217 -3.78 -4.55 25.41
N ASP A 1218 -2.52 -4.82 25.71
CA ASP A 1218 -1.67 -5.66 24.87
C ASP A 1218 -1.45 -7.03 25.50
N TYR A 1219 -0.78 -7.89 24.75
CA TYR A 1219 -0.53 -9.25 25.23
C TYR A 1219 0.31 -9.24 26.49
N TYR A 1220 1.34 -8.38 26.54
CA TYR A 1220 2.19 -8.29 27.71
C TYR A 1220 1.46 -7.74 28.93
N LEU A 1221 0.25 -7.19 28.75
CA LEU A 1221 -0.49 -6.67 29.88
C LEU A 1221 -0.71 -7.73 30.95
N ASP A 1222 -0.72 -9.00 30.57
CA ASP A 1222 -0.86 -10.08 31.55
C ASP A 1222 0.23 -10.01 32.61
N GLN A 1223 1.42 -9.51 32.26
CA GLN A 1223 2.54 -9.46 33.18
C GLN A 1223 2.49 -8.25 34.10
N LYS A 1224 1.51 -7.38 33.95
CA LYS A 1224 1.38 -6.16 34.75
C LYS A 1224 -0.02 -6.14 35.35
N PRO A 1225 -0.25 -6.93 36.40
CA PRO A 1225 -1.61 -7.02 36.96
C PRO A 1225 -2.18 -5.69 37.41
N THR A 1226 -1.34 -4.80 37.95
CA THR A 1226 -1.82 -3.50 38.37
C THR A 1226 -2.35 -2.69 37.18
N VAL A 1227 -1.63 -2.74 36.05
CA VAL A 1227 -2.01 -1.94 34.89
C VAL A 1227 -3.37 -2.38 34.37
N LYS A 1228 -3.61 -3.69 34.27
CA LYS A 1228 -4.89 -4.16 33.77
C LYS A 1228 -6.03 -3.81 34.72
N ALA A 1229 -5.77 -3.89 36.02
CA ALA A 1229 -6.79 -3.50 36.99
C ALA A 1229 -7.15 -2.02 36.85
N LEU A 1230 -6.14 -1.16 36.73
CA LEU A 1230 -6.39 0.26 36.53
C LEU A 1230 -7.16 0.48 35.24
N LEU A 1231 -6.80 -0.25 34.18
CA LEU A 1231 -7.48 -0.09 32.90
C LEU A 1231 -8.95 -0.47 33.01
N GLU A 1232 -9.26 -1.55 33.75
CA GLU A 1232 -10.65 -1.97 33.82
C GLU A 1232 -11.46 -1.03 34.72
N TYR A 1233 -10.85 -0.52 35.79
CA TYR A 1233 -11.50 0.57 36.54
C TYR A 1233 -11.81 1.73 35.61
N THR A 1234 -10.84 2.15 34.80
CA THR A 1234 -11.06 3.27 33.91
C THR A 1234 -12.18 2.98 32.93
N ASP A 1235 -12.22 1.76 32.41
CA ASP A 1235 -13.25 1.40 31.45
C ASP A 1235 -14.65 1.48 32.09
N ARG A 1236 -14.78 0.94 33.31
CA ARG A 1236 -16.09 0.98 33.95
C ARG A 1236 -16.52 2.42 34.26
N VAL A 1237 -15.60 3.24 34.76
CA VAL A 1237 -15.95 4.63 35.05
C VAL A 1237 -16.32 5.34 33.76
N PHE A 1238 -15.61 5.03 32.67
CA PHE A 1238 -15.85 5.72 31.40
C PHE A 1238 -17.20 5.33 30.83
N THR A 1239 -17.58 4.05 30.91
CA THR A 1239 -18.88 3.65 30.41
C THR A 1239 -20.00 4.24 31.27
N PHE A 1240 -19.80 4.32 32.59
CA PHE A 1240 -20.79 4.98 33.43
C PHE A 1240 -20.95 6.44 33.03
N ILE A 1241 -19.84 7.14 32.81
CA ILE A 1241 -19.90 8.54 32.41
C ILE A 1241 -20.63 8.69 31.09
N PHE A 1242 -20.35 7.79 30.13
CA PHE A 1242 -20.98 7.89 28.82
C PHE A 1242 -22.47 7.61 28.92
N VAL A 1243 -22.89 6.68 29.79
CA VAL A 1243 -24.31 6.43 29.99
C VAL A 1243 -24.98 7.68 30.57
N PHE A 1244 -24.34 8.31 31.55
CA PHE A 1244 -24.91 9.53 32.11
C PHE A 1244 -25.05 10.61 31.03
N GLU A 1245 -24.02 10.77 30.21
CA GLU A 1245 -24.08 11.76 29.13
C GLU A 1245 -25.20 11.42 28.16
N MET A 1246 -25.37 10.14 27.83
CA MET A 1246 -26.39 9.75 26.88
C MET A 1246 -27.79 10.04 27.43
N LEU A 1247 -28.04 9.71 28.69
CA LEU A 1247 -29.36 9.94 29.25
C LEU A 1247 -29.64 11.43 29.39
N LEU A 1248 -28.62 12.21 29.74
CA LEU A 1248 -28.80 13.66 29.74
C LEU A 1248 -29.15 14.18 28.36
N LYS A 1249 -28.45 13.70 27.33
CA LYS A 1249 -28.72 14.16 25.97
C LYS A 1249 -30.12 13.75 25.54
N TRP A 1250 -30.57 12.57 25.95
CA TRP A 1250 -31.94 12.15 25.65
C TRP A 1250 -32.95 13.08 26.33
N VAL A 1251 -32.81 13.29 27.63
CA VAL A 1251 -33.78 14.10 28.34
C VAL A 1251 -33.77 15.55 27.87
N ALA A 1252 -32.67 16.00 27.25
CA ALA A 1252 -32.61 17.38 26.78
C ALA A 1252 -33.10 17.52 25.34
N TYR A 1253 -32.48 16.80 24.40
CA TYR A 1253 -32.73 17.03 22.99
C TYR A 1253 -34.09 16.50 22.56
N GLY A 1254 -34.50 15.36 23.10
CA GLY A 1254 -35.75 14.73 22.70
C GLY A 1254 -35.51 13.51 21.83
N PHE A 1255 -36.45 12.56 21.89
CA PHE A 1255 -36.25 11.27 21.24
C PHE A 1255 -36.13 11.42 19.73
N LYS A 1256 -37.09 12.10 19.10
CA LYS A 1256 -37.06 12.23 17.65
C LYS A 1256 -35.88 13.08 17.20
N LYS A 1257 -35.62 14.19 17.90
CA LYS A 1257 -34.50 15.04 17.54
C LYS A 1257 -33.19 14.27 17.61
N TYR A 1258 -33.01 13.47 18.66
CA TYR A 1258 -31.77 12.71 18.81
C TYR A 1258 -31.66 11.64 17.73
N PHE A 1259 -32.71 10.86 17.52
CA PHE A 1259 -32.61 9.73 16.59
C PHE A 1259 -32.62 10.17 15.13
N THR A 1260 -32.98 11.42 14.86
CA THR A 1260 -32.88 11.91 13.48
C THR A 1260 -31.44 11.96 13.01
N ASN A 1261 -30.53 12.39 13.88
CA ASN A 1261 -29.14 12.58 13.49
C ASN A 1261 -28.46 11.25 13.17
N ALA A 1262 -27.50 11.30 12.25
CA ALA A 1262 -26.82 10.08 11.82
C ALA A 1262 -25.79 9.61 12.85
N TRP A 1263 -25.11 10.57 13.48
CA TRP A 1263 -24.02 10.24 14.43
C TRP A 1263 -24.62 9.87 15.77
N CYS A 1264 -25.80 10.41 16.08
CA CYS A 1264 -26.45 10.15 17.39
C CYS A 1264 -26.53 8.64 17.60
N TRP A 1265 -26.93 7.87 16.59
CA TRP A 1265 -27.13 6.40 16.75
C TRP A 1265 -25.80 5.67 16.56
N LEU A 1266 -24.75 6.31 16.03
CA LEU A 1266 -23.41 5.68 15.91
C LEU A 1266 -22.84 5.66 17.33
N ASP A 1267 -23.29 6.59 18.17
CA ASP A 1267 -22.89 6.60 19.57
C ASP A 1267 -23.77 5.67 20.39
N PHE A 1268 -25.07 5.62 20.06
CA PHE A 1268 -26.00 4.77 20.80
C PHE A 1268 -25.61 3.30 20.69
N LEU A 1269 -25.32 2.84 19.46
CA LEU A 1269 -24.98 1.43 19.28
C LEU A 1269 -23.61 1.11 19.88
N ILE A 1270 -22.66 2.04 19.82
CA ILE A 1270 -21.38 1.80 20.49
C ILE A 1270 -21.59 1.64 21.98
N VAL A 1271 -22.40 2.53 22.57
CA VAL A 1271 -22.66 2.48 24.00
C VAL A 1271 -23.35 1.17 24.37
N ASN A 1272 -24.34 0.75 23.56
CA ASN A 1272 -25.03 -0.50 23.86
C ASN A 1272 -24.11 -1.69 23.73
N ILE A 1273 -23.25 -1.71 22.70
CA ILE A 1273 -22.30 -2.80 22.56
C ILE A 1273 -21.46 -2.91 23.81
N SER A 1274 -20.87 -1.79 24.24
CA SER A 1274 -20.07 -1.81 25.46
C SER A 1274 -20.90 -2.26 26.66
N LEU A 1275 -22.14 -1.76 26.77
CA LEU A 1275 -22.96 -2.06 27.94
C LEU A 1275 -23.26 -3.54 28.03
N ILE A 1276 -23.74 -4.15 26.94
CA ILE A 1276 -24.10 -5.56 26.99
C ILE A 1276 -22.86 -6.41 27.18
N SER A 1277 -21.73 -6.02 26.57
CA SER A 1277 -20.50 -6.77 26.77
C SER A 1277 -20.09 -6.78 28.24
N LEU A 1278 -20.08 -5.60 28.87
CA LEU A 1278 -19.66 -5.53 30.26
C LEU A 1278 -20.65 -6.21 31.19
N THR A 1279 -21.95 -6.12 30.87
CA THR A 1279 -22.94 -6.84 31.68
C THR A 1279 -22.71 -8.34 31.60
N ALA A 1280 -22.43 -8.86 30.40
CA ALA A 1280 -22.13 -10.27 30.27
C ALA A 1280 -20.88 -10.63 31.07
N LYS A 1281 -19.85 -9.78 31.00
CA LYS A 1281 -18.63 -10.07 31.75
C LYS A 1281 -18.90 -10.12 33.25
N ILE A 1282 -19.65 -9.16 33.77
CA ILE A 1282 -19.87 -9.09 35.21
C ILE A 1282 -20.89 -10.12 35.68
N LEU A 1283 -21.72 -10.65 34.78
CA LEU A 1283 -22.71 -11.66 35.14
C LEU A 1283 -22.13 -13.07 35.22
N GLU A 1284 -20.80 -13.19 35.29
CA GLU A 1284 -20.15 -14.50 35.35
C GLU A 1284 -20.54 -15.35 34.15
N TYR A 1285 -20.64 -14.71 32.98
CA TYR A 1285 -20.98 -15.38 31.73
C TYR A 1285 -19.95 -15.08 30.66
N SER A 1286 -18.70 -14.83 31.07
CA SER A 1286 -17.65 -14.47 30.12
C SER A 1286 -17.02 -15.71 29.52
N GLU A 1287 -17.83 -16.58 28.93
CA GLU A 1287 -17.35 -17.76 28.24
C GLU A 1287 -18.07 -18.02 26.92
N VAL A 1288 -19.21 -17.39 26.67
CA VAL A 1288 -19.92 -17.56 25.41
C VAL A 1288 -19.07 -17.02 24.27
N ALA A 1289 -18.99 -17.79 23.19
CA ALA A 1289 -18.18 -17.36 22.05
C ALA A 1289 -18.70 -16.07 21.42
N PRO A 1290 -20.01 -15.90 21.18
CA PRO A 1290 -20.49 -14.58 20.76
C PRO A 1290 -20.15 -13.46 21.72
N ILE A 1291 -20.22 -13.72 23.03
CA ILE A 1291 -19.87 -12.68 24.00
C ILE A 1291 -18.40 -12.30 23.88
N LYS A 1292 -17.53 -13.30 23.72
CA LYS A 1292 -16.11 -13.03 23.55
C LYS A 1292 -15.86 -12.24 22.27
N ALA A 1293 -16.54 -12.62 21.18
CA ALA A 1293 -16.37 -11.89 19.93
C ALA A 1293 -16.82 -10.44 20.08
N LEU A 1294 -17.96 -10.22 20.75
CA LEU A 1294 -18.44 -8.87 20.98
C LEU A 1294 -17.44 -8.06 21.80
N ARG A 1295 -16.90 -8.66 22.87
CA ARG A 1295 -15.86 -7.99 23.64
C ARG A 1295 -14.67 -7.64 22.76
N THR A 1296 -14.36 -8.51 21.80
CA THR A 1296 -13.30 -8.20 20.85
C THR A 1296 -13.63 -7.00 19.98
N LEU A 1297 -14.90 -6.60 19.92
CA LEU A 1297 -15.32 -5.43 19.17
C LEU A 1297 -15.25 -4.16 19.98
N ARG A 1298 -14.63 -4.20 21.17
CA ARG A 1298 -14.41 -2.98 21.94
C ARG A 1298 -13.47 -2.02 21.22
N ALA A 1299 -12.78 -2.48 20.19
CA ALA A 1299 -11.97 -1.60 19.35
C ALA A 1299 -12.81 -0.55 18.62
N LEU A 1300 -14.13 -0.57 18.78
CA LEU A 1300 -14.98 0.48 18.24
C LEU A 1300 -15.07 1.71 19.12
N ARG A 1301 -14.43 1.69 20.30
CA ARG A 1301 -14.53 2.85 21.18
C ARG A 1301 -13.93 4.10 20.56
N PRO A 1302 -12.75 4.06 19.94
CA PRO A 1302 -12.21 5.29 19.32
C PRO A 1302 -13.09 5.84 18.21
N LEU A 1303 -14.01 5.05 17.66
CA LEU A 1303 -14.90 5.56 16.63
C LEU A 1303 -15.72 6.74 17.13
N ARG A 1304 -15.90 6.85 18.46
CA ARG A 1304 -16.76 7.88 19.03
C ARG A 1304 -16.22 9.29 18.87
N ALA A 1305 -14.97 9.46 18.44
CA ALA A 1305 -14.36 10.77 18.31
C ALA A 1305 -14.51 11.38 16.92
N LEU A 1306 -15.25 10.71 16.02
CA LEU A 1306 -15.43 11.21 14.64
C LEU A 1306 -16.36 12.42 14.62
N SER A 1307 -17.46 12.41 15.39
CA SER A 1307 -18.41 13.50 15.37
C SER A 1307 -17.86 14.75 16.03
N ARG A 1308 -17.16 14.58 17.16
CA ARG A 1308 -16.77 15.74 17.97
C ARG A 1308 -15.85 16.67 17.19
N PHE A 1309 -14.83 16.11 16.53
CA PHE A 1309 -13.85 16.93 15.84
C PHE A 1309 -14.43 17.48 14.55
N GLU A 1310 -14.28 18.79 14.34
CA GLU A 1310 -14.89 19.44 13.18
C GLU A 1310 -14.32 18.89 11.89
N GLY A 1311 -12.98 18.81 11.80
CA GLY A 1311 -12.36 18.36 10.56
C GLY A 1311 -12.65 16.89 10.27
N MET A 1312 -12.56 16.03 11.28
CA MET A 1312 -12.83 14.62 11.06
C MET A 1312 -14.28 14.41 10.67
N ARG A 1313 -15.20 15.14 11.30
CA ARG A 1313 -16.60 15.04 10.92
C ARG A 1313 -16.81 15.50 9.48
N VAL A 1314 -16.14 16.58 9.08
CA VAL A 1314 -16.30 17.09 7.72
C VAL A 1314 -15.81 16.06 6.72
N VAL A 1315 -14.64 15.47 6.97
CA VAL A 1315 -14.10 14.49 6.03
C VAL A 1315 -14.96 13.24 6.01
N VAL A 1316 -15.52 12.85 7.17
CA VAL A 1316 -16.41 11.70 7.19
C VAL A 1316 -17.65 11.97 6.33
N ASP A 1317 -18.21 13.17 6.43
CA ASP A 1317 -19.33 13.53 5.59
C ASP A 1317 -18.95 13.48 4.11
N ALA A 1318 -17.77 14.01 3.78
CA ALA A 1318 -17.32 14.00 2.39
C ALA A 1318 -17.19 12.57 1.87
N LEU A 1319 -16.67 11.65 2.70
CA LEU A 1319 -16.57 10.26 2.29
C LEU A 1319 -17.94 9.62 2.13
N VAL A 1320 -18.84 9.84 3.09
CA VAL A 1320 -20.17 9.26 3.02
C VAL A 1320 -20.92 9.79 1.81
N GLY A 1321 -20.51 10.95 1.30
CA GLY A 1321 -21.15 11.51 0.13
C GLY A 1321 -20.92 10.74 -1.16
N ALA A 1322 -20.05 9.73 -1.15
CA ALA A 1322 -19.72 8.98 -2.35
C ALA A 1322 -20.06 7.49 -2.24
N ILE A 1323 -20.74 7.07 -1.17
CA ILE A 1323 -21.15 5.67 -1.07
C ILE A 1323 -22.06 5.26 -2.22
N PRO A 1324 -23.05 6.05 -2.61
CA PRO A 1324 -23.87 5.65 -3.77
C PRO A 1324 -23.05 5.48 -5.03
N SER A 1325 -22.03 6.32 -5.23
CA SER A 1325 -21.21 6.26 -6.43
C SER A 1325 -20.10 5.23 -6.34
N ILE A 1326 -19.86 4.64 -5.17
CA ILE A 1326 -18.81 3.65 -5.02
C ILE A 1326 -19.41 2.25 -5.01
N MET A 1327 -20.66 2.13 -4.54
CA MET A 1327 -21.27 0.81 -4.45
C MET A 1327 -21.42 0.17 -5.83
N ASN A 1328 -21.81 0.96 -6.84
CA ASN A 1328 -22.00 0.40 -8.17
C ASN A 1328 -20.69 -0.16 -8.74
N VAL A 1329 -19.60 0.61 -8.60
CA VAL A 1329 -18.32 0.14 -9.10
C VAL A 1329 -17.84 -1.06 -8.30
N LEU A 1330 -18.12 -1.09 -7.00
CA LEU A 1330 -17.78 -2.25 -6.20
C LEU A 1330 -18.49 -3.50 -6.71
N LEU A 1331 -19.79 -3.37 -7.01
CA LEU A 1331 -20.54 -4.51 -7.53
C LEU A 1331 -20.00 -4.96 -8.88
N VAL A 1332 -19.70 -4.01 -9.76
CA VAL A 1332 -19.15 -4.38 -11.07
C VAL A 1332 -17.81 -5.09 -10.91
N CYS A 1333 -16.93 -4.58 -10.05
CA CYS A 1333 -15.65 -5.25 -9.81
C CYS A 1333 -15.86 -6.64 -9.23
N LEU A 1334 -16.81 -6.78 -8.30
CA LEU A 1334 -17.06 -8.10 -7.71
C LEU A 1334 -17.52 -9.10 -8.76
N ILE A 1335 -18.38 -8.67 -9.69
CA ILE A 1335 -18.80 -9.60 -10.74
C ILE A 1335 -17.64 -9.93 -11.69
N PHE A 1336 -16.91 -8.92 -12.14
CA PHE A 1336 -15.78 -9.12 -13.04
C PHE A 1336 -14.65 -9.89 -12.38
N TRP A 1337 -14.67 -10.00 -11.05
CA TRP A 1337 -13.76 -10.87 -10.31
C TRP A 1337 -14.33 -12.25 -10.06
N LEU A 1338 -15.65 -12.37 -9.96
CA LEU A 1338 -16.28 -13.68 -9.87
C LEU A 1338 -16.00 -14.48 -11.14
N ILE A 1339 -16.01 -13.81 -12.29
CA ILE A 1339 -15.66 -14.50 -13.52
C ILE A 1339 -14.29 -15.16 -13.40
N PHE A 1340 -13.29 -14.39 -12.97
CA PHE A 1340 -11.89 -14.87 -12.88
C PHE A 1340 -11.71 -15.83 -11.71
N SER A 1341 -12.62 -15.83 -10.74
CA SER A 1341 -12.55 -16.76 -9.58
C SER A 1341 -13.26 -18.05 -9.94
N ILE A 1342 -13.98 -18.11 -11.06
CA ILE A 1342 -14.67 -19.34 -11.54
C ILE A 1342 -13.78 -19.94 -12.64
N MET A 1343 -12.95 -19.11 -13.27
CA MET A 1343 -12.00 -19.60 -14.29
C MET A 1343 -10.83 -20.23 -13.54
N GLY A 1344 -10.40 -19.65 -12.41
CA GLY A 1344 -9.27 -20.20 -11.67
C GLY A 1344 -9.62 -21.46 -10.91
N VAL A 1345 -10.81 -21.50 -10.30
CA VAL A 1345 -11.24 -22.69 -9.57
C VAL A 1345 -11.28 -23.88 -10.52
N ASN A 1346 -11.85 -23.69 -11.71
CA ASN A 1346 -11.86 -24.79 -12.71
C ASN A 1346 -10.42 -25.17 -13.09
N LEU A 1347 -9.63 -24.21 -13.58
CA LEU A 1347 -8.26 -24.52 -14.09
C LEU A 1347 -7.47 -25.33 -13.04
N PHE A 1348 -7.54 -24.95 -11.76
CA PHE A 1348 -6.71 -25.66 -10.75
C PHE A 1348 -7.36 -25.61 -9.38
N ALA A 1349 -8.01 -26.70 -8.98
CA ALA A 1349 -8.63 -26.76 -7.65
C ALA A 1349 -8.11 -27.97 -6.87
N GLY A 1350 -7.63 -27.75 -5.64
CA GLY A 1350 -7.16 -28.89 -4.82
C GLY A 1350 -5.90 -29.48 -5.42
N LYS A 1351 -5.47 -28.95 -6.56
CA LYS A 1351 -4.22 -29.42 -7.22
C LYS A 1351 -3.01 -28.74 -6.56
N PHE A 1352 -3.21 -27.93 -5.53
CA PHE A 1352 -2.09 -27.23 -4.92
C PHE A 1352 -1.43 -28.02 -3.80
N TRP A 1353 -1.99 -29.16 -3.41
CA TRP A 1353 -1.41 -29.92 -2.30
C TRP A 1353 -0.03 -30.44 -2.67
N ARG A 1354 0.82 -30.55 -1.66
CA ARG A 1354 2.19 -30.99 -1.86
C ARG A 1354 2.64 -31.79 -0.65
N CYS A 1355 3.56 -32.73 -0.88
CA CYS A 1355 4.17 -33.51 0.19
C CYS A 1355 5.46 -32.83 0.63
N ILE A 1356 5.47 -32.33 1.86
CA ILE A 1356 6.63 -31.61 2.38
C ILE A 1356 7.34 -32.47 3.41
N ASN A 1357 8.59 -32.09 3.65
CA ASN A 1357 9.40 -32.75 4.64
C ASN A 1357 9.64 -31.63 5.58
N TYR A 1358 9.34 -31.81 6.85
CA TYR A 1358 9.45 -30.72 7.82
C TYR A 1358 10.32 -31.12 8.96
N THR A 1359 11.62 -30.92 8.82
CA THR A 1359 12.55 -31.31 9.87
C THR A 1359 12.58 -30.19 10.97
N ASP A 1360 12.87 -28.91 10.61
CA ASP A 1360 12.84 -27.76 11.57
C ASP A 1360 11.87 -26.75 11.03
N GLY A 1361 11.83 -25.48 11.51
CA GLY A 1361 10.83 -24.65 10.91
C GLY A 1361 11.00 -24.78 9.42
N GLU A 1362 12.22 -24.62 8.95
CA GLU A 1362 12.45 -24.67 7.53
C GLU A 1362 12.14 -26.05 7.04
N PHE A 1363 11.50 -26.13 5.87
CA PHE A 1363 11.12 -27.42 5.33
C PHE A 1363 11.45 -27.48 3.85
N SER A 1364 11.68 -28.68 3.35
CA SER A 1364 11.99 -28.91 1.95
C SER A 1364 10.95 -29.86 1.36
N LEU A 1365 10.25 -29.41 0.33
CA LEU A 1365 9.30 -30.30 -0.34
C LEU A 1365 10.02 -31.51 -0.89
N VAL A 1366 9.47 -32.70 -0.63
CA VAL A 1366 10.18 -33.92 -0.98
C VAL A 1366 10.38 -33.98 -2.48
N PRO A 1367 11.56 -34.35 -2.99
CA PRO A 1367 11.74 -34.42 -4.44
C PRO A 1367 10.84 -35.48 -5.05
N LEU A 1368 10.42 -35.23 -6.29
CA LEU A 1368 9.51 -36.14 -6.97
C LEU A 1368 10.15 -37.50 -7.21
N SER A 1369 11.48 -37.61 -7.09
CA SER A 1369 12.12 -38.91 -7.25
C SER A 1369 11.73 -39.87 -6.12
N ILE A 1370 11.60 -39.37 -4.90
CA ILE A 1370 11.30 -40.22 -3.75
C ILE A 1370 9.80 -40.48 -3.69
N VAL A 1371 9.00 -39.42 -3.64
CA VAL A 1371 7.55 -39.51 -3.66
C VAL A 1371 7.04 -38.55 -4.73
N ASN A 1372 6.12 -39.02 -5.57
CA ASN A 1372 5.55 -38.20 -6.63
C ASN A 1372 4.04 -38.01 -6.48
N ASN A 1373 3.43 -38.73 -5.54
CA ASN A 1373 1.98 -38.64 -5.32
C ASN A 1373 1.60 -38.88 -3.86
N LYS A 1374 0.32 -38.90 -3.57
CA LYS A 1374 -0.15 -39.03 -2.19
C LYS A 1374 0.23 -40.36 -1.57
N SER A 1375 -0.11 -41.48 -2.23
CA SER A 1375 0.15 -42.77 -1.62
C SER A 1375 1.63 -42.98 -1.38
N ASP A 1376 2.46 -42.59 -2.35
CA ASP A 1376 3.91 -42.66 -2.16
C ASP A 1376 4.33 -41.87 -0.93
N CYS A 1377 3.85 -40.63 -0.82
CA CYS A 1377 4.17 -39.83 0.36
C CYS A 1377 3.60 -40.45 1.63
N LYS A 1378 2.67 -41.40 1.50
CA LYS A 1378 2.08 -42.07 2.65
C LYS A 1378 2.81 -43.35 3.01
N ILE A 1379 3.31 -44.09 2.02
CA ILE A 1379 3.95 -45.37 2.30
C ILE A 1379 5.41 -45.18 2.68
N GLN A 1380 6.05 -44.13 2.16
CA GLN A 1380 7.44 -43.83 2.45
C GLN A 1380 7.59 -42.96 3.69
N ASN A 1381 6.68 -43.01 4.66
CA ASN A 1381 6.77 -42.14 5.84
C ASN A 1381 7.72 -42.71 6.88
N SER A 1382 8.88 -43.19 6.45
CA SER A 1382 9.86 -43.81 7.33
C SER A 1382 10.78 -42.79 7.99
N THR A 1383 10.75 -41.53 7.56
CA THR A 1383 11.53 -40.48 8.21
C THR A 1383 10.79 -39.84 9.37
N GLY A 1384 9.50 -40.12 9.53
CA GLY A 1384 8.72 -39.53 10.60
C GLY A 1384 8.32 -38.09 10.37
N SER A 1385 8.58 -37.53 9.19
CA SER A 1385 8.33 -36.12 8.95
C SER A 1385 7.63 -35.79 7.64
N PHE A 1386 7.47 -36.74 6.71
CA PHE A 1386 6.78 -36.44 5.48
C PHE A 1386 5.37 -35.96 5.77
N PHE A 1387 4.98 -34.84 5.16
CA PHE A 1387 3.69 -34.21 5.41
C PHE A 1387 3.07 -33.83 4.08
N TRP A 1388 1.75 -34.01 3.97
CA TRP A 1388 0.98 -33.65 2.79
C TRP A 1388 0.03 -32.53 3.19
N VAL A 1389 0.40 -31.30 2.84
CA VAL A 1389 -0.35 -30.11 3.24
C VAL A 1389 -0.53 -29.20 2.05
N ASN A 1390 -1.57 -28.39 2.08
CA ASN A 1390 -1.97 -27.52 0.98
C ASN A 1390 -1.30 -26.16 1.09
N VAL A 1391 -1.24 -25.46 -0.04
CA VAL A 1391 -0.74 -24.09 -0.05
C VAL A 1391 -1.66 -23.21 0.79
N LYS A 1392 -1.08 -22.17 1.39
CA LYS A 1392 -1.85 -21.32 2.28
C LYS A 1392 -3.01 -20.66 1.54
N VAL A 1393 -2.74 -20.13 0.34
CA VAL A 1393 -3.75 -19.53 -0.52
C VAL A 1393 -3.86 -20.37 -1.77
N ASN A 1394 -5.08 -20.79 -2.10
CA ASN A 1394 -5.31 -21.75 -3.17
C ASN A 1394 -6.54 -21.32 -3.95
N PHE A 1395 -7.04 -22.22 -4.80
CA PHE A 1395 -8.22 -21.98 -5.63
C PHE A 1395 -9.25 -23.06 -5.42
N ASP A 1396 -9.39 -23.54 -4.17
CA ASP A 1396 -10.32 -24.62 -3.89
C ASP A 1396 -11.75 -24.23 -4.26
N ASN A 1397 -12.22 -23.09 -3.77
CA ASN A 1397 -13.58 -22.62 -4.00
C ASN A 1397 -13.54 -21.16 -4.41
N VAL A 1398 -14.72 -20.58 -4.64
CA VAL A 1398 -14.80 -19.23 -5.17
C VAL A 1398 -14.37 -18.20 -4.12
N ALA A 1399 -14.59 -18.46 -2.84
CA ALA A 1399 -14.13 -17.52 -1.81
C ALA A 1399 -12.61 -17.43 -1.79
N MET A 1400 -11.94 -18.58 -1.79
CA MET A 1400 -10.48 -18.56 -1.86
C MET A 1400 -10.00 -18.03 -3.19
N GLY A 1401 -10.78 -18.20 -4.26
CA GLY A 1401 -10.43 -17.55 -5.51
C GLY A 1401 -10.46 -16.03 -5.38
N TYR A 1402 -11.46 -15.50 -4.69
CA TYR A 1402 -11.51 -14.06 -4.43
C TYR A 1402 -10.29 -13.62 -3.64
N LEU A 1403 -9.93 -14.38 -2.60
CA LEU A 1403 -8.78 -13.98 -1.79
C LEU A 1403 -7.49 -14.02 -2.61
N ALA A 1404 -7.30 -15.08 -3.39
CA ALA A 1404 -6.10 -15.23 -4.21
C ALA A 1404 -6.06 -14.26 -5.37
N LEU A 1405 -7.20 -13.73 -5.79
CA LEU A 1405 -7.22 -12.66 -6.77
C LEU A 1405 -6.97 -11.29 -6.16
N LEU A 1406 -7.43 -11.06 -4.93
CA LEU A 1406 -7.09 -9.85 -4.21
C LEU A 1406 -5.61 -9.77 -3.89
N GLN A 1407 -4.98 -10.89 -3.53
CA GLN A 1407 -3.54 -10.87 -3.29
C GLN A 1407 -2.77 -10.54 -4.56
N VAL A 1408 -3.22 -11.05 -5.71
CA VAL A 1408 -2.59 -10.71 -6.99
C VAL A 1408 -2.90 -9.30 -7.44
N ALA A 1409 -4.03 -8.73 -7.02
CA ALA A 1409 -4.36 -7.34 -7.33
C ALA A 1409 -3.60 -6.35 -6.47
N THR A 1410 -3.36 -6.67 -5.19
CA THR A 1410 -2.53 -5.84 -4.33
C THR A 1410 -1.05 -6.18 -4.45
N PHE A 1411 -0.71 -7.24 -5.18
CA PHE A 1411 0.66 -7.48 -5.62
C PHE A 1411 1.54 -7.87 -4.45
N LYS A 1412 0.94 -8.59 -3.48
CA LYS A 1412 1.65 -9.09 -2.29
C LYS A 1412 1.19 -10.53 -2.05
N GLY A 1413 2.10 -11.51 -2.01
CA GLY A 1413 1.73 -12.95 -1.94
C GLY A 1413 1.44 -13.41 -3.34
N TRP A 1414 1.79 -12.59 -4.33
CA TRP A 1414 1.52 -12.85 -5.76
C TRP A 1414 2.38 -14.00 -6.27
N MET A 1415 3.39 -14.44 -5.52
CA MET A 1415 4.34 -15.48 -6.00
C MET A 1415 4.11 -16.84 -5.30
N ASP A 1416 3.75 -16.84 -4.02
CA ASP A 1416 3.51 -18.10 -3.27
C ASP A 1416 2.32 -18.86 -3.88
N ILE A 1417 1.35 -18.15 -4.47
CA ILE A 1417 0.11 -18.76 -5.04
C ILE A 1417 0.28 -18.85 -6.57
N MET A 1418 1.37 -18.28 -7.10
CA MET A 1418 1.64 -18.27 -8.56
C MET A 1418 2.77 -19.27 -8.81
N TYR A 1419 3.39 -19.79 -7.76
CA TYR A 1419 4.45 -20.84 -7.89
C TYR A 1419 3.75 -22.15 -7.76
N ALA A 1420 2.81 -22.25 -6.83
CA ALA A 1420 1.99 -23.46 -6.65
C ALA A 1420 1.28 -23.77 -7.96
N ALA A 1421 0.74 -22.75 -8.62
CA ALA A 1421 -0.04 -22.96 -9.85
C ALA A 1421 0.83 -23.64 -10.88
N VAL A 1422 2.02 -23.10 -11.16
CA VAL A 1422 2.86 -23.61 -12.25
C VAL A 1422 3.48 -24.96 -11.92
N ASP A 1423 3.68 -25.29 -10.64
CA ASP A 1423 4.31 -26.56 -10.28
C ASP A 1423 3.32 -27.71 -10.13
N SER A 1424 2.02 -27.44 -10.14
CA SER A 1424 1.03 -28.50 -9.97
C SER A 1424 0.84 -29.27 -11.26
N ARG A 1425 0.47 -30.54 -11.13
CA ARG A 1425 0.27 -31.42 -12.27
C ARG A 1425 -1.19 -31.86 -12.42
N GLU A 1426 -1.76 -32.46 -11.38
CA GLU A 1426 -3.15 -32.90 -11.40
C GLU A 1426 -3.48 -33.41 -10.00
N VAL A 1427 -4.76 -33.68 -9.78
CA VAL A 1427 -5.23 -33.99 -8.43
C VAL A 1427 -4.42 -35.14 -7.87
N ASN A 1428 -4.00 -34.99 -6.61
CA ASN A 1428 -3.22 -36.00 -5.90
C ASN A 1428 -1.99 -36.41 -6.72
N MET A 1429 -1.13 -35.45 -6.97
CA MET A 1429 0.17 -35.71 -7.56
C MET A 1429 1.15 -34.65 -7.08
N GLN A 1430 2.35 -35.08 -6.71
CA GLN A 1430 3.32 -34.15 -6.18
C GLN A 1430 3.66 -33.09 -7.23
N PRO A 1431 3.70 -31.81 -6.85
CA PRO A 1431 4.06 -30.79 -7.84
C PRO A 1431 5.45 -31.06 -8.43
N LYS A 1432 5.56 -30.84 -9.73
CA LYS A 1432 6.82 -30.98 -10.45
C LYS A 1432 7.36 -29.61 -10.81
N TRP A 1433 8.67 -29.54 -11.04
CA TRP A 1433 9.32 -28.26 -11.28
C TRP A 1433 8.79 -27.66 -12.57
N GLU A 1434 7.96 -26.63 -12.44
CA GLU A 1434 7.48 -25.85 -13.58
C GLU A 1434 6.89 -26.76 -14.65
N ASP A 1435 6.07 -27.73 -14.22
CA ASP A 1435 5.32 -28.52 -15.18
C ASP A 1435 4.30 -27.65 -15.90
N ASN A 1436 3.54 -26.87 -15.16
CA ASN A 1436 2.62 -25.89 -15.73
C ASN A 1436 3.33 -24.54 -15.89
N VAL A 1437 4.38 -24.54 -16.70
CA VAL A 1437 5.16 -23.34 -16.90
C VAL A 1437 4.34 -22.26 -17.59
N TYR A 1438 3.31 -22.64 -18.33
CA TYR A 1438 2.51 -21.71 -19.10
C TYR A 1438 1.28 -21.20 -18.36
N MET A 1439 1.08 -21.61 -17.10
CA MET A 1439 -0.06 -21.13 -16.34
C MET A 1439 0.11 -19.70 -15.85
N TYR A 1440 1.30 -19.11 -16.04
CA TYR A 1440 1.49 -17.71 -15.65
C TYR A 1440 0.63 -16.77 -16.49
N LEU A 1441 0.18 -17.21 -17.67
CA LEU A 1441 -0.63 -16.36 -18.51
C LEU A 1441 -1.96 -16.02 -17.84
N TYR A 1442 -2.53 -16.96 -17.09
CA TYR A 1442 -3.77 -16.69 -16.39
C TYR A 1442 -3.61 -15.51 -15.44
N PHE A 1443 -2.53 -15.53 -14.65
CA PHE A 1443 -2.30 -14.45 -13.68
C PHE A 1443 -1.95 -13.16 -14.38
N VAL A 1444 -1.22 -13.23 -15.50
CA VAL A 1444 -0.92 -12.00 -16.26
C VAL A 1444 -2.21 -11.36 -16.76
N ILE A 1445 -3.09 -12.17 -17.33
CA ILE A 1445 -4.34 -11.66 -17.88
C ILE A 1445 -5.19 -11.07 -16.75
N PHE A 1446 -5.30 -11.78 -15.62
CA PHE A 1446 -6.07 -11.25 -14.51
C PHE A 1446 -5.49 -9.94 -14.02
N ILE A 1447 -4.17 -9.88 -13.83
CA ILE A 1447 -3.54 -8.62 -13.43
C ILE A 1447 -4.00 -7.52 -14.36
N ILE A 1448 -3.74 -7.68 -15.66
CA ILE A 1448 -4.12 -6.65 -16.63
C ILE A 1448 -5.55 -6.20 -16.39
N PHE A 1449 -6.50 -7.14 -16.50
CA PHE A 1449 -7.91 -6.77 -16.60
C PHE A 1449 -8.51 -6.33 -15.27
N GLY A 1450 -8.35 -7.14 -14.21
CA GLY A 1450 -8.84 -6.75 -12.91
C GLY A 1450 -8.01 -5.71 -12.20
N GLY A 1451 -6.95 -5.21 -12.83
CA GLY A 1451 -6.16 -4.12 -12.32
C GLY A 1451 -6.34 -2.90 -13.20
N PHE A 1452 -5.46 -2.77 -14.20
CA PHE A 1452 -5.40 -1.52 -14.93
C PHE A 1452 -6.73 -1.14 -15.57
N PHE A 1453 -7.63 -2.11 -15.76
CA PHE A 1453 -8.92 -1.85 -16.37
C PHE A 1453 -10.09 -1.89 -15.39
N THR A 1454 -9.83 -2.13 -14.11
CA THR A 1454 -10.90 -2.12 -13.11
C THR A 1454 -10.67 -1.11 -11.99
N LEU A 1455 -9.42 -0.76 -11.68
CA LEU A 1455 -9.14 0.39 -10.85
C LEU A 1455 -9.32 1.70 -11.59
N ASN A 1456 -9.12 1.69 -12.90
CA ASN A 1456 -9.29 2.89 -13.71
C ASN A 1456 -10.73 3.29 -13.69
N LEU A 1457 -11.60 2.33 -13.52
CA LEU A 1457 -13.02 2.64 -13.45
C LEU A 1457 -13.33 3.28 -12.12
N PHE A 1458 -12.84 2.70 -11.03
CA PHE A 1458 -13.14 3.25 -9.73
C PHE A 1458 -12.61 4.65 -9.63
N VAL A 1459 -11.46 4.90 -10.21
CA VAL A 1459 -10.86 6.24 -10.11
C VAL A 1459 -11.67 7.24 -10.91
N GLY A 1460 -12.08 6.87 -12.13
CA GLY A 1460 -12.89 7.78 -12.92
C GLY A 1460 -14.20 8.12 -12.25
N VAL A 1461 -14.85 7.12 -11.67
CA VAL A 1461 -16.11 7.37 -10.97
C VAL A 1461 -15.87 8.30 -9.80
N ILE A 1462 -14.73 8.18 -9.13
CA ILE A 1462 -14.43 9.04 -7.94
C ILE A 1462 -14.15 10.49 -8.42
N ILE A 1463 -13.47 10.66 -9.56
CA ILE A 1463 -13.10 12.03 -10.01
C ILE A 1463 -14.32 12.67 -10.67
N ASP A 1464 -15.45 11.99 -10.72
CA ASP A 1464 -16.69 12.62 -11.26
C ASP A 1464 -17.67 12.83 -10.11
N ASN A 1465 -17.51 12.09 -9.01
CA ASN A 1465 -18.39 12.24 -7.83
C ASN A 1465 -17.86 13.34 -6.92
N PHE A 1466 -16.63 13.81 -7.15
CA PHE A 1466 -16.09 14.95 -6.36
C PHE A 1466 -16.17 16.16 -7.28
N ASN A 1467 -15.98 15.96 -8.58
CA ASN A 1467 -16.17 17.08 -9.49
C ASN A 1467 -17.62 17.56 -9.45
N GLN A 1468 -18.56 16.61 -9.56
CA GLN A 1468 -19.91 16.85 -9.10
C GLN A 1468 -19.90 16.87 -7.58
N GLN A 1469 -20.85 17.61 -7.00
CA GLN A 1469 -20.86 17.93 -5.57
C GLN A 1469 -19.83 19.00 -5.25
N LYS A 1470 -18.82 19.22 -6.11
CA LYS A 1470 -18.02 20.43 -5.96
C LYS A 1470 -18.59 21.54 -6.83
N LYS A 1471 -18.88 21.25 -8.10
CA LYS A 1471 -19.61 22.21 -8.90
C LYS A 1471 -20.99 22.48 -8.29
N LYS A 1472 -21.54 21.51 -7.56
CA LYS A 1472 -22.75 21.75 -6.80
C LYS A 1472 -22.47 22.63 -5.60
N LEU A 1473 -21.40 22.35 -4.85
CA LEU A 1473 -21.02 23.24 -3.76
C LEU A 1473 -20.69 24.64 -4.26
N GLY A 1474 -20.38 24.80 -5.54
CA GLY A 1474 -20.09 26.11 -6.08
C GLY A 1474 -18.73 26.66 -5.69
N GLY A 1475 -17.76 25.79 -5.43
CA GLY A 1475 -16.44 26.21 -5.04
C GLY A 1475 -16.13 26.12 -3.57
N GLN A 1476 -17.07 25.66 -2.74
CA GLN A 1476 -16.80 25.50 -1.33
C GLN A 1476 -15.67 24.49 -1.12
N ASP A 1477 -14.74 24.84 -0.25
CA ASP A 1477 -13.61 23.96 0.02
C ASP A 1477 -14.08 22.70 0.74
N ILE A 1478 -13.41 21.59 0.46
CA ILE A 1478 -13.75 20.29 1.02
C ILE A 1478 -12.67 19.88 2.01
N PHE A 1479 -13.07 19.11 3.01
CA PHE A 1479 -12.20 18.61 4.07
C PHE A 1479 -11.74 19.71 5.02
N MET A 1480 -12.34 20.90 4.96
CA MET A 1480 -11.85 22.05 5.70
C MET A 1480 -13.02 22.75 6.39
N THR A 1481 -12.77 23.21 7.62
CA THR A 1481 -13.76 23.93 8.40
C THR A 1481 -13.70 25.42 8.09
N GLU A 1482 -14.51 26.21 8.80
CA GLU A 1482 -14.52 27.65 8.55
C GLU A 1482 -13.26 28.32 9.09
N GLU A 1483 -12.84 27.96 10.30
CA GLU A 1483 -11.62 28.54 10.85
C GLU A 1483 -10.41 28.16 10.01
N GLN A 1484 -10.35 26.90 9.57
CA GLN A 1484 -9.26 26.48 8.71
C GLN A 1484 -9.34 27.17 7.35
N LYS A 1485 -10.55 27.43 6.86
CA LYS A 1485 -10.70 28.14 5.59
C LYS A 1485 -10.17 29.57 5.69
N LYS A 1486 -10.49 30.26 6.79
CA LYS A 1486 -9.99 31.62 6.95
C LYS A 1486 -8.48 31.64 7.16
N TYR A 1487 -7.94 30.65 7.87
CA TYR A 1487 -6.49 30.54 7.98
C TYR A 1487 -5.86 30.29 6.62
N TYR A 1488 -6.50 29.46 5.79
CA TYR A 1488 -6.03 29.23 4.44
C TYR A 1488 -6.04 30.53 3.63
N ASN A 1489 -7.09 31.33 3.79
CA ASN A 1489 -7.15 32.62 3.11
C ASN A 1489 -6.02 33.53 3.56
N ALA A 1490 -5.75 33.56 4.86
CA ALA A 1490 -4.65 34.37 5.37
C ALA A 1490 -3.32 33.92 4.79
N MET A 1491 -3.09 32.61 4.72
CA MET A 1491 -1.86 32.10 4.12
C MET A 1491 -1.79 32.44 2.64
N LYS A 1492 -2.93 32.36 1.94
CA LYS A 1492 -2.95 32.75 0.54
C LYS A 1492 -2.53 34.19 0.36
N LYS A 1493 -2.95 35.05 1.29
CA LYS A 1493 -2.50 36.47 1.25
C LYS A 1493 -0.99 36.52 1.53
N LEU A 1494 -0.51 35.71 2.50
CA LEU A 1494 0.94 35.67 2.81
C LEU A 1494 1.69 35.27 1.54
N GLY A 1495 1.01 34.59 0.61
CA GLY A 1495 1.63 34.27 -0.68
C GLY A 1495 1.90 35.53 -1.47
N SER A 1496 1.33 36.67 -1.06
CA SER A 1496 1.63 37.96 -1.74
C SER A 1496 2.00 39.03 -0.71
N LYS A 1497 1.75 38.71 0.60
CA LYS A 1497 2.05 39.67 1.70
C LYS A 1497 3.51 39.52 2.13
N LYS A 1498 4.19 38.49 1.66
CA LYS A 1498 5.59 38.20 2.07
C LYS A 1498 6.42 39.51 2.08
N PRO A 1499 6.56 40.26 0.97
CA PRO A 1499 7.36 41.48 0.98
C PRO A 1499 6.96 42.48 2.06
N GLN A 1500 7.93 43.04 2.79
CA GLN A 1500 7.68 44.08 3.82
C GLN A 1500 8.08 45.43 3.20
N LYS A 1501 8.20 46.50 4.00
CA LYS A 1501 8.60 47.80 3.49
C LYS A 1501 10.06 47.76 3.07
N PRO A 1502 10.43 48.51 2.03
CA PRO A 1502 11.85 48.58 1.65
C PRO A 1502 12.70 49.11 2.79
N ILE A 1503 13.92 48.58 2.90
CA ILE A 1503 14.81 48.90 4.00
C ILE A 1503 15.58 50.17 3.71
N PRO A 1504 15.53 51.19 4.58
CA PRO A 1504 16.32 52.40 4.34
C PRO A 1504 17.82 52.10 4.36
N ARG A 1505 18.57 52.84 3.54
CA ARG A 1505 20.01 52.67 3.48
C ARG A 1505 20.66 53.34 4.70
N PRO A 1506 21.69 52.72 5.28
CA PRO A 1506 22.41 53.39 6.38
C PRO A 1506 23.05 54.69 5.93
N LEU A 1507 23.05 55.67 6.83
CA LEU A 1507 23.63 56.97 6.52
C LEU A 1507 25.11 57.04 6.81
N ASN A 1508 25.56 56.54 7.96
CA ASN A 1508 26.97 56.58 8.30
C ASN A 1508 27.74 55.57 7.47
N LYS A 1509 28.95 55.96 7.07
CA LYS A 1509 29.76 55.10 6.21
C LYS A 1509 30.00 53.72 6.84
N PHE A 1510 30.15 53.68 8.16
CA PHE A 1510 30.52 52.43 8.82
C PHE A 1510 29.51 51.32 8.53
N GLN A 1511 28.22 51.63 8.62
CA GLN A 1511 27.20 50.64 8.30
C GLN A 1511 26.84 50.64 6.82
N GLY A 1512 27.01 51.78 6.15
CA GLY A 1512 26.65 51.86 4.74
C GLY A 1512 27.52 50.97 3.87
N PHE A 1513 28.83 50.96 4.12
CA PHE A 1513 29.71 50.11 3.33
C PHE A 1513 29.43 48.64 3.59
N VAL A 1514 29.15 48.28 4.84
CA VAL A 1514 28.80 46.89 5.13
C VAL A 1514 27.53 46.51 4.38
N PHE A 1515 26.52 47.38 4.41
CA PHE A 1515 25.27 47.08 3.71
C PHE A 1515 25.48 46.95 2.21
N ASP A 1516 26.22 47.87 1.60
CA ASP A 1516 26.37 47.84 0.15
C ASP A 1516 27.25 46.69 -0.30
N ILE A 1517 28.15 46.21 0.57
CA ILE A 1517 28.86 44.98 0.28
C ILE A 1517 27.93 43.78 0.41
N VAL A 1518 27.09 43.77 1.45
CA VAL A 1518 26.17 42.66 1.66
C VAL A 1518 25.24 42.50 0.46
N THR A 1519 24.44 43.51 0.19
CA THR A 1519 23.53 43.48 -0.95
C THR A 1519 24.32 43.69 -2.23
N ARG A 1520 24.53 42.61 -2.99
CA ARG A 1520 25.37 42.66 -4.17
C ARG A 1520 24.86 41.65 -5.19
N GLN A 1521 25.35 41.79 -6.43
CA GLN A 1521 24.93 40.88 -7.49
C GLN A 1521 25.38 39.46 -7.21
N ALA A 1522 26.62 39.28 -6.76
CA ALA A 1522 27.23 37.96 -6.63
C ALA A 1522 27.30 37.47 -5.19
N PHE A 1523 26.81 38.25 -4.22
CA PHE A 1523 26.80 37.76 -2.84
C PHE A 1523 25.95 36.51 -2.70
N ASP A 1524 24.75 36.55 -3.28
CA ASP A 1524 23.87 35.38 -3.24
C ASP A 1524 24.48 34.20 -3.97
N ILE A 1525 25.12 34.46 -5.12
CA ILE A 1525 25.76 33.39 -5.87
C ILE A 1525 26.86 32.75 -5.02
N THR A 1526 27.66 33.57 -4.35
CA THR A 1526 28.74 33.05 -3.52
C THR A 1526 28.18 32.20 -2.38
N ILE A 1527 27.12 32.67 -1.72
CA ILE A 1527 26.57 31.91 -0.61
C ILE A 1527 25.99 30.59 -1.12
N MET A 1528 25.32 30.62 -2.27
CA MET A 1528 24.78 29.38 -2.84
C MET A 1528 25.90 28.40 -3.18
N VAL A 1529 27.00 28.90 -3.75
CA VAL A 1529 28.12 28.02 -4.08
C VAL A 1529 28.72 27.45 -2.81
N LEU A 1530 28.80 28.25 -1.75
CA LEU A 1530 29.32 27.74 -0.48
C LEU A 1530 28.42 26.64 0.08
N ILE A 1531 27.10 26.81 -0.01
CA ILE A 1531 26.19 25.78 0.45
C ILE A 1531 26.34 24.52 -0.41
N CYS A 1532 26.54 24.69 -1.71
CA CYS A 1532 26.75 23.53 -2.58
C CYS A 1532 28.02 22.78 -2.19
N LEU A 1533 29.10 23.53 -1.89
CA LEU A 1533 30.33 22.88 -1.45
C LEU A 1533 30.12 22.17 -0.11
N ASN A 1534 29.32 22.75 0.77
CA ASN A 1534 29.02 22.08 2.03
C ASN A 1534 28.26 20.78 1.79
N MET A 1535 27.32 20.84 0.81
CA MET A 1535 26.63 19.61 0.48
C MET A 1535 27.65 18.58 -0.05
N ILE A 1536 28.55 18.97 -0.88
CA ILE A 1536 29.53 18.05 -1.45
C ILE A 1536 30.36 17.40 -0.35
N THR A 1537 30.89 18.21 0.57
CA THR A 1537 31.73 17.68 1.63
C THR A 1537 30.93 16.86 2.63
N MET A 1538 29.62 17.07 2.70
CA MET A 1538 28.78 16.20 3.52
C MET A 1538 28.54 14.86 2.85
N MET A 1539 28.38 14.84 1.53
CA MET A 1539 28.10 13.59 0.84
C MET A 1539 29.34 12.75 0.60
N VAL A 1540 30.53 13.37 0.56
CA VAL A 1540 31.75 12.59 0.40
C VAL A 1540 31.97 11.65 1.58
N GLU A 1541 31.29 11.89 2.70
CA GLU A 1541 31.43 11.04 3.87
C GLU A 1541 31.04 9.60 3.54
N THR A 1542 31.70 8.65 4.21
CA THR A 1542 31.40 7.23 4.06
C THR A 1542 31.50 6.58 5.43
N ASP A 1543 31.55 5.25 5.45
CA ASP A 1543 31.70 4.49 6.68
C ASP A 1543 33.09 3.89 6.75
N ASP A 1544 33.68 3.92 7.94
CA ASP A 1544 35.02 3.40 8.19
C ASP A 1544 36.02 3.99 7.19
N GLN A 1545 36.19 5.30 7.28
CA GLN A 1545 37.15 6.01 6.46
C GLN A 1545 38.42 6.32 7.26
N SER A 1546 39.45 6.72 6.54
CA SER A 1546 40.74 6.99 7.17
C SER A 1546 40.65 8.16 8.14
N GLU A 1547 41.41 8.05 9.24
CA GLU A 1547 41.43 9.13 10.22
C GLU A 1547 41.88 10.44 9.61
N GLU A 1548 42.77 10.38 8.62
CA GLU A 1548 43.17 11.61 7.92
C GLU A 1548 41.96 12.27 7.26
N LYS A 1549 41.13 11.48 6.58
CA LYS A 1549 39.94 12.05 5.95
C LYS A 1549 38.94 12.54 6.99
N THR A 1550 38.84 11.85 8.12
CA THR A 1550 37.98 12.34 9.20
C THR A 1550 38.44 13.71 9.68
N LYS A 1551 39.75 13.87 9.87
CA LYS A 1551 40.28 15.18 10.29
C LYS A 1551 40.02 16.24 9.24
N ILE A 1552 40.21 15.89 7.96
CA ILE A 1552 39.98 16.85 6.89
C ILE A 1552 38.53 17.32 6.89
N LEU A 1553 37.60 16.37 7.00
CA LEU A 1553 36.19 16.73 7.01
C LEU A 1553 35.84 17.59 8.23
N GLY A 1554 36.40 17.25 9.39
CA GLY A 1554 36.15 18.06 10.57
C GLY A 1554 36.65 19.49 10.42
N LYS A 1555 37.86 19.66 9.89
CA LYS A 1555 38.40 21.00 9.74
C LYS A 1555 37.61 21.80 8.70
N ILE A 1556 37.20 21.15 7.61
CA ILE A 1556 36.37 21.84 6.58
C ILE A 1556 34.94 21.96 7.14
N ASN A 1557 34.65 21.30 8.26
CA ASN A 1557 33.31 21.48 8.89
C ASN A 1557 33.42 22.66 9.84
N GLN A 1558 34.59 23.30 9.91
CA GLN A 1558 34.72 24.52 10.74
C GLN A 1558 34.91 25.69 9.77
N PHE A 1559 35.71 25.46 8.72
CA PHE A 1559 35.88 26.52 7.70
C PHE A 1559 34.51 26.93 7.23
N PHE A 1560 33.50 26.05 7.40
CA PHE A 1560 32.20 26.44 6.87
C PHE A 1560 31.28 27.00 7.95
N VAL A 1561 31.30 26.43 9.13
CA VAL A 1561 30.46 26.99 10.18
C VAL A 1561 30.95 28.37 10.57
N ALA A 1562 32.26 28.56 10.69
CA ALA A 1562 32.79 29.87 11.02
C ALA A 1562 32.44 30.89 9.94
N VAL A 1563 32.58 30.52 8.67
CA VAL A 1563 32.31 31.46 7.59
C VAL A 1563 30.83 31.87 7.61
N PHE A 1564 29.93 30.91 7.76
CA PHE A 1564 28.51 31.24 7.74
C PHE A 1564 28.12 32.07 8.95
N THR A 1565 28.67 31.75 10.13
CA THR A 1565 28.36 32.57 11.30
C THR A 1565 28.87 34.00 11.12
N GLY A 1566 30.07 34.14 10.55
CA GLY A 1566 30.59 35.47 10.28
C GLY A 1566 29.70 36.25 9.34
N GLU A 1567 29.26 35.60 8.26
CA GLU A 1567 28.38 36.29 7.32
C GLU A 1567 27.05 36.68 7.97
N CYS A 1568 26.49 35.78 8.79
CA CYS A 1568 25.22 36.08 9.44
C CYS A 1568 25.37 37.25 10.41
N VAL A 1569 26.45 37.28 11.18
CA VAL A 1569 26.63 38.39 12.12
C VAL A 1569 26.92 39.68 11.36
N MET A 1570 27.62 39.61 10.22
CA MET A 1570 27.82 40.79 9.40
C MET A 1570 26.49 41.37 8.96
N LYS A 1571 25.60 40.53 8.41
CA LYS A 1571 24.32 41.02 7.95
C LYS A 1571 23.42 41.44 9.12
N MET A 1572 23.64 40.86 10.30
CA MET A 1572 22.90 41.31 11.48
C MET A 1572 23.34 42.70 11.92
N PHE A 1573 24.65 42.95 11.92
CA PHE A 1573 25.15 44.28 12.25
C PHE A 1573 24.67 45.30 11.24
N ALA A 1574 24.66 44.94 9.96
CA ALA A 1574 24.12 45.82 8.93
C ALA A 1574 22.60 45.76 8.95
N LEU A 1575 21.96 46.92 9.02
CA LEU A 1575 20.52 47.11 9.01
C LEU A 1575 19.87 46.83 10.36
N ARG A 1576 20.63 46.43 11.38
CA ARG A 1576 20.11 46.24 12.73
C ARG A 1576 18.86 45.36 12.73
N GLN A 1577 17.71 45.91 13.12
CA GLN A 1577 16.47 45.16 13.21
C GLN A 1577 15.64 45.24 11.94
N TYR A 1578 16.08 46.00 10.94
CA TYR A 1578 15.29 46.13 9.71
C TYR A 1578 15.13 44.80 9.01
N TYR A 1579 16.18 44.02 8.90
CA TYR A 1579 16.09 42.77 8.15
C TYR A 1579 15.35 41.67 8.91
N PHE A 1580 15.29 41.74 10.23
CA PHE A 1580 14.66 40.68 11.00
C PHE A 1580 13.21 40.46 10.62
N THR A 1581 12.57 41.45 9.99
CA THR A 1581 11.18 41.28 9.59
C THR A 1581 11.01 40.11 8.62
N ASN A 1582 11.95 39.94 7.69
CA ASN A 1582 11.88 38.83 6.76
C ASN A 1582 11.94 37.51 7.50
N GLY A 1583 10.96 36.64 7.25
CA GLY A 1583 10.90 35.38 7.98
C GLY A 1583 12.04 34.45 7.65
N TRP A 1584 12.39 34.34 6.37
CA TRP A 1584 13.43 33.40 5.99
C TRP A 1584 14.82 33.86 6.40
N ASN A 1585 15.03 35.17 6.57
CA ASN A 1585 16.24 35.62 7.23
C ASN A 1585 16.31 35.07 8.65
N VAL A 1586 15.18 35.09 9.36
CA VAL A 1586 15.13 34.47 10.68
C VAL A 1586 15.45 32.99 10.57
N PHE A 1587 14.92 32.32 9.54
CA PHE A 1587 15.18 30.89 9.38
C PHE A 1587 16.66 30.60 9.21
N ASP A 1588 17.33 31.35 8.33
CA ASP A 1588 18.73 31.07 8.08
C ASP A 1588 19.60 31.47 9.27
N PHE A 1589 19.23 32.54 9.97
CA PHE A 1589 19.89 32.84 11.24
C PHE A 1589 19.74 31.67 12.21
N ILE A 1590 18.54 31.07 12.25
CA ILE A 1590 18.31 29.94 13.14
C ILE A 1590 19.20 28.76 12.76
N VAL A 1591 19.33 28.48 11.46
CA VAL A 1591 20.13 27.32 11.07
C VAL A 1591 21.61 27.56 11.38
N VAL A 1592 22.10 28.79 11.16
CA VAL A 1592 23.50 29.06 11.45
C VAL A 1592 23.77 28.96 12.95
N VAL A 1593 22.89 29.55 13.78
CA VAL A 1593 23.10 29.44 15.21
C VAL A 1593 22.93 28.00 15.68
N LEU A 1594 22.09 27.23 15.01
CA LEU A 1594 21.96 25.80 15.33
C LEU A 1594 23.25 25.07 15.02
N SER A 1595 23.90 25.39 13.90
CA SER A 1595 25.19 24.79 13.61
C SER A 1595 26.22 25.14 14.67
N ILE A 1596 26.25 26.41 15.09
CA ILE A 1596 27.18 26.81 16.14
C ILE A 1596 26.89 26.04 17.43
N ALA A 1597 25.61 25.94 17.79
CA ALA A 1597 25.24 25.23 19.01
C ALA A 1597 25.60 23.76 18.94
N SER A 1598 25.41 23.14 17.77
CA SER A 1598 25.79 21.74 17.60
C SER A 1598 27.29 21.56 17.76
N LEU A 1599 28.08 22.46 17.18
CA LEU A 1599 29.53 22.36 17.36
C LEU A 1599 29.91 22.50 18.82
N ILE A 1600 29.32 23.45 19.53
CA ILE A 1600 29.62 23.65 20.95
C ILE A 1600 29.23 22.40 21.74
N PHE A 1601 28.07 21.85 21.44
CA PHE A 1601 27.59 20.69 22.17
C PHE A 1601 28.51 19.50 21.93
N SER A 1602 28.94 19.31 20.68
CA SER A 1602 29.86 18.21 20.38
C SER A 1602 31.17 18.39 21.13
N ALA A 1603 31.71 19.60 21.13
CA ALA A 1603 32.97 19.84 21.83
C ALA A 1603 32.83 19.55 23.32
N ILE A 1604 31.72 19.99 23.92
CA ILE A 1604 31.51 19.75 25.35
C ILE A 1604 31.29 18.28 25.63
N LEU A 1605 30.59 17.58 24.74
CA LEU A 1605 30.30 16.17 24.93
C LEU A 1605 31.53 15.29 24.67
N LYS A 1606 32.56 15.84 24.04
CA LYS A 1606 33.82 15.11 23.90
C LYS A 1606 34.46 14.79 25.24
N SER A 1607 34.04 15.46 26.32
CA SER A 1607 34.64 15.23 27.62
C SER A 1607 34.52 13.77 28.03
N LEU A 1608 35.32 13.39 29.04
CA LEU A 1608 35.33 12.01 29.50
C LEU A 1608 34.10 11.68 30.33
N GLN A 1609 33.50 12.69 30.97
CA GLN A 1609 32.33 12.44 31.80
C GLN A 1609 31.08 12.22 30.97
N SER A 1610 30.94 12.95 29.87
CA SER A 1610 29.75 12.86 29.01
C SER A 1610 30.08 11.97 27.81
N TYR A 1611 29.71 10.69 27.94
CA TYR A 1611 29.90 9.71 26.89
C TYR A 1611 28.60 8.97 26.66
N PHE A 1612 28.18 8.89 25.40
CA PHE A 1612 26.95 8.20 25.02
C PHE A 1612 27.18 7.52 23.67
N SER A 1613 26.15 6.84 23.19
CA SER A 1613 26.29 6.07 21.97
C SER A 1613 26.62 6.98 20.79
N PRO A 1614 27.34 6.47 19.79
CA PRO A 1614 27.63 7.29 18.60
C PRO A 1614 26.38 7.76 17.89
N THR A 1615 25.26 7.05 18.04
CA THR A 1615 24.02 7.52 17.45
C THR A 1615 23.70 8.94 17.87
N LEU A 1616 24.03 9.29 19.12
CA LEU A 1616 23.77 10.66 19.66
C LEU A 1616 24.68 11.64 18.92
N PHE A 1617 25.93 11.29 18.62
CA PHE A 1617 26.79 12.14 17.81
C PHE A 1617 26.20 12.34 16.42
N ARG A 1618 25.79 11.26 15.79
CA ARG A 1618 25.31 11.32 14.41
C ARG A 1618 23.92 11.93 14.28
N VAL A 1619 23.18 12.04 15.37
CA VAL A 1619 21.89 12.74 15.31
C VAL A 1619 22.04 14.21 15.67
N ILE A 1620 22.95 14.55 16.58
CA ILE A 1620 23.25 15.96 16.81
C ILE A 1620 23.89 16.58 15.57
N ARG A 1621 24.70 15.80 14.85
CA ARG A 1621 25.30 16.29 13.62
C ARG A 1621 24.28 16.54 12.51
N LEU A 1622 22.99 16.33 12.74
CA LEU A 1622 21.98 16.56 11.73
C LEU A 1622 21.77 18.04 11.44
N ALA A 1623 22.29 18.94 12.26
CA ALA A 1623 22.07 20.36 12.07
C ALA A 1623 22.59 20.84 10.73
N ARG A 1624 23.51 20.12 10.10
CA ARG A 1624 24.06 20.57 8.82
C ARG A 1624 22.97 20.66 7.75
N ILE A 1625 22.06 19.68 7.72
CA ILE A 1625 21.00 19.72 6.73
C ILE A 1625 20.13 20.95 6.92
N GLY A 1626 19.88 21.32 8.18
CA GLY A 1626 19.24 22.60 8.45
C GLY A 1626 20.03 23.75 7.86
N ARG A 1627 21.35 23.57 7.73
CA ARG A 1627 22.20 24.63 7.21
C ARG A 1627 22.32 24.59 5.69
N ILE A 1628 21.88 23.51 5.04
CA ILE A 1628 21.97 23.42 3.58
C ILE A 1628 20.58 23.55 2.96
N LEU A 1629 19.54 23.62 3.79
CA LEU A 1629 18.21 23.93 3.28
C LEU A 1629 18.09 25.35 2.75
N ARG A 1630 19.17 26.13 2.76
CA ARG A 1630 19.11 27.52 2.30
C ARG A 1630 18.69 27.63 0.84
N LEU A 1631 18.84 26.57 0.04
CA LEU A 1631 18.52 26.68 -1.37
C LEU A 1631 17.02 26.82 -1.62
N ILE A 1632 16.18 26.48 -0.66
CA ILE A 1632 14.74 26.59 -0.86
C ILE A 1632 14.36 28.04 -1.15
N ARG A 1633 14.84 28.98 -0.31
CA ARG A 1633 14.50 30.37 -0.52
C ARG A 1633 15.05 30.89 -1.84
N ALA A 1634 16.08 30.25 -2.38
CA ALA A 1634 16.67 30.63 -3.65
C ALA A 1634 16.18 29.76 -4.81
N ALA A 1635 15.26 28.83 -4.55
CA ALA A 1635 14.78 27.95 -5.61
C ALA A 1635 13.77 28.67 -6.51
N LYS A 1636 13.54 28.09 -7.68
CA LYS A 1636 12.63 28.66 -8.67
C LYS A 1636 11.23 28.10 -8.57
N GLY A 1637 11.09 26.78 -8.72
CA GLY A 1637 9.79 26.13 -8.68
C GLY A 1637 9.60 25.23 -7.47
N ILE A 1638 10.72 24.83 -6.87
CA ILE A 1638 10.65 24.04 -5.64
C ILE A 1638 9.93 24.84 -4.57
N ARG A 1639 10.19 26.14 -4.51
CA ARG A 1639 9.51 26.97 -3.52
C ARG A 1639 8.01 27.05 -3.80
N THR A 1640 7.62 27.12 -5.07
CA THR A 1640 6.20 27.14 -5.39
C THR A 1640 5.52 25.83 -4.99
N LEU A 1641 6.17 24.70 -5.26
CA LEU A 1641 5.59 23.41 -4.87
C LEU A 1641 5.49 23.30 -3.36
N LEU A 1642 6.53 23.73 -2.64
CA LEU A 1642 6.47 23.73 -1.19
C LEU A 1642 5.37 24.65 -0.68
N PHE A 1643 5.14 25.77 -1.36
CA PHE A 1643 4.05 26.66 -1.00
C PHE A 1643 2.70 25.98 -1.19
N ALA A 1644 2.55 25.23 -2.29
CA ALA A 1644 1.32 24.49 -2.50
C ALA A 1644 1.10 23.47 -1.38
N LEU A 1645 2.17 22.78 -0.97
CA LEU A 1645 2.06 21.87 0.16
C LEU A 1645 1.67 22.63 1.42
N MET A 1646 2.25 23.81 1.64
CA MET A 1646 1.91 24.64 2.78
C MET A 1646 0.42 24.94 2.81
N MET A 1647 -0.14 25.33 1.67
CA MET A 1647 -1.56 25.63 1.60
C MET A 1647 -2.39 24.38 1.85
N SER A 1648 -1.96 23.24 1.31
CA SER A 1648 -2.74 22.01 1.44
C SER A 1648 -2.63 21.38 2.82
N LEU A 1649 -1.70 21.82 3.65
CA LEU A 1649 -1.49 21.16 4.94
C LEU A 1649 -2.75 20.94 5.77
N PRO A 1650 -3.68 21.89 5.90
CA PRO A 1650 -4.86 21.61 6.74
C PRO A 1650 -5.73 20.46 6.24
N ALA A 1651 -5.97 20.38 4.93
CA ALA A 1651 -6.78 19.30 4.39
C ALA A 1651 -6.13 17.95 4.64
N LEU A 1652 -4.85 17.84 4.28
CA LEU A 1652 -4.11 16.62 4.54
C LEU A 1652 -4.00 16.33 6.03
N PHE A 1653 -4.02 17.34 6.88
CA PHE A 1653 -4.02 17.12 8.32
C PHE A 1653 -5.32 16.47 8.77
N ASN A 1654 -6.45 16.92 8.25
CA ASN A 1654 -7.73 16.30 8.59
C ASN A 1654 -7.78 14.86 8.07
N ILE A 1655 -7.38 14.64 6.82
CA ILE A 1655 -7.42 13.29 6.27
C ILE A 1655 -6.46 12.38 7.02
N GLY A 1656 -5.30 12.92 7.43
CA GLY A 1656 -4.37 12.14 8.23
C GLY A 1656 -4.91 11.81 9.60
N LEU A 1657 -5.66 12.73 10.20
CA LEU A 1657 -6.32 12.43 11.46
C LEU A 1657 -7.29 11.26 11.29
N LEU A 1658 -8.08 11.29 10.22
CA LEU A 1658 -9.00 10.18 9.96
C LEU A 1658 -8.24 8.89 9.73
N LEU A 1659 -7.16 8.95 8.95
CA LEU A 1659 -6.37 7.74 8.68
C LEU A 1659 -5.75 7.19 9.95
N PHE A 1660 -5.26 8.06 10.83
CA PHE A 1660 -4.69 7.60 12.08
C PHE A 1660 -5.76 7.01 12.98
N LEU A 1661 -6.99 7.54 12.94
CA LEU A 1661 -8.07 6.93 13.70
C LEU A 1661 -8.37 5.53 13.19
N VAL A 1662 -8.43 5.36 11.86
CA VAL A 1662 -8.62 4.04 11.29
C VAL A 1662 -7.50 3.10 11.72
N MET A 1663 -6.26 3.59 11.65
CA MET A 1663 -5.11 2.78 12.05
C MET A 1663 -5.20 2.40 13.51
N PHE A 1664 -5.68 3.30 14.36
CA PHE A 1664 -5.84 2.98 15.77
C PHE A 1664 -6.90 1.91 15.98
N ILE A 1665 -8.03 2.02 15.26
CA ILE A 1665 -9.07 1.00 15.37
C ILE A 1665 -8.50 -0.37 15.03
N TYR A 1666 -7.81 -0.45 13.89
CA TYR A 1666 -7.29 -1.74 13.47
C TYR A 1666 -6.14 -2.20 14.36
N SER A 1667 -5.38 -1.26 14.94
CA SER A 1667 -4.34 -1.63 15.89
C SER A 1667 -4.94 -2.31 17.11
N ILE A 1668 -6.00 -1.74 17.66
CA ILE A 1668 -6.64 -2.37 18.80
C ILE A 1668 -7.21 -3.72 18.41
N PHE A 1669 -7.86 -3.80 17.25
CA PHE A 1669 -8.39 -5.08 16.80
C PHE A 1669 -7.30 -6.14 16.73
N GLY A 1670 -6.21 -5.83 16.03
CA GLY A 1670 -5.14 -6.81 15.87
C GLY A 1670 -4.51 -7.18 17.21
N MET A 1671 -4.22 -6.18 18.04
CA MET A 1671 -3.63 -6.45 19.34
C MET A 1671 -4.53 -7.38 20.16
N SER A 1672 -5.84 -7.24 20.04
CA SER A 1672 -6.75 -8.10 20.78
C SER A 1672 -6.89 -9.48 20.17
N SER A 1673 -6.70 -9.59 18.86
CA SER A 1673 -7.06 -10.79 18.09
C SER A 1673 -5.89 -11.69 17.70
N PHE A 1674 -4.78 -11.14 17.17
CA PHE A 1674 -3.63 -11.95 16.76
C PHE A 1674 -2.37 -11.67 17.57
N PRO A 1675 -2.37 -11.86 18.90
CA PRO A 1675 -1.11 -11.78 19.66
C PRO A 1675 -0.41 -13.11 19.90
N HIS A 1676 -0.84 -14.21 19.26
CA HIS A 1676 -0.26 -15.51 19.51
C HIS A 1676 0.19 -16.26 18.26
N VAL A 1677 -0.01 -15.71 17.07
CA VAL A 1677 0.30 -16.46 15.85
C VAL A 1677 1.78 -16.84 15.83
N ARG A 1678 2.09 -17.88 15.06
CA ARG A 1678 3.46 -18.34 14.94
C ARG A 1678 4.28 -17.35 14.11
N TRP A 1679 5.47 -17.02 14.61
CA TRP A 1679 6.31 -16.05 13.92
C TRP A 1679 6.91 -16.66 12.66
N GLU A 1680 6.26 -16.44 11.52
CA GLU A 1680 6.72 -16.95 10.24
C GLU A 1680 6.55 -15.86 9.19
N ALA A 1681 7.38 -15.93 8.15
CA ALA A 1681 7.29 -14.97 7.06
C ALA A 1681 7.40 -13.55 7.58
N GLY A 1682 6.55 -12.65 7.09
CA GLY A 1682 6.62 -11.25 7.47
C GLY A 1682 6.70 -11.01 8.95
N ILE A 1683 5.85 -11.68 9.74
CA ILE A 1683 5.90 -11.51 11.18
C ILE A 1683 7.25 -12.00 11.72
N ASP A 1684 7.68 -11.37 12.82
CA ASP A 1684 8.94 -11.72 13.46
C ASP A 1684 8.74 -11.63 14.97
N ASP A 1685 9.85 -11.66 15.70
CA ASP A 1685 9.81 -11.40 17.13
C ASP A 1685 9.76 -9.91 17.44
N MET A 1686 9.94 -9.05 16.44
CA MET A 1686 9.86 -7.62 16.61
C MET A 1686 8.70 -6.97 15.86
N PHE A 1687 8.09 -7.68 14.91
CA PHE A 1687 6.95 -7.18 14.15
C PHE A 1687 5.68 -7.95 14.50
N ASN A 1688 5.59 -8.43 15.74
CA ASN A 1688 4.40 -9.16 16.18
C ASN A 1688 3.29 -8.16 16.48
N PHE A 1689 2.20 -8.64 17.05
CA PHE A 1689 1.07 -7.80 17.45
C PHE A 1689 0.95 -7.70 18.96
N GLN A 1690 1.91 -8.24 19.70
CA GLN A 1690 1.79 -8.33 21.16
C GLN A 1690 2.01 -7.01 21.88
N THR A 1691 2.48 -5.97 21.18
CA THR A 1691 2.70 -4.67 21.79
C THR A 1691 2.10 -3.59 20.89
N PHE A 1692 1.73 -2.47 21.51
CA PHE A 1692 1.11 -1.39 20.75
C PHE A 1692 2.08 -0.83 19.72
N ALA A 1693 3.34 -0.65 20.10
CA ALA A 1693 4.31 -0.12 19.14
C ALA A 1693 4.47 -1.05 17.95
N ASN A 1694 4.57 -2.35 18.19
CA ASN A 1694 4.71 -3.30 17.10
C ASN A 1694 3.46 -3.32 16.23
N SER A 1695 2.28 -3.24 16.85
CA SER A 1695 1.04 -3.21 16.07
C SER A 1695 1.01 -1.98 15.17
N MET A 1696 1.37 -0.82 15.70
CA MET A 1696 1.41 0.39 14.89
C MET A 1696 2.43 0.26 13.76
N LEU A 1697 3.58 -0.35 14.05
CA LEU A 1697 4.58 -0.57 13.00
C LEU A 1697 4.00 -1.42 11.88
N CYS A 1698 3.38 -2.55 12.23
CA CYS A 1698 2.81 -3.43 11.23
C CYS A 1698 1.73 -2.75 10.42
N LEU A 1699 0.83 -2.03 11.10
CA LEU A 1699 -0.26 -1.37 10.39
C LEU A 1699 0.24 -0.26 9.49
N PHE A 1700 1.24 0.51 9.93
CA PHE A 1700 1.84 1.49 9.04
C PHE A 1700 2.44 0.80 7.82
N GLN A 1701 3.10 -0.33 8.02
CA GLN A 1701 3.70 -1.03 6.89
C GLN A 1701 2.63 -1.44 5.88
N ILE A 1702 1.53 -2.02 6.35
CA ILE A 1702 0.54 -2.58 5.44
C ILE A 1702 -0.42 -1.49 4.95
N THR A 1703 -0.32 -0.28 5.52
CA THR A 1703 -1.15 0.82 5.04
C THR A 1703 -0.98 1.05 3.56
N THR A 1704 0.21 0.79 3.02
CA THR A 1704 0.47 0.84 1.59
C THR A 1704 0.29 -0.52 0.92
N SER A 1705 -0.24 -1.49 1.65
CA SER A 1705 -0.38 -2.85 1.15
C SER A 1705 0.97 -3.43 0.77
N ALA A 1706 1.88 -3.47 1.74
CA ALA A 1706 3.21 -4.03 1.59
C ALA A 1706 3.47 -5.00 2.73
N GLY A 1707 3.65 -6.27 2.40
CA GLY A 1707 3.86 -7.29 3.40
C GLY A 1707 2.60 -7.77 4.09
N TRP A 1708 1.43 -7.28 3.69
CA TRP A 1708 0.20 -7.76 4.30
C TRP A 1708 0.02 -9.25 4.04
N ASP A 1709 0.48 -9.74 2.90
CA ASP A 1709 0.45 -11.18 2.66
C ASP A 1709 1.32 -11.91 3.66
N GLY A 1710 2.51 -11.38 3.94
CA GLY A 1710 3.39 -12.01 4.90
C GLY A 1710 2.79 -12.01 6.29
N LEU A 1711 2.06 -10.95 6.65
CA LEU A 1711 1.42 -10.91 7.95
C LEU A 1711 0.19 -11.82 8.00
N LEU A 1712 -0.47 -12.02 6.86
CA LEU A 1712 -1.66 -12.87 6.81
C LEU A 1712 -1.31 -14.34 6.83
N SER A 1713 -0.23 -14.74 6.16
CA SER A 1713 0.13 -16.15 6.05
C SER A 1713 0.21 -16.86 7.39
N PRO A 1714 0.90 -16.34 8.41
CA PRO A 1714 0.90 -17.03 9.71
C PRO A 1714 -0.47 -17.11 10.36
N ILE A 1715 -1.48 -16.48 9.79
CA ILE A 1715 -2.84 -16.58 10.30
C ILE A 1715 -3.65 -17.62 9.54
N LEU A 1716 -3.38 -17.78 8.24
CA LEU A 1716 -4.08 -18.80 7.46
C LEU A 1716 -3.77 -20.21 7.97
N ASN A 1717 -2.64 -20.40 8.63
CA ASN A 1717 -2.29 -21.72 9.14
C ASN A 1717 -3.32 -22.18 10.16
N THR A 1718 -3.75 -23.44 10.03
CA THR A 1718 -4.76 -23.98 10.92
C THR A 1718 -4.45 -25.39 11.42
N GLY A 1719 -3.34 -25.99 11.00
CA GLY A 1719 -2.99 -27.33 11.43
C GLY A 1719 -1.54 -27.63 11.18
N PRO A 1720 -1.04 -28.72 11.77
CA PRO A 1720 0.39 -29.04 11.64
C PRO A 1720 0.71 -29.43 10.22
N PRO A 1721 1.99 -29.27 9.81
CA PRO A 1721 3.00 -28.76 10.72
C PRO A 1721 3.17 -27.24 10.65
N TYR A 1722 2.70 -26.61 9.56
CA TYR A 1722 2.91 -25.15 9.36
C TYR A 1722 2.62 -24.40 10.65
N CYS A 1723 1.56 -24.78 11.37
CA CYS A 1723 1.29 -24.17 12.68
C CYS A 1723 0.92 -25.33 13.61
N ASP A 1724 1.28 -25.27 14.88
CA ASP A 1724 0.84 -26.36 15.79
C ASP A 1724 -0.48 -25.94 16.44
N PRO A 1725 -1.65 -26.32 15.90
CA PRO A 1725 -2.91 -25.99 16.56
C PRO A 1725 -2.81 -26.38 18.00
N ASN A 1726 -2.17 -27.50 18.26
CA ASN A 1726 -2.00 -27.93 19.63
C ASN A 1726 -0.74 -27.30 20.18
N LEU A 1727 -0.90 -26.36 21.10
CA LEU A 1727 0.26 -25.70 21.67
C LEU A 1727 -0.22 -24.87 22.86
N PRO A 1728 0.35 -25.10 24.05
CA PRO A 1728 -0.16 -24.38 25.24
C PRO A 1728 -0.47 -22.94 24.90
N ASN A 1729 0.49 -22.23 24.34
CA ASN A 1729 0.23 -20.86 23.89
C ASN A 1729 -0.41 -19.99 24.96
N SER A 1730 0.09 -20.06 26.19
CA SER A 1730 -0.49 -19.31 27.30
C SER A 1730 -1.97 -19.71 27.35
N ASN A 1731 -2.91 -18.76 27.30
CA ASN A 1731 -4.32 -19.08 27.17
C ASN A 1731 -4.81 -18.98 25.73
N GLY A 1732 -3.92 -18.73 24.78
CA GLY A 1732 -4.30 -18.57 23.38
C GLY A 1732 -5.02 -19.76 22.81
N THR A 1733 -6.16 -19.50 22.17
CA THR A 1733 -6.96 -20.58 21.62
C THR A 1733 -6.49 -20.94 20.21
N ARG A 1734 -6.62 -22.21 19.87
CA ARG A 1734 -6.05 -22.78 18.64
C ARG A 1734 -4.53 -22.72 18.65
N GLY A 1735 -3.94 -22.62 19.83
CA GLY A 1735 -2.50 -22.63 19.94
C GLY A 1735 -1.84 -21.57 19.08
N ASP A 1736 -0.92 -21.99 18.21
CA ASP A 1736 -0.18 -21.09 17.33
C ASP A 1736 -0.88 -20.86 16.00
N CYS A 1737 -2.16 -21.20 15.94
CA CYS A 1737 -2.91 -21.06 14.66
C CYS A 1737 -3.97 -19.98 14.81
N GLY A 1738 -4.17 -19.18 13.77
CA GLY A 1738 -5.14 -18.10 13.78
C GLY A 1738 -6.49 -18.54 13.23
N SER A 1739 -7.35 -17.54 13.05
CA SER A 1739 -8.66 -17.77 12.46
C SER A 1739 -8.66 -17.20 11.05
N PRO A 1740 -8.63 -18.02 10.00
CA PRO A 1740 -8.53 -17.47 8.64
C PRO A 1740 -9.65 -16.51 8.28
N ALA A 1741 -10.87 -16.78 8.73
CA ALA A 1741 -11.98 -15.91 8.35
C ALA A 1741 -11.78 -14.49 8.88
N VAL A 1742 -11.53 -14.37 10.18
CA VAL A 1742 -11.36 -13.05 10.78
C VAL A 1742 -10.10 -12.40 10.25
N GLY A 1743 -9.04 -13.19 10.03
CA GLY A 1743 -7.82 -12.61 9.46
C GLY A 1743 -8.05 -12.00 8.10
N ILE A 1744 -8.75 -12.73 7.23
CA ILE A 1744 -9.03 -12.23 5.89
C ILE A 1744 -9.90 -11.00 5.95
N ILE A 1745 -10.96 -11.04 6.78
CA ILE A 1745 -11.84 -9.87 6.90
C ILE A 1745 -11.02 -8.67 7.35
N PHE A 1746 -10.23 -8.84 8.41
CA PHE A 1746 -9.43 -7.75 8.95
C PHE A 1746 -8.53 -7.15 7.88
N PHE A 1747 -7.74 -7.99 7.21
CA PHE A 1747 -6.73 -7.45 6.31
C PHE A 1747 -7.34 -6.86 5.05
N THR A 1748 -8.33 -7.54 4.47
CA THR A 1748 -8.98 -7.02 3.27
C THR A 1748 -9.68 -5.70 3.55
N THR A 1749 -10.41 -5.63 4.67
CA THR A 1749 -11.08 -4.39 5.02
C THR A 1749 -10.07 -3.27 5.25
N TYR A 1750 -8.98 -3.56 5.95
CA TYR A 1750 -8.00 -2.50 6.19
C TYR A 1750 -7.39 -1.99 4.89
N ILE A 1751 -7.02 -2.90 3.99
CA ILE A 1751 -6.37 -2.44 2.77
C ILE A 1751 -7.35 -1.64 1.92
N ILE A 1752 -8.62 -2.05 1.87
CA ILE A 1752 -9.59 -1.30 1.07
C ILE A 1752 -9.82 0.08 1.68
N ILE A 1753 -10.00 0.13 3.00
CA ILE A 1753 -10.25 1.41 3.67
C ILE A 1753 -9.08 2.35 3.48
N SER A 1754 -7.86 1.85 3.69
CA SER A 1754 -6.67 2.67 3.49
C SER A 1754 -6.50 3.11 2.05
N PHE A 1755 -6.85 2.26 1.08
CA PHE A 1755 -6.84 2.70 -0.31
C PHE A 1755 -7.79 3.87 -0.52
N LEU A 1756 -8.98 3.80 0.05
CA LEU A 1756 -9.92 4.91 -0.06
C LEU A 1756 -9.37 6.19 0.56
N ILE A 1757 -8.81 6.08 1.76
CA ILE A 1757 -8.33 7.27 2.45
C ILE A 1757 -7.14 7.89 1.71
N VAL A 1758 -6.21 7.05 1.25
CA VAL A 1758 -5.06 7.59 0.54
C VAL A 1758 -5.45 8.17 -0.82
N VAL A 1759 -6.44 7.59 -1.51
CA VAL A 1759 -6.90 8.23 -2.74
C VAL A 1759 -7.61 9.54 -2.44
N ASN A 1760 -8.30 9.65 -1.29
CA ASN A 1760 -8.80 10.96 -0.88
C ASN A 1760 -7.67 11.96 -0.70
N MET A 1761 -6.59 11.54 -0.04
CA MET A 1761 -5.42 12.41 0.11
C MET A 1761 -4.87 12.84 -1.23
N TYR A 1762 -4.72 11.90 -2.17
CA TYR A 1762 -4.19 12.23 -3.48
C TYR A 1762 -5.11 13.18 -4.24
N ILE A 1763 -6.41 12.98 -4.18
CA ILE A 1763 -7.35 13.91 -4.81
C ILE A 1763 -7.26 15.30 -4.18
N ALA A 1764 -7.17 15.36 -2.85
CA ALA A 1764 -7.05 16.67 -2.20
C ALA A 1764 -5.79 17.40 -2.65
N VAL A 1765 -4.66 16.70 -2.69
CA VAL A 1765 -3.42 17.34 -3.14
C VAL A 1765 -3.54 17.75 -4.61
N ILE A 1766 -4.13 16.89 -5.43
CA ILE A 1766 -4.22 17.16 -6.87
C ILE A 1766 -5.06 18.41 -7.10
N LEU A 1767 -6.19 18.54 -6.40
CA LEU A 1767 -7.02 19.72 -6.55
C LEU A 1767 -6.40 20.95 -5.92
N GLU A 1768 -5.66 20.81 -4.83
CA GLU A 1768 -4.97 21.96 -4.25
C GLU A 1768 -3.92 22.51 -5.19
N ASN A 1769 -3.16 21.64 -5.86
CA ASN A 1769 -2.22 22.09 -6.88
C ASN A 1769 -2.93 22.55 -8.14
N PHE A 1770 -4.12 22.01 -8.42
CA PHE A 1770 -4.86 22.42 -9.61
C PHE A 1770 -5.26 23.89 -9.52
N ASN A 1771 -5.66 24.35 -8.34
CA ASN A 1771 -6.07 25.73 -8.15
C ASN A 1771 -4.93 26.69 -8.49
C1 NAG B . 27.67 -4.80 20.42
C2 NAG B . 28.88 -4.36 19.61
C3 NAG B . 30.03 -5.32 19.80
C4 NAG B . 30.34 -5.46 21.29
C5 NAG B . 29.09 -5.86 22.05
C6 NAG B . 29.38 -5.91 23.53
C7 NAG B . 28.02 -3.30 17.60
C8 NAG B . 27.77 -3.47 16.13
N2 NAG B . 28.56 -4.35 18.21
O3 NAG B . 31.15 -4.79 19.12
O4 NAG B . 31.38 -6.42 21.50
O5 NAG B . 28.03 -4.94 21.79
O6 NAG B . 29.89 -4.64 23.96
O7 NAG B . 27.74 -2.28 18.20
C1 NAG B . 32.60 -5.67 21.62
C2 NAG B . 33.57 -6.26 22.61
C3 NAG B . 34.77 -5.34 22.73
C4 NAG B . 35.39 -5.14 21.37
C5 NAG B . 34.35 -4.58 20.41
C6 NAG B . 34.88 -4.41 19.00
C7 NAG B . 32.48 -7.62 24.29
C8 NAG B . 33.21 -8.80 23.74
N2 NAG B . 32.94 -6.44 23.91
O3 NAG B . 35.72 -5.91 23.64
O4 NAG B . 36.49 -4.23 21.50
O5 NAG B . 33.24 -5.47 20.35
O6 NAG B . 35.18 -5.70 18.44
O7 NAG B . 31.51 -7.73 25.03
C1 BMA B . 37.60 -4.65 20.67
C2 BMA B . 38.52 -3.46 20.45
C3 BMA B . 39.67 -3.85 19.55
C4 BMA B . 40.38 -5.03 20.17
C5 BMA B . 39.40 -6.17 20.41
C6 BMA B . 40.10 -7.36 21.06
O2 BMA B . 39.03 -3.02 21.71
O3 BMA B . 40.57 -2.75 19.40
O4 BMA B . 41.44 -5.47 19.30
O5 BMA B . 38.33 -5.74 21.24
O6 BMA B . 39.17 -8.44 21.20
C1 NAG C . 28.86 -17.84 -9.72
C2 NAG C . 29.88 -16.77 -10.10
C3 NAG C . 31.20 -17.44 -10.43
C4 NAG C . 31.66 -18.25 -9.22
C5 NAG C . 30.59 -19.27 -8.87
C6 NAG C . 30.95 -20.06 -7.61
C7 NAG C . 28.89 -14.81 -11.10
C8 NAG C . 28.42 -14.16 -12.37
N2 NAG C . 29.42 -16.02 -11.25
O3 NAG C . 32.18 -16.44 -10.72
O4 NAG C . 32.90 -18.90 -9.53
O5 NAG C . 29.37 -18.59 -8.62
O6 NAG C . 30.97 -19.15 -6.49
O7 NAG C . 28.80 -14.26 -10.02
C1 NAG C . 33.76 -18.66 -8.40
C2 NAG C . 34.76 -19.79 -8.18
C3 NAG C . 35.47 -19.56 -6.85
C4 NAG C . 36.11 -18.19 -6.88
C5 NAG C . 35.06 -17.12 -7.16
C6 NAG C . 35.69 -15.74 -7.22
C7 NAG C . 33.83 -21.74 -9.27
C8 NAG C . 33.35 -23.15 -9.08
N2 NAG C . 34.09 -21.07 -8.16
O3 NAG C . 36.46 -20.57 -6.66
O4 NAG C . 36.73 -17.93 -5.62
O5 NAG C . 34.40 -17.39 -8.39
O6 NAG C . 36.59 -15.70 -8.34
O7 NAG C . 33.96 -21.24 -10.38
C1 BMA C . 38.15 -18.05 -5.75
C2 BMA C . 38.68 -18.85 -4.57
C3 BMA C . 40.19 -19.00 -4.66
C4 BMA C . 40.53 -19.64 -6.00
C5 BMA C . 39.95 -18.81 -7.14
C6 BMA C . 40.22 -19.47 -8.48
O2 BMA C . 38.07 -20.14 -4.55
O3 BMA C . 40.67 -19.83 -3.60
O4 BMA C . 41.96 -19.71 -6.15
O5 BMA C . 38.54 -18.68 -6.97
O6 BMA C . 39.66 -18.67 -9.53
C1 NAG D . 13.49 -35.42 5.39
C2 NAG D . 14.89 -35.49 4.81
C3 NAG D . 15.69 -36.53 5.59
C4 NAG D . 15.66 -36.19 7.07
C5 NAG D . 14.21 -36.09 7.56
C6 NAG D . 14.12 -35.70 9.02
C7 NAG D . 14.65 -34.97 2.44
C8 NAG D . 14.87 -35.50 1.05
N2 NAG D . 14.86 -35.86 3.42
O3 NAG D . 17.04 -36.53 5.13
O4 NAG D . 16.34 -37.24 7.77
O5 NAG D . 13.50 -35.13 6.78
O6 NAG D . 14.74 -34.42 9.22
O7 NAG D . 14.29 -33.83 2.65
C1 NAG D . 17.23 -36.71 8.75
C2 NAG D . 17.43 -37.75 9.85
C3 NAG D . 18.34 -37.21 10.93
C4 NAG D . 19.65 -36.78 10.30
C5 NAG D . 19.38 -35.77 9.19
C6 NAG D . 20.68 -35.36 8.51
C7 NAG D . 15.41 -39.10 9.90
C8 NAG D . 15.79 -40.48 10.34
N2 NAG D . 16.14 -38.12 10.42
O3 NAG D . 18.58 -38.23 11.90
O4 NAG D . 20.47 -36.19 11.31
O5 NAG D . 18.49 -36.32 8.21
O6 NAG D . 20.45 -34.22 7.68
O7 NAG D . 14.49 -38.89 9.14
C1 BMA D . 21.74 -36.86 11.39
C2 BMA D . 21.87 -37.60 12.72
C3 BMA D . 23.28 -38.17 12.84
C4 BMA D . 23.55 -39.04 11.63
C5 BMA D . 23.36 -38.26 10.35
C6 BMA D . 23.60 -39.14 9.13
O2 BMA D . 20.93 -38.67 12.76
O3 BMA D . 23.40 -38.92 14.04
O4 BMA D . 24.89 -39.53 11.70
O5 BMA D . 22.03 -37.73 10.30
O6 BMA D . 24.93 -39.63 9.13
C1 NAG E . 2.13 -43.16 -7.09
C2 NAG E . 1.04 -44.20 -7.30
C3 NAG E . 1.67 -45.59 -7.25
C4 NAG E . 2.78 -45.68 -8.27
C5 NAG E . 3.80 -44.59 -8.03
C6 NAG E . 4.88 -44.55 -9.10
C7 NAG E . -1.01 -43.25 -6.39
C8 NAG E . -2.27 -43.70 -5.74
N2 NAG E . 0.03 -44.08 -6.27
O3 NAG E . 0.67 -46.57 -7.54
O4 NAG E . 3.41 -46.96 -8.14
O5 NAG E . 3.16 -43.32 -8.06
O6 NAG E . 4.33 -43.99 -10.30
O7 NAG E . -0.94 -42.20 -7.00
C1 NAG E . 3.50 -47.55 -9.45
C2 NAG E . 4.79 -48.35 -9.61
C3 NAG E . 4.91 -48.81 -11.05
C4 NAG E . 3.67 -49.62 -11.39
C5 NAG E . 2.43 -48.78 -11.16
C6 NAG E . 1.17 -49.58 -11.47
C7 NAG E . 6.41 -47.59 -7.99
C8 NAG E . 7.90 -47.64 -7.86
N2 NAG E . 5.95 -47.56 -9.23
O3 NAG E . 6.09 -49.59 -11.21
O4 NAG E . 3.74 -50.04 -12.75
O5 NAG E . 2.38 -48.35 -9.81
O6 NAG E . 1.09 -50.70 -10.60
O7 NAG E . 5.68 -47.58 -7.02
C1 BMA E . 3.98 -51.46 -12.75
C2 BMA E . 3.53 -52.07 -14.07
C3 BMA E . 3.75 -53.58 -14.03
C4 BMA E . 5.21 -53.85 -13.72
C5 BMA E . 5.59 -53.18 -12.41
C6 BMA E . 7.07 -53.41 -12.10
O2 BMA E . 4.31 -51.51 -15.14
O3 BMA E . 3.39 -54.15 -15.29
O4 BMA E . 5.42 -55.26 -13.62
O5 BMA E . 5.35 -51.78 -12.49
O6 BMA E . 7.39 -52.74 -10.87
C1 NAG F . 3.88 -39.00 8.30
C2 NAG F . 2.50 -38.40 8.07
C3 NAG F . 2.24 -37.26 9.05
C4 NAG F . 2.48 -37.72 10.48
C5 NAG F . 3.85 -38.35 10.62
C6 NAG F . 4.02 -38.97 12.00
C7 NAG F . 2.04 -38.58 5.68
C8 NAG F . 1.76 -37.82 4.42
N2 NAG F . 2.39 -37.85 6.74
O3 NAG F . 0.89 -36.84 8.92
O4 NAG F . 2.40 -36.57 11.31
O5 NAG F . 4.04 -39.38 9.67
O6 NAG F . 2.96 -39.88 12.23
O7 NAG F . 1.96 -39.80 5.73
C1 NAG F . 1.25 -36.68 12.18
C2 NAG F . 1.68 -36.22 13.57
C3 NAG F . 0.51 -36.32 14.52
C4 NAG F . -0.62 -35.46 13.98
C5 NAG F . -0.97 -35.94 12.57
C6 NAG F . -2.09 -35.11 11.98
C7 NAG F . 4.03 -36.59 13.98
C8 NAG F . 4.90 -36.90 15.17
N2 NAG F . 2.78 -37.02 14.06
O3 NAG F . 0.93 -35.89 15.81
O4 NAG F . -1.77 -35.54 14.82
O5 NAG F . 0.18 -35.86 11.72
O6 NAG F . -1.62 -33.80 11.74
O7 NAG F . 4.43 -35.97 13.01
C1 BMA F . -1.73 -34.51 15.83
C2 BMA F . -2.03 -35.13 17.18
C3 BMA F . -1.94 -34.10 18.29
C4 BMA F . -0.58 -33.41 18.24
C5 BMA F . -0.32 -32.84 16.86
C6 BMA F . 1.09 -32.28 16.79
O2 BMA F . -1.09 -36.18 17.44
O3 BMA F . -2.10 -34.73 19.56
O4 BMA F . -0.55 -32.35 19.20
O5 BMA F . -0.46 -33.85 15.86
O6 BMA F . 2.02 -33.33 17.05
C1 CLR G . -26.97 -2.94 -9.83
C2 CLR G . -27.58 -1.53 -9.95
C3 CLR G . -27.78 -1.13 -11.39
C4 CLR G . -28.65 -2.17 -12.09
C5 CLR G . -28.07 -3.57 -11.96
C6 CLR G . -27.83 -4.30 -13.04
C7 CLR G . -27.53 -5.76 -13.01
C8 CLR G . -27.59 -6.34 -11.60
C9 CLR G . -26.96 -5.35 -10.61
C10 CLR G . -27.78 -4.03 -10.54
C11 CLR G . -26.66 -5.96 -9.23
C12 CLR G . -26.00 -7.35 -9.28
C13 CLR G . -26.82 -8.33 -10.14
C14 CLR G . -26.88 -7.69 -11.54
C15 CLR G . -27.38 -8.80 -12.43
C16 CLR G . -26.67 -10.06 -11.88
C17 CLR G . -26.16 -9.70 -10.45
C18 CLR G . -28.21 -8.53 -9.53
C19 CLR G . -29.14 -4.23 -9.82
C20 CLR G . -26.34 -10.87 -9.47
C21 CLR G . -25.66 -10.61 -8.12
C22 CLR G . -25.88 -12.21 -10.05
C23 CLR G . -24.39 -12.36 -10.27
C24 CLR G . -23.77 -13.42 -9.40
C25 CLR G . -23.67 -14.81 -10.01
C26 CLR G . -23.28 -15.85 -8.96
C27 CLR G . -24.94 -15.24 -10.71
O1 CLR G . -28.41 0.16 -11.46
C1 CLR H . -18.19 -11.29 -30.94
C2 CLR H . -18.87 -10.58 -32.10
C3 CLR H . -18.91 -9.08 -31.93
C4 CLR H . -17.52 -8.54 -31.64
C5 CLR H . -16.87 -9.27 -30.48
C6 CLR H . -16.46 -8.61 -29.41
C7 CLR H . -15.82 -9.25 -28.23
C8 CLR H . -15.22 -10.60 -28.58
C9 CLR H . -16.29 -11.44 -29.31
C10 CLR H . -16.77 -10.78 -30.63
C11 CLR H . -15.85 -12.90 -29.48
C12 CLR H . -15.32 -13.55 -28.20
C13 CLR H . -14.18 -12.75 -27.57
C14 CLR H . -14.77 -11.34 -27.33
C15 CLR H . -13.75 -10.69 -26.40
C16 CLR H . -13.49 -11.82 -25.39
C17 CLR H . -13.73 -13.16 -26.14
C18 CLR H . -12.97 -12.69 -28.53
C19 CLR H . -15.83 -11.09 -31.81
C20 CLR H . -12.54 -14.12 -25.94
C21 CLR H . -12.51 -15.27 -26.94
C22 CLR H . -12.54 -14.68 -24.51
C23 CLR H . -11.30 -15.39 -24.07
C24 CLR H . -11.44 -16.07 -22.73
C25 CLR H . -12.12 -17.44 -22.75
C26 CLR H . -11.16 -18.51 -23.24
C27 CLR H . -12.67 -17.80 -21.38
O1 CLR H . -19.41 -8.47 -33.12
C1 CLR I . -32.88 6.10 10.35
C2 CLR I . -33.42 6.66 9.04
C3 CLR I . -32.33 6.79 8.01
C4 CLR I . -31.71 5.44 7.77
C5 CLR I . -31.16 4.84 9.04
C6 CLR I . -29.90 4.43 9.11
C7 CLR I . -29.33 3.62 10.23
C8 CLR I . -30.34 3.30 11.33
C9 CLR I . -31.31 4.49 11.51
C10 CLR I . -32.13 4.75 10.21
C11 CLR I . -32.18 4.37 12.77
C12 CLR I . -31.37 4.04 14.03
C13 CLR I . -30.56 2.76 13.84
C14 CLR I . -29.62 3.02 12.64
C15 CLR I . -28.60 1.89 12.68
C16 CLR I . -28.48 1.55 14.19
C17 CLR I . -29.50 2.43 14.94
C18 CLR I . -31.48 1.55 13.62
C19 CLR I . -33.13 3.62 9.91
C20 CLR I . -29.96 1.83 16.27
C21 CLR I . -30.83 2.79 17.09
C22 CLR I . -28.77 1.35 17.13
C23 CLR I . -29.10 0.23 18.07
C24 CLR I . -27.87 -0.42 18.64
C25 CLR I . -28.08 -1.67 19.49
C26 CLR I . -28.84 -2.75 18.74
C27 CLR I . -26.76 -2.21 19.99
O1 CLR I . -32.88 7.32 6.79
C1 CLR J . 34.97 9.31 -2.07
C2 CLR J . 35.92 8.88 -0.94
C3 CLR J . 35.24 8.97 0.40
C4 CLR J . 34.01 8.09 0.40
C5 CLR J . 33.05 8.44 -0.72
C6 CLR J . 31.77 8.70 -0.47
C7 CLR J . 30.73 8.99 -1.50
C8 CLR J . 31.21 8.78 -2.93
C9 CLR J . 32.67 9.25 -3.07
C10 CLR J . 33.65 8.50 -2.12
C11 CLR J . 33.13 9.23 -4.54
C12 CLR J . 32.19 9.99 -5.48
C13 CLR J . 30.75 9.47 -5.39
C14 CLR J . 30.34 9.57 -3.89
C15 CLR J . 28.84 9.31 -3.91
C16 CLR J . 28.37 9.87 -5.26
C17 CLR J . 29.64 10.37 -6.00
C18 CLR J . 30.66 8.03 -5.92
C19 CLR J . 33.94 7.06 -2.58
C20 CLR J . 29.44 10.45 -7.53
C21 CLR J . 30.70 10.18 -8.34
C22 CLR J . 28.87 11.83 -7.91
C23 CLR J . 27.52 12.18 -7.34
C24 CLR J . 26.95 13.44 -7.92
C25 CLR J . 27.86 14.67 -7.90
C26 CLR J . 27.14 15.89 -8.45
C27 CLR J . 28.37 14.96 -6.50
O1 CLR J . 36.14 8.55 1.44
C1 PCW K . 7.80 31.80 9.52
C2 PCW K . 8.96 30.96 9.03
C3 PCW K . 8.80 30.52 7.58
C4 PCW K . 7.17 35.75 7.80
C5 PCW K . 7.16 36.91 6.84
C6 PCW K . 6.00 38.73 5.71
C7 PCW K . 4.74 36.83 6.42
C8 PCW K . 5.60 38.38 8.06
C11 PCW K . 7.23 29.36 6.26
C12 PCW K . 7.23 27.87 6.11
C13 PCW K . 6.85 27.39 4.75
C14 PCW K . 6.69 25.89 4.71
C15 PCW K . 6.54 25.31 3.33
C16 PCW K . 6.06 23.88 3.30
C17 PCW K . 6.81 22.97 4.26
C18 PCW K . 6.50 21.52 4.07
C19 PCW K . 6.94 20.66 5.21
C20 PCW K . 6.47 20.72 6.42
C21 PCW K . 5.24 21.46 6.85
C31 PCW K . 10.73 31.91 10.35
C32 PCW K . 11.86 30.99 10.70
C33 PCW K . 11.44 29.55 10.85
C34 PCW K . 11.43 28.78 9.54
C35 PCW K . 10.53 27.58 9.55
C36 PCW K . 10.01 27.16 8.20
C37 PCW K . 10.84 26.10 7.50
C38 PCW K . 10.13 25.46 6.33
C39 PCW K . 11.00 24.59 5.50
C40 PCW K . 11.52 23.45 5.88
C41 PCW K . 11.13 22.69 7.11
C42 PCW K . 11.86 21.40 7.27
C43 PCW K . 11.45 20.32 6.30
C44 PCW K . 12.09 18.99 6.59
C45 PCW K . 11.70 17.88 5.64
C46 PCW K . 12.33 16.54 5.96
C47 PCW K . 13.80 16.45 5.70
C48 PCW K . 14.52 15.52 6.65
N PCW K . 5.88 37.71 6.76
O2 PCW K . 10.20 31.71 9.14
O3 PCW K . 7.60 29.73 7.49
O11 PCW K . 6.94 30.15 5.39
O31 PCW K . 10.34 32.79 11.08
O1P PCW K . 5.30 33.71 9.22
O2P PCW K . 5.77 32.22 7.13
O3P PCW K . 7.64 32.96 8.66
O4P PCW K . 6.49 34.62 7.19
P PCW K . 6.20 33.31 8.07
C1 LPE L . -2.60 -2.87 -10.94
O1 LPE L . -1.45 -2.07 -11.13
C2 LPE L . -3.47 -2.27 -9.84
O2H LPE L . -4.65 -3.06 -9.66
C3 LPE L . -2.70 -2.23 -8.53
C11 LPE L . -0.98 -2.09 -12.47
C12 LPE L . -0.81 -3.54 -12.92
O3 LPE L . -3.51 -1.60 -7.54
P LPE L . -2.82 -0.72 -6.38
O31 LPE L . -1.33 -0.98 -6.42
O32 LPE L . -3.35 0.69 -6.47
O33 LPE L . -3.41 -1.38 -5.04
C31 LPE L . -4.77 -1.19 -4.67
C32 LPE L . -5.41 -2.55 -4.41
N LPE L . -6.83 -2.36 -4.10
C1N LPE L . -6.96 -1.69 -2.80
C2N LPE L . -7.46 -1.55 -5.15
C3N LPE L . -7.50 -3.67 -4.04
C13 LPE L . 0.03 -3.65 -14.19
C14 LPE L . -0.65 -3.03 -15.40
C15 LPE L . 0.14 -3.35 -16.66
C16 LPE L . -0.41 -2.61 -17.87
C17 LPE L . -1.82 -3.06 -18.22
C1 LPE M . 15.12 9.71 15.48
O1 LPE M . 14.99 10.89 14.71
C2 LPE M . 16.19 9.91 16.53
O2H LPE M . 16.04 11.22 17.08
C3 LPE M . 16.12 8.89 17.65
C11 LPE M . 13.85 10.91 13.87
C12 LPE M . 14.11 10.05 12.66
O3 LPE M . 16.88 9.37 18.80
P LPE M . 18.48 9.15 18.86
O31 LPE M . 19.11 9.68 17.60
O32 LPE M . 18.95 9.64 20.20
O33 LPE M . 18.61 7.55 18.83
C31 LPE M . 18.41 6.80 20.06
C32 LPE M . 19.74 6.55 20.74
N LPE M . 19.71 6.18 22.20
C1N LPE M . 18.79 5.03 22.42
C2N LPE M . 21.07 5.79 22.64
C3N LPE M . 19.25 7.33 23.01
C13 LPE M . 15.38 10.40 11.93
C14 LPE M . 15.39 11.77 11.33
C15 LPE M . 14.56 11.91 10.08
C16 LPE M . 14.64 13.26 9.43
C17 LPE M . 14.06 14.38 10.26
C1 PCW N . -20.89 -4.16 -28.41
C2 PCW N . -19.52 -4.61 -28.00
C3 PCW N . -19.24 -6.06 -28.35
C11 PCW N . -19.74 -8.19 -27.50
C12 PCW N . -19.97 -8.80 -26.16
C13 PCW N . -18.72 -9.40 -25.58
C14 PCW N . -17.72 -8.36 -25.15
C15 PCW N . -16.38 -8.92 -24.78
C16 PCW N . -15.48 -7.97 -24.04
C17 PCW N . -14.12 -8.57 -23.67
C18 PCW N . -13.56 -8.07 -22.37
C19 PCW N . -12.23 -8.67 -22.05
C20 PCW N . -11.96 -9.50 -21.08
C21 PCW N . -12.95 -10.19 -20.20
C22 PCW N . -12.32 -11.15 -19.24
C31 PCW N . -17.67 -3.08 -27.87
C32 PCW N . -16.23 -3.42 -28.16
C33 PCW N . -15.89 -4.85 -27.91
C34 PCW N . -16.17 -5.29 -26.49
C35 PCW N . -15.46 -4.48 -25.43
C36 PCW N . -13.97 -4.42 -25.59
C37 PCW N . -13.26 -5.75 -25.38
C38 PCW N . -11.84 -5.79 -25.82
C39 PCW N . -11.17 -7.08 -25.49
C40 PCW N . -10.70 -7.92 -26.37
C41 PCW N . -10.30 -9.35 -26.16
C42 PCW N . -10.50 -9.84 -24.76
C43 PCW N . -9.95 -11.24 -24.51
C44 PCW N . -10.20 -11.76 -23.12
C45 PCW N . -9.18 -12.76 -22.64
C46 PCW N . -9.50 -13.37 -21.31
C47 PCW N . -9.60 -12.37 -20.19
O2 PCW N . -18.52 -3.77 -28.64
O3 PCW N . -20.03 -6.89 -27.48
O11 PCW N . -19.34 -8.75 -28.48
O31 PCW N . -18.04 -2.30 -27.03
O1P PCW N . -22.84 -2.22 -29.76
O2P PCW N . -20.35 -1.51 -30.12
O3P PCW N . -21.06 -2.76 -28.07
O4P PCW N . -21.79 -0.38 -28.39
P PCW N . -21.53 -1.74 -29.21
C1 PCW O . -0.11 -26.43 -21.48
C2 PCW O . -1.04 -25.87 -22.54
C3 PCW O . -2.37 -25.44 -21.92
C4 PCW O . 3.16 -27.54 -20.07
C5 PCW O . 4.56 -27.60 -20.63
C6 PCW O . 3.90 -29.69 -21.61
C7 PCW O . 6.23 -29.11 -21.49
C8 PCW O . 5.03 -29.66 -19.50
C11 PCW O . -2.56 -24.63 -19.57
C12 PCW O . -2.16 -23.66 -18.49
C13 PCW O . -3.05 -22.43 -18.53
C14 PCW O . -3.11 -21.82 -19.91
C15 PCW O . -3.70 -20.41 -19.84
C16 PCW O . -4.96 -20.42 -18.98
C17 PCW O . -5.55 -19.03 -18.94
C18 PCW O . -5.84 -18.54 -20.36
C19 PCW O . -6.33 -17.12 -20.31
C20 PCW O . -5.66 -16.17 -20.98
C31 PCW O . 0.64 -25.06 -24.07
C32 PCW O . 1.65 -24.00 -24.47
C33 PCW O . 1.04 -23.01 -25.46
C34 PCW O . -0.24 -22.38 -24.94
C35 PCW O . -0.03 -21.77 -23.55
C36 PCW O . -1.34 -21.18 -23.04
C37 PCW O . -1.82 -20.10 -24.00
C38 PCW O . -3.01 -19.33 -23.43
C39 PCW O . -3.28 -18.15 -24.33
C40 PCW O . -3.69 -17.00 -23.81
C41 PCW O . -3.97 -15.83 -24.72
C42 PCW O . -5.34 -15.26 -24.42
N PCW O . 4.94 -29.01 -20.81
O2 PCW O . -0.44 -24.73 -23.15
O3 PCW O . -2.14 -24.41 -20.95
O11 PCW O . -3.24 -25.61 -19.31
O31 PCW O . 0.74 -26.20 -24.51
O1P PCW O . 0.77 -27.11 -18.75
O2P PCW O . 1.56 -24.63 -18.47
O3P PCW O . 0.35 -25.41 -20.57
O4P PCW O . 2.69 -26.20 -20.09
P PCW O . 1.31 -25.83 -19.35
C1 LPE P . -23.62 14.45 8.28
O1 LPE P . -22.37 13.95 7.82
C2 LPE P . -24.06 15.62 7.41
O2H LPE P . -24.02 15.24 6.04
C3 LPE P . -25.49 16.00 7.79
C11 LPE P . -22.47 12.60 7.40
C12 LPE P . -23.71 11.96 8.00
O3 LPE P . -25.55 16.34 9.17
P LPE P . -26.39 15.42 10.20
O31 LPE P . -26.50 14.04 9.61
O32 LPE P . -25.79 15.61 11.57
O33 LPE P . -27.86 16.08 10.19
C31 LPE P . -28.30 16.91 9.13
C32 LPE P . -29.75 16.60 8.78
N LPE P . -29.88 15.26 8.16
C1N LPE P . -28.70 14.96 7.35
C2N LPE P . -30.03 14.25 9.21
C3N LPE P . -31.08 15.25 7.31
C13 LPE P . -23.77 10.49 7.61
C14 LPE P . -22.46 9.84 8.02
C15 LPE P . -22.37 9.69 9.53
C16 LPE P . -22.86 8.31 9.95
C17 LPE P . -22.00 7.25 9.30
C18 LPE P . -20.53 7.49 9.60
C19 LPE P . -19.65 6.40 9.02
C20 LPE P . -20.01 6.15 7.56
C21 LPE P . -18.88 5.43 6.82
C22 LPE P . -17.63 6.28 6.77
C23 LPE P . -16.57 5.63 5.89
C24 LPE P . -15.33 6.51 5.76
C25 LPE P . -14.61 6.72 7.09
C26 LPE P . -13.78 5.51 7.49
C27 LPE P . -14.60 4.47 8.24
C28 LPE P . -13.77 3.26 8.60
C1 LPE Q . -20.24 -22.45 -2.63
O1 LPE Q . -19.68 -21.31 -3.26
C2 LPE Q . -19.17 -23.51 -2.47
O2H LPE Q . -18.04 -22.92 -1.81
C3 LPE Q . -19.71 -24.67 -1.63
C11 LPE Q . -20.42 -20.14 -2.94
C12 LPE Q . -20.89 -19.49 -4.23
O3 LPE Q . -18.73 -25.69 -1.52
P LPE Q . -17.64 -25.61 -0.34
O31 LPE Q . -16.57 -24.66 -0.76
O32 LPE Q . -18.37 -25.42 0.97
O33 LPE Q . -17.00 -27.09 -0.31
C31 LPE Q . -17.58 -28.14 0.45
C32 LPE Q . -16.46 -28.85 1.22
N LPE Q . -16.92 -30.18 1.64
C1N LPE Q . -18.34 -30.11 1.98
C2N LPE Q . -16.71 -31.12 0.53
C3N LPE Q . -16.14 -30.61 2.80
C13 LPE Q . -21.74 -18.27 -3.93
C14 LPE Q . -22.24 -17.63 -5.22
C15 LPE Q . -21.07 -17.22 -6.09
C16 LPE Q . -20.14 -16.27 -5.34
C1 LPE R . -25.69 -25.24 -2.39
O1 LPE R . -25.15 -23.93 -2.41
C2 LPE R . -24.55 -26.24 -2.30
O2H LPE R . -23.39 -25.68 -2.91
C3 LPE R . -24.24 -26.64 -0.88
C11 LPE R . -26.09 -22.93 -2.77
C12 LPE R . -25.34 -21.77 -3.37
O3 LPE R . -23.05 -27.49 -0.86
P LPE R . -22.42 -27.89 0.55
O31 LPE R . -23.45 -28.65 1.33
O32 LPE R . -21.79 -26.66 1.15
O33 LPE R . -21.25 -28.90 0.14
C31 LPE R . -21.58 -30.29 -0.11
C32 LPE R . -20.44 -30.93 -0.88
N LPE R . -20.33 -32.43 -0.83
C1N LPE R . -20.15 -32.92 0.57
C2N LPE R . -21.54 -33.06 -1.40
C3N LPE R . -19.15 -32.86 -1.62
C13 LPE R . -26.12 -20.48 -3.34
C14 LPE R . -25.28 -19.29 -3.72
C15 LPE R . -25.90 -17.96 -3.35
C1 LPE S . -25.64 -29.74 -1.94
O1 LPE S . -26.75 -28.93 -2.28
C2 LPE S . -26.03 -30.70 -0.84
O2H LPE S . -27.31 -31.25 -1.14
C3 LPE S . -25.04 -31.81 -0.62
C11 LPE S . -27.00 -28.93 -3.69
C12 LPE S . -28.46 -28.69 -3.91
O3 LPE S . -24.43 -32.22 -1.88
P LPE S . -25.21 -33.20 -2.89
O31 LPE S . -26.52 -32.60 -3.31
O32 LPE S . -24.19 -33.56 -3.92
O33 LPE S . -25.51 -34.49 -1.98
C31 LPE S . -24.39 -35.24 -1.44
C32 LPE S . -24.73 -35.81 -0.09
N LPE S . -23.58 -36.30 0.76
C1N LPE S . -22.72 -37.22 -0.03
C2N LPE S . -22.75 -35.15 1.21
C3N LPE S . -24.09 -37.02 1.96
C13 LPE S . -28.89 -27.27 -3.60
C14 LPE S . -28.49 -26.30 -4.67
C15 LPE S . -28.92 -24.88 -4.40
C16 LPE S . -28.69 -23.95 -5.55
C17 LPE S . -28.93 -22.50 -5.23
C18 LPE S . -28.50 -21.56 -6.32
C19 LPE S . -27.03 -21.61 -6.64
C P5S T . -12.64 -20.67 5.88
N P5S T . -11.99 -18.30 5.75
O P5S T . -13.04 -20.67 7.04
C1 P5S T . -14.12 -13.33 1.26
C2 P5S T . -13.40 -13.74 2.51
C3 P5S T . -12.46 -14.92 2.32
CA P5S T . -12.81 -19.35 5.09
CB P5S T . -12.41 -19.47 3.63
OG P5S T . -12.30 -18.15 3.06
P12 P5S T . -13.59 -17.19 3.07
O13 P5S T . -14.76 -18.00 2.59
O15 P5S T . -13.66 -16.52 4.41
O16 P5S T . -13.23 -16.09 1.96
C17 P5S T . -12.30 -12.34 0.14
O18 P5S T . -11.21 -12.44 0.66
O19 P5S T . -13.21 -13.31 0.15
C20 P5S T . -12.79 -11.13 -0.58
C21 P5S T . -11.80 -10.01 -0.60
C22 P5S T . -12.29 -8.79 -1.35
C23 P5S T . -12.38 -8.96 -2.84
C24 P5S T . -13.08 -7.83 -3.56
C25 P5S T . -12.40 -6.51 -3.45
C26 P5S T . -13.18 -5.36 -4.01
C27 P5S T . -12.74 -4.02 -3.48
C28 P5S T . -13.55 -2.85 -3.98
C29 P5S T . -13.28 -1.55 -3.24
C30 P5S T . -14.00 -0.35 -3.81
C31 P5S T . -13.50 0.11 -5.14
O37 P5S T . -14.34 -14.16 3.55
C38 P5S T . -15.44 -13.42 3.78
C39 P5S T . -15.18 -12.07 4.34
C40 P5S T . -15.81 -10.97 3.56
C41 P5S T . -15.46 -9.59 4.10
C42 P5S T . -14.10 -9.09 3.71
C43 P5S T . -13.78 -9.12 2.23
C44 P5S T . -14.88 -8.59 1.34
C45 P5S T . -15.42 -7.23 1.70
C46 P5S T . -14.39 -6.15 1.90
O47 P5S T . -16.54 -13.85 3.55
C48 P5S T . -15.00 -4.79 2.02
C49 P5S T . -14.04 -3.71 2.49
C50 P5S T . -14.62 -2.33 2.38
C51 P5S T . -13.89 -1.28 3.17
C52 P5S T . -14.38 0.12 2.93
OXT P5S T . -12.11 -21.62 5.28
C P5S U . 34.98 -6.56 -8.87
N P5S U . 36.01 -4.32 -9.10
O P5S U . 34.06 -7.31 -8.50
C1 P5S U . 29.88 0.53 -7.14
C2 P5S U . 30.24 0.12 -8.55
C3 P5S U . 31.72 0.24 -8.86
CA P5S U . 34.87 -5.08 -8.49
CB P5S U . 33.56 -4.47 -8.92
OG P5S U . 33.54 -3.09 -8.53
P12 P5S U . 32.13 -2.34 -8.44
O13 P5S U . 31.46 -2.50 -9.78
O15 P5S U . 31.46 -2.85 -7.20
O16 P5S U . 32.48 -0.80 -8.20
C17 P5S U . 27.64 1.32 -7.16
O18 P5S U . 27.84 2.44 -6.77
O19 P5S U . 28.47 0.30 -6.92
C20 P5S U . 26.45 0.88 -7.95
C21 P5S U . 25.38 1.91 -8.04
C22 P5S U . 24.72 2.19 -6.69
C23 P5S U . 23.46 2.97 -6.75
C24 P5S U . 23.63 4.43 -7.08
C25 P5S U . 22.42 5.28 -6.78
C26 P5S U . 21.19 4.91 -7.57
C27 P5S U . 21.30 5.12 -9.05
C28 P5S U . 21.52 6.56 -9.45
C29 P5S U . 21.22 6.87 -10.89
C30 P5S U . 19.81 6.56 -11.32
C31 P5S U . 18.74 7.12 -10.44
C32 P5S U . 17.35 6.95 -10.99
C33 P5S U . 16.26 7.43 -10.08
C34 P5S U . 16.28 8.90 -9.80
C35 P5S U . 15.03 9.39 -9.10
C36 P5S U . 14.94 10.89 -9.02
O37 P5S U . 29.50 0.94 -9.49
C38 P5S U . 29.40 0.49 -10.75
C39 P5S U . 28.40 -0.62 -10.89
C40 P5S U . 27.42 -0.38 -11.99
C41 P5S U . 26.70 0.95 -11.88
C42 P5S U . 25.68 1.17 -12.96
C43 P5S U . 24.79 2.37 -12.74
C44 P5S U . 23.75 2.55 -13.80
C45 P5S U . 22.83 3.72 -13.57
C46 P5S U . 21.65 3.75 -14.50
O47 P5S U . 30.05 0.95 -11.65
C48 P5S U . 20.66 4.85 -14.19
C49 P5S U . 19.38 4.76 -14.97
C50 P5S U . 18.23 5.50 -14.32
C51 P5S U . 16.96 5.47 -15.14
OXT P5S U . 35.97 -6.91 -9.53
C1 CLR V . -2.37 6.08 -9.56
C2 CLR V . -2.13 4.64 -9.18
C3 CLR V . -2.13 4.49 -7.66
C4 CLR V . -3.53 4.83 -7.15
C5 CLR V . -3.92 6.21 -7.61
C6 CLR V . -4.49 7.04 -6.71
C7 CLR V . -4.83 8.48 -7.01
C8 CLR V . -4.91 8.73 -8.50
C9 CLR V . -3.71 8.11 -9.21
C10 CLR V . -3.71 6.60 -9.05
C11 CLR V . -3.67 8.48 -10.70
C12 CLR V . -3.80 9.98 -10.94
C13 CLR V . -5.08 10.44 -10.27
C14 CLR V . -4.93 10.21 -8.78
C15 CLR V . -6.06 11.01 -8.16
C16 CLR V . -6.17 12.24 -9.07
C17 CLR V . -5.44 11.91 -10.37
C18 CLR V . -6.24 9.61 -10.78
C19 CLR V . -4.84 5.99 -9.85
C20 CLR V . -6.29 12.24 -11.60
C21 CLR V . -5.49 12.14 -12.89
C22 CLR V . -6.87 13.63 -11.48
C23 CLR V . -7.52 14.00 -12.80
C24 CLR V . -7.95 15.44 -12.81
C25 CLR V . -8.56 15.78 -14.16
C26 CLR V . -8.78 17.28 -14.30
C27 CLR V . -7.69 15.21 -15.27
O1 CLR V . -1.80 3.15 -7.30
#